data_1QNG
# 
_entry.id   1QNG 
# 
_audit_conform.dict_name       mmcif_pdbx.dic 
_audit_conform.dict_version    5.382 
_audit_conform.dict_location   http://mmcif.pdb.org/dictionaries/ascii/mmcif_pdbx.dic 
# 
loop_
_database_2.database_id 
_database_2.database_code 
_database_2.pdbx_database_accession 
_database_2.pdbx_DOI 
PDB   1QNG         pdb_00001qng 10.2210/pdb1qng/pdb 
PDBE  EBI-4206     ?            ?                   
WWPDB D_1290004206 ?            ?                   
# 
loop_
_pdbx_database_related.db_name 
_pdbx_database_related.db_id 
_pdbx_database_related.content_type 
_pdbx_database_related.details 
PDB 1BCK unspecified 'CRYSTAL STRUCTURE OF HUMAN CYCLOPHILIN A COMPLEXED WITH CYCLOSPORIN C'                                
PDB 1C5F unspecified 'CRYSTAL STRUCTURE OF THE CYCLOPHILIN-LIKE DOMAIN FROM BRUGIA MALAYI COMPLEXED WITH CYCLOSPORIN A'     
PDB 1CSA unspecified 'SOLUTION STRUCTURE OF E.COLI CYCLOPHILIN (F112W) COMPLEXED WITH CYCLOSPORIN A'                        
PDB 1CWA unspecified 'CRYSTAL STRUCTURE OF HUMAN CYCLOPHILIN A COMPLEXED WITH CYCLOSPORIN A'                                
PDB 1CWB unspecified 'CRYSTAL STRUCTURE OF HUMAN CYCLOPHILIN A COMPLEXED WITH MODIFIED CYCLOSPORIN A AT POSITION 5'         
PDB 1CWC unspecified 'CRYSTAL STRUCTURE OF HUMAN CYCLOPHILIN A COMPLEXED WITH MODIFIED CYCLOSPORIN A AT POSITION 8'         
PDB 1CWF unspecified 'CRYSTAL STRUCTURE OF HUMAN CYCLOPHILIN A COMPLEXED WITH CYCLOSPORIN D'                                
PDB 1CWH unspecified 'CRYSTAL STRUCTURE OF HUMAN CYCLOPHILIN A COMPLEXED WITH CYCLOSPORIN A MODIFIED AT POSITION 7'         
PDB 1CWI unspecified 'CRYSTAL STRUCTURE OF HUMAN CYCLOPHILIN A COMPLEXED WITH MODIFIED CYCLOSPORIN D AT POSITION 7'         
PDB 1CWJ unspecified 'CRYSTAL STRUCTURE OF HUMAN CYCLOPHILIN A COMPLEXED WITH MODIFIED CYCLOSPORIN D AT POSITIONS 5 AND 7.' 
PDB 1CWK unspecified 'CRYSTAL STRUCTURE OF HUMAN CYCLOPHILIN A COMPLEXED WITH MODIFIED CYCLOSPORIN D AT POSITIONS 5 AND 7.' 
PDB 1CWL unspecified 'CRYSTAL STRUCTURE OF HUMAN CYCLOPHILIN A COMPLEXED WITH MODIFIED CYCLOSPORIN A AT POSITION 8'         
PDB 1CWM unspecified 'CRYSTAL STRUCTURE OF HUMAN CYCLOPHILIN A COMPLEXED WITH MODIFIED CYCLOSPORIN A AT POSITION 8'         
PDB 1CWO unspecified 'CRYSTAL STRUCTURE OF HUMAN CYCLOPHILIN A COMPLEXED WITH NODIFIED CYCLOSPORIN C AT POSITIONS 1, AND 9' 
PDB 1CYA unspecified 'SOLUTION STRUCTURE OF HUMAN CYCLOPHILIN COMPLEXED WIYH CYCLOSPORIN A'                                 
PDB 1CYB unspecified 'SOLUTION STRUCTURE OF HUMAN CYCLOPHILIN COMPLEXED WITH CYCLOSPORIN A'                                 
PDB 1CYN unspecified 'CRYSTAL STRUCTURE OF HUMAN CYCLOPHILIN B COMPLEXED WITH MODIFIED CYCLOSPORIN A'                       
PDB 1IKF unspecified 'CRYSTAL STRUCTURE OF CTCLOSPORIN-FAB COMPLEX'                                                         
PDB 1M63 unspecified 'CRYSTAL STRUCTURE OF CALCINEURIN-CYCLOPHILIN-CYCLOSPORIN COMPLEX'                                     
PDB 1MF8 unspecified 'CRYSTAL STRUCTURE OF HUMAN CALCINEURIN COMPLEXED WITH HUMAN CYCLOPHILIN AND CYCLOSPORIN A'            
PDB 1MIK unspecified 'CRYSTAL STRUCTURE OF HUMAN CYCLOPHILIN A COMPLEXED WITH MODIFIED CYCLOSPORIN A AT POSITION 6'         
PDB 1QNH unspecified 'CRYSTAL STRUCTURE OF PLASMODIUM FALCIPARUM CYCLOPHILIN (DOUBLE MUTANT) COMPLEXED WITH CYCLOSPORIN A'  
PDB 1XQ7 unspecified 'CRYSTAL STRUCTURE OF TRYPANOSOMA CRUZI CYCLOPHILIN COMPLEXED WITH CYCLOSPORIN A'                      
PDB 2ESL unspecified 'CRYSTAL STRUCTURE OF HUMAN CYCLOPHILIN C COMPLEXED WITH CYCLOSPORIN A'                                
PDB 2OJU unspecified 'CRYSTAL STRUCTURE OF HUMAN CYCLOPHILIN J COMPLEXED WITH CYCLOSPORIN A'                                
PDB 2POY unspecified 'CRYSTAL STRUCTURE OF CRYPTOSPORIDIUM PARVUM IOWA II CYCLOPHILIN A COMPLEXED WITH CYCLOSPORIN A'       
PDB 2RMA unspecified 'CRYSTAL STRUCTURE OF HUMAN CYCLOPHILIN A COMPLEXED WITH CYCLOSPORIN A'                                
PDB 2RMB unspecified 'CRYSTAL STRUCTURE OF HUMAN CYCLOPHILIN A COMPLEXED WITH MODIFIED CYCLOSPORIN A AT POSITION 5'         
PDB 2RMC unspecified 'CRYSTAL STRUCTURE OF MURINE CYCLOPHILIN C COMPLEXED WITH CYCLOSPORIN A'                               
PDB 2WFJ unspecified 'CRYSTAL STRUCTURE OF THE PPIASE DOMAIN OF HUMAN CYCLOPHILIN G COMPLEXED WITH CYCLOSPORIN A'           
PDB 2X2C unspecified 'CRYSTAL STRUCTURE OF HUMAN ACETYL-CYPA COMPLEXED WITH CYCLOSPORINE A'                                 
PDB 2X7K unspecified 'CRYSTAL STRUCTURE OF PPIL1 COMPLEXED WITH CYCLOSPORINE A'                                             
PDB 2Z6W unspecified 'CRYSTAL STRUCTURE OF HUMAN CYCLOPHILIN D IN COMPLEX WITH CYCLOSPORIN A'                               
PDB 3BO7 unspecified 'CRYSTAL STRUCTURE OF CYCLOSPHILIN A FROM TOXOPLASMA GONDII COMPLEXED WIT CYCLOSPORIN A'               
PDB 3CYS unspecified 'SOLUTION STRUCTURE OF THE HUMAN CYCLOSPORIN A COMPLEXED WITH CYCLOSPORIN A'                           
PDB 3EOV unspecified 'CRYSTAL STRUCTURE OF CYCLOPHILIN FROM LEISHMANIA DONOVANI COMPLEXED WITH CYCLOSPORIN A'               
# 
_pdbx_database_status.status_code                     REL 
_pdbx_database_status.entry_id                        1QNG 
_pdbx_database_status.deposit_site                    PDBE 
_pdbx_database_status.process_site                    PDBE 
_pdbx_database_status.SG_entry                        . 
_pdbx_database_status.recvd_initial_deposition_date   1999-10-14 
_pdbx_database_status.pdb_format_compatible           Y 
_pdbx_database_status.status_code_sf                  REL 
_pdbx_database_status.status_code_mr                  ? 
_pdbx_database_status.status_code_cs                  ? 
_pdbx_database_status.methods_development_category    ? 
_pdbx_database_status.status_code_nmr_data            ? 
# 
loop_
_audit_author.name 
_audit_author.pdbx_ordinal 
'Peterson, M.R.' 1 
'Hall, D.R.'     2 
'Hunter, W.N.'   3 
# 
loop_
_citation.id 
_citation.title 
_citation.journal_abbrev 
_citation.journal_volume 
_citation.page_first 
_citation.page_last 
_citation.year 
_citation.journal_id_ASTM 
_citation.country 
_citation.journal_id_ISSN 
_citation.journal_id_CSD 
_citation.book_publisher 
_citation.pdbx_database_id_PubMed 
_citation.pdbx_database_id_DOI 
primary 
'The Three-Dimensional Structure of a Plasmodium Falciparum Cyclophilin in Complex with the Potent Anti-Malarial Cyclosporin A' 
J.Mol.Biol. 298 123 ? 2000 JMOBAK UK 0022-2836 0070 ? 10756109 10.1006/JMBI.2000.3633 
1       'Detailed Characterization of a Cyclophilin from the Human Malaria Parasite Plasmodium Falciparum' Biochem.J.  334 437 ? 
1998 BIJOAK UK 0264-6021 0043 ? 9716503  ?                      
# 
loop_
_citation_author.citation_id 
_citation_author.name 
_citation_author.ordinal 
_citation_author.identifier_ORCID 
primary 'Peterson, M.R.' 1 ? 
primary 'Hall, D.R.'     2 ? 
primary 'Berriman, M.'   3 ? 
primary 'Leonard, G.A.'  4 ? 
primary 'Fairlamb, A.H.' 5 ? 
primary 'Hunter, W.N.'   6 ? 
1       'Berriman, M.'   7 ? 
1       'Fairlamb, A.H.' 8 ? 
# 
_cell.entry_id           1QNG 
_cell.length_a           35.460 
_cell.length_b           37.690 
_cell.length_c           37.990 
_cell.angle_alpha        61.08 
_cell.angle_beta         62.70 
_cell.angle_gamma        85.08 
_cell.Z_PDB              1 
_cell.pdbx_unique_axis   ? 
# 
_symmetry.entry_id                         1QNG 
_symmetry.space_group_name_H-M             'P 1' 
_symmetry.pdbx_full_space_group_name_H-M   ? 
_symmetry.cell_setting                     ? 
_symmetry.Int_Tables_number                1 
# 
loop_
_entity.id 
_entity.type 
_entity.src_method 
_entity.pdbx_description 
_entity.formula_weight 
_entity.pdbx_number_of_molecules 
_entity.pdbx_ec 
_entity.pdbx_mutation 
_entity.pdbx_fragment 
_entity.details 
1 polymer man 'PEPTIDYL-PROLYL CIS-TRANS ISOMERASE' 18845.375 1   5.2.1.8 ? ? ? 
2 polymer nat 'CYCLOSPORIN A'                       1220.625  1   ?       ? ? ? 
3 water   nat water                                 18.015    175 ?       ? ? ? 
# 
loop_
_entity_name_com.entity_id 
_entity_name_com.name 
1 'PPIASE, ROTAMASE, CYCLOPHILIN A'         
2 'CYCLOSPORINE, CICLOSPORIN, CICLOSPORINE' 
# 
loop_
_entity_poly.entity_id 
_entity_poly.type 
_entity_poly.nstd_linkage 
_entity_poly.nstd_monomer 
_entity_poly.pdbx_seq_one_letter_code 
_entity_poly.pdbx_seq_one_letter_code_can 
_entity_poly.pdbx_strand_id 
_entity_poly.pdbx_target_identifier 
1 'polypeptide(L)' no no  
;SKRSKVFFDISIDNSNAGRIIFELFSDITPRTCENFRALCTGEKIGSRGKNLHYKNSIFHRIIPQFMCQGGDITNGNGSG
GESIYGRSFTDENFNMKHDQPGLLSMANAGPNTNSSQFFITLVPCPWLDGKHVVFGKVIEGMNVVREMEKEGAKSGYVKR
SVVITDCGEL
;
;SKRSKVFFDISIDNSNAGRIIFELFSDITPRTCENFRALCTGEKIGSRGKNLHYKNSIFHRIIPQFMCQGGDITNGNGSG
GESIYGRSFTDENFNMKHDQPGLLSMANAGPNTNSSQFFITLVPCPWLDGKHVVFGKVIEGMNVVREMEKEGAKSGYVKR
SVVITDCGEL
;
A ? 
2 'polypeptide(L)' no yes '(DAL)(MLE)(MLE)(MVA)(BMT)(ABA)(SAR)(MLE)V(MLE)A' ALLVTAGLVLA D ? 
# 
loop_
_entity_poly_seq.entity_id 
_entity_poly_seq.num 
_entity_poly_seq.mon_id 
_entity_poly_seq.hetero 
1 1   SER n 
1 2   LYS n 
1 3   ARG n 
1 4   SER n 
1 5   LYS n 
1 6   VAL n 
1 7   PHE n 
1 8   PHE n 
1 9   ASP n 
1 10  ILE n 
1 11  SER n 
1 12  ILE n 
1 13  ASP n 
1 14  ASN n 
1 15  SER n 
1 16  ASN n 
1 17  ALA n 
1 18  GLY n 
1 19  ARG n 
1 20  ILE n 
1 21  ILE n 
1 22  PHE n 
1 23  GLU n 
1 24  LEU n 
1 25  PHE n 
1 26  SER n 
1 27  ASP n 
1 28  ILE n 
1 29  THR n 
1 30  PRO n 
1 31  ARG n 
1 32  THR n 
1 33  CYS n 
1 34  GLU n 
1 35  ASN n 
1 36  PHE n 
1 37  ARG n 
1 38  ALA n 
1 39  LEU n 
1 40  CYS n 
1 41  THR n 
1 42  GLY n 
1 43  GLU n 
1 44  LYS n 
1 45  ILE n 
1 46  GLY n 
1 47  SER n 
1 48  ARG n 
1 49  GLY n 
1 50  LYS n 
1 51  ASN n 
1 52  LEU n 
1 53  HIS n 
1 54  TYR n 
1 55  LYS n 
1 56  ASN n 
1 57  SER n 
1 58  ILE n 
1 59  PHE n 
1 60  HIS n 
1 61  ARG n 
1 62  ILE n 
1 63  ILE n 
1 64  PRO n 
1 65  GLN n 
1 66  PHE n 
1 67  MET n 
1 68  CYS n 
1 69  GLN n 
1 70  GLY n 
1 71  GLY n 
1 72  ASP n 
1 73  ILE n 
1 74  THR n 
1 75  ASN n 
1 76  GLY n 
1 77  ASN n 
1 78  GLY n 
1 79  SER n 
1 80  GLY n 
1 81  GLY n 
1 82  GLU n 
1 83  SER n 
1 84  ILE n 
1 85  TYR n 
1 86  GLY n 
1 87  ARG n 
1 88  SER n 
1 89  PHE n 
1 90  THR n 
1 91  ASP n 
1 92  GLU n 
1 93  ASN n 
1 94  PHE n 
1 95  ASN n 
1 96  MET n 
1 97  LYS n 
1 98  HIS n 
1 99  ASP n 
1 100 GLN n 
1 101 PRO n 
1 102 GLY n 
1 103 LEU n 
1 104 LEU n 
1 105 SER n 
1 106 MET n 
1 107 ALA n 
1 108 ASN n 
1 109 ALA n 
1 110 GLY n 
1 111 PRO n 
1 112 ASN n 
1 113 THR n 
1 114 ASN n 
1 115 SER n 
1 116 SER n 
1 117 GLN n 
1 118 PHE n 
1 119 PHE n 
1 120 ILE n 
1 121 THR n 
1 122 LEU n 
1 123 VAL n 
1 124 PRO n 
1 125 CYS n 
1 126 PRO n 
1 127 TRP n 
1 128 LEU n 
1 129 ASP n 
1 130 GLY n 
1 131 LYS n 
1 132 HIS n 
1 133 VAL n 
1 134 VAL n 
1 135 PHE n 
1 136 GLY n 
1 137 LYS n 
1 138 VAL n 
1 139 ILE n 
1 140 GLU n 
1 141 GLY n 
1 142 MET n 
1 143 ASN n 
1 144 VAL n 
1 145 VAL n 
1 146 ARG n 
1 147 GLU n 
1 148 MET n 
1 149 GLU n 
1 150 LYS n 
1 151 GLU n 
1 152 GLY n 
1 153 ALA n 
1 154 LYS n 
1 155 SER n 
1 156 GLY n 
1 157 TYR n 
1 158 VAL n 
1 159 LYS n 
1 160 ARG n 
1 161 SER n 
1 162 VAL n 
1 163 VAL n 
1 164 ILE n 
1 165 THR n 
1 166 ASP n 
1 167 CYS n 
1 168 GLY n 
1 169 GLU n 
1 170 LEU n 
2 1   DAL n 
2 2   MLE n 
2 3   MLE n 
2 4   MVA n 
2 5   BMT n 
2 6   ABA n 
2 7   SAR n 
2 8   MLE n 
2 9   VAL n 
2 10  MLE n 
2 11  ALA n 
# 
_entity_src_gen.entity_id                          1 
_entity_src_gen.pdbx_src_id                        1 
_entity_src_gen.pdbx_alt_source_flag               sample 
_entity_src_gen.pdbx_seq_type                      ? 
_entity_src_gen.pdbx_beg_seq_num                   ? 
_entity_src_gen.pdbx_end_seq_num                   ? 
_entity_src_gen.gene_src_common_name               ? 
_entity_src_gen.gene_src_genus                     ? 
_entity_src_gen.pdbx_gene_src_gene                 ? 
_entity_src_gen.gene_src_species                   ? 
_entity_src_gen.gene_src_strain                    ? 
_entity_src_gen.gene_src_tissue                    ? 
_entity_src_gen.gene_src_tissue_fraction           ? 
_entity_src_gen.gene_src_details                   ? 
_entity_src_gen.pdbx_gene_src_fragment             ? 
_entity_src_gen.pdbx_gene_src_scientific_name      'PLASMODIUM FALCIPARUM' 
_entity_src_gen.pdbx_gene_src_ncbi_taxonomy_id     5833 
_entity_src_gen.pdbx_gene_src_variant              ? 
_entity_src_gen.pdbx_gene_src_cell_line            ? 
_entity_src_gen.pdbx_gene_src_atcc                 ? 
_entity_src_gen.pdbx_gene_src_organ                ? 
_entity_src_gen.pdbx_gene_src_organelle            ? 
_entity_src_gen.pdbx_gene_src_cell                 ? 
_entity_src_gen.pdbx_gene_src_cellular_location    ? 
_entity_src_gen.host_org_common_name               ? 
_entity_src_gen.pdbx_host_org_scientific_name      'ESCHERICHIA COLI' 
_entity_src_gen.pdbx_host_org_ncbi_taxonomy_id     469008 
_entity_src_gen.host_org_genus                     ? 
_entity_src_gen.pdbx_host_org_gene                 ? 
_entity_src_gen.pdbx_host_org_organ                ? 
_entity_src_gen.host_org_species                   ? 
_entity_src_gen.pdbx_host_org_tissue               ? 
_entity_src_gen.pdbx_host_org_tissue_fraction      ? 
_entity_src_gen.pdbx_host_org_strain               'BL21(DE3)' 
_entity_src_gen.pdbx_host_org_variant              ? 
_entity_src_gen.pdbx_host_org_cell_line            ? 
_entity_src_gen.pdbx_host_org_atcc                 ? 
_entity_src_gen.pdbx_host_org_culture_collection   ? 
_entity_src_gen.pdbx_host_org_cell                 ? 
_entity_src_gen.pdbx_host_org_organelle            ? 
_entity_src_gen.pdbx_host_org_cellular_location    ? 
_entity_src_gen.pdbx_host_org_vector_type          ? 
_entity_src_gen.pdbx_host_org_vector               ? 
_entity_src_gen.host_org_details                   ? 
_entity_src_gen.expression_system_id               ? 
_entity_src_gen.plasmid_name                       ? 
_entity_src_gen.plasmid_details                    ? 
_entity_src_gen.pdbx_description                   ? 
# 
_entity_src_nat.entity_id                  2 
_entity_src_nat.pdbx_src_id                1 
_entity_src_nat.pdbx_alt_source_flag       sample 
_entity_src_nat.pdbx_beg_seq_num           ? 
_entity_src_nat.pdbx_end_seq_num           ? 
_entity_src_nat.common_name                ? 
_entity_src_nat.pdbx_organism_scientific   'TOLYPOCLADIUM INFLATUM' 
_entity_src_nat.pdbx_ncbi_taxonomy_id      29910 
_entity_src_nat.genus                      ? 
_entity_src_nat.species                    ? 
_entity_src_nat.strain                     ? 
_entity_src_nat.tissue                     ? 
_entity_src_nat.tissue_fraction            ? 
_entity_src_nat.pdbx_secretion             ? 
_entity_src_nat.pdbx_fragment              ? 
_entity_src_nat.pdbx_variant               ? 
_entity_src_nat.pdbx_cell_line             ? 
_entity_src_nat.pdbx_atcc                  ? 
_entity_src_nat.pdbx_cellular_location     ? 
_entity_src_nat.pdbx_organ                 ? 
_entity_src_nat.pdbx_organelle             ? 
_entity_src_nat.pdbx_cell                  ? 
_entity_src_nat.pdbx_plasmid_name          ? 
_entity_src_nat.pdbx_plasmid_details       ? 
_entity_src_nat.details                    ? 
# 
loop_
_struct_ref.id 
_struct_ref.db_name 
_struct_ref.db_code 
_struct_ref.entity_id 
_struct_ref.pdbx_seq_one_letter_code 
_struct_ref.pdbx_align_begin 
_struct_ref.pdbx_db_accession 
_struct_ref.pdbx_db_isoform 
1 UNP Q25756   1 ? ? Q25756   ? 
2 NOR NOR00033 2 ? ? NOR00033 ? 
# 
loop_
_struct_ref_seq.align_id 
_struct_ref_seq.ref_id 
_struct_ref_seq.pdbx_PDB_id_code 
_struct_ref_seq.pdbx_strand_id 
_struct_ref_seq.seq_align_beg 
_struct_ref_seq.pdbx_seq_align_beg_ins_code 
_struct_ref_seq.seq_align_end 
_struct_ref_seq.pdbx_seq_align_end_ins_code 
_struct_ref_seq.pdbx_db_accession 
_struct_ref_seq.db_align_beg 
_struct_ref_seq.pdbx_db_align_beg_ins_code 
_struct_ref_seq.db_align_end 
_struct_ref_seq.pdbx_db_align_end_ins_code 
_struct_ref_seq.pdbx_auth_seq_align_beg 
_struct_ref_seq.pdbx_auth_seq_align_end 
1 1 1QNG A 1 ? 170 ? Q25756   2 ? 171 ? 2   171 
2 2 1QNG D 1 ? 11  ? NOR00033 1 ? 11  ? 201 211 
# 
loop_
_chem_comp.id 
_chem_comp.type 
_chem_comp.mon_nstd_flag 
_chem_comp.name 
_chem_comp.pdbx_synonyms 
_chem_comp.formula 
_chem_comp.formula_weight 
ABA 'L-peptide linking' n 'ALPHA-AMINOBUTYRIC ACID'                         ? 'C4 H9 N O2'     103.120 
ALA 'L-peptide linking' y ALANINE                                           ? 'C3 H7 N O2'     89.093  
ARG 'L-peptide linking' y ARGININE                                          ? 'C6 H15 N4 O2 1' 175.209 
ASN 'L-peptide linking' y ASPARAGINE                                        ? 'C4 H8 N2 O3'    132.118 
ASP 'L-peptide linking' y 'ASPARTIC ACID'                                   ? 'C4 H7 N O4'     133.103 
BMT 'L-peptide linking' n '4-METHYL-4-[(E)-2-BUTENYL]-4,N-METHYL-THREONINE' ? 'C10 H19 N O3'   201.263 
CYS 'L-peptide linking' y CYSTEINE                                          ? 'C3 H7 N O2 S'   121.158 
DAL 'D-peptide linking' . D-ALANINE                                         ? 'C3 H7 N O2'     89.093  
GLN 'L-peptide linking' y GLUTAMINE                                         ? 'C5 H10 N2 O3'   146.144 
GLU 'L-peptide linking' y 'GLUTAMIC ACID'                                   ? 'C5 H9 N O4'     147.129 
GLY 'peptide linking'   y GLYCINE                                           ? 'C2 H5 N O2'     75.067  
HIS 'L-peptide linking' y HISTIDINE                                         ? 'C6 H10 N3 O2 1' 156.162 
HOH non-polymer         . WATER                                             ? 'H2 O'           18.015  
ILE 'L-peptide linking' y ISOLEUCINE                                        ? 'C6 H13 N O2'    131.173 
LEU 'L-peptide linking' y LEUCINE                                           ? 'C6 H13 N O2'    131.173 
LYS 'L-peptide linking' y LYSINE                                            ? 'C6 H15 N2 O2 1' 147.195 
MET 'L-peptide linking' y METHIONINE                                        ? 'C5 H11 N O2 S'  149.211 
MLE 'L-peptide linking' n N-METHYLLEUCINE                                   ? 'C7 H15 N O2'    145.199 
MVA 'L-peptide linking' n N-METHYLVALINE                                    ? 'C6 H13 N O2'    131.173 
PHE 'L-peptide linking' y PHENYLALANINE                                     ? 'C9 H11 N O2'    165.189 
PRO 'L-peptide linking' y PROLINE                                           ? 'C5 H9 N O2'     115.130 
SAR 'peptide linking'   n SARCOSINE                                         ? 'C3 H7 N O2'     89.093  
SER 'L-peptide linking' y SERINE                                            ? 'C3 H7 N O3'     105.093 
THR 'L-peptide linking' y THREONINE                                         ? 'C4 H9 N O3'     119.119 
TRP 'L-peptide linking' y TRYPTOPHAN                                        ? 'C11 H12 N2 O2'  204.225 
TYR 'L-peptide linking' y TYROSINE                                          ? 'C9 H11 N O3'    181.189 
VAL 'L-peptide linking' y VALINE                                            ? 'C5 H11 N O2'    117.146 
# 
_exptl.entry_id          1QNG 
_exptl.method            'X-RAY DIFFRACTION' 
_exptl.crystals_number   1 
# 
_exptl_crystal.id                    1 
_exptl_crystal.density_meas          ? 
_exptl_crystal.density_Matthews      2.05 
_exptl_crystal.density_percent_sol   40 
_exptl_crystal.description           ? 
# 
_exptl_crystal_grow.crystal_id      1 
_exptl_crystal_grow.method          ? 
_exptl_crystal_grow.temp            ? 
_exptl_crystal_grow.temp_details    ? 
_exptl_crystal_grow.pH              7.50 
_exptl_crystal_grow.pdbx_pH_range   ? 
_exptl_crystal_grow.pdbx_details    'pH 7.50' 
# 
_diffrn.id                     1 
_diffrn.ambient_temp           100.0 
_diffrn.ambient_temp_details   ? 
_diffrn.crystal_id             1 
# 
_diffrn_detector.diffrn_id              1 
_diffrn_detector.detector               'IMAGE PLATE' 
_diffrn_detector.type                   'R-AXIS IV' 
_diffrn_detector.pdbx_collection_date   ? 
_diffrn_detector.details                MIRRORS 
# 
_diffrn_radiation.diffrn_id                        1 
_diffrn_radiation.wavelength_id                    1 
_diffrn_radiation.pdbx_monochromatic_or_laue_m_l   M 
_diffrn_radiation.monochromator                    ? 
_diffrn_radiation.pdbx_diffrn_protocol             'SINGLE WAVELENGTH' 
_diffrn_radiation.pdbx_scattering_type             x-ray 
# 
_diffrn_radiation_wavelength.id           1 
_diffrn_radiation_wavelength.wavelength   1.5418 
_diffrn_radiation_wavelength.wt           1.0 
# 
_diffrn_source.diffrn_id                   1 
_diffrn_source.source                      'ROTATING ANODE' 
_diffrn_source.type                        'RIGAKU RUH3R' 
_diffrn_source.pdbx_synchrotron_site       ? 
_diffrn_source.pdbx_synchrotron_beamline   ? 
_diffrn_source.pdbx_wavelength             1.5418 
_diffrn_source.pdbx_wavelength_list        ? 
# 
_reflns.pdbx_diffrn_id               1 
_reflns.pdbx_ordinal                 1 
_reflns.entry_id                     1QNG 
_reflns.observed_criterion_sigma_I   ? 
_reflns.observed_criterion_sigma_F   ? 
_reflns.d_resolution_low             32.800 
_reflns.d_resolution_high            2.100 
_reflns.number_obs                   8101 
_reflns.number_all                   ? 
_reflns.percent_possible_obs         92.3 
_reflns.pdbx_Rmerge_I_obs            0.03500 
_reflns.pdbx_Rsym_value              ? 
_reflns.pdbx_netI_over_sigmaI        26.3000 
_reflns.B_iso_Wilson_estimate        26.5 
_reflns.pdbx_redundancy              3.000 
# 
_reflns_shell.pdbx_diffrn_id         1 
_reflns_shell.pdbx_ordinal           1 
_reflns_shell.d_res_high             2.10 
_reflns_shell.d_res_low              2.15 
_reflns_shell.percent_possible_all   89.5 
_reflns_shell.Rmerge_I_obs           0.06100 
_reflns_shell.pdbx_Rsym_value        ? 
_reflns_shell.meanI_over_sigI_obs    15.000 
_reflns_shell.pdbx_redundancy        3.00 
# 
_refine.pdbx_refine_id                           'X-RAY DIFFRACTION' 
_refine.entry_id                                 1QNG 
_refine.pdbx_diffrn_id                           1 
_refine.pdbx_TLS_residual_ADP_flag               ? 
_refine.ls_number_reflns_obs                     8101 
_refine.ls_number_reflns_all                     ? 
_refine.pdbx_ls_sigma_I                          ? 
_refine.pdbx_ls_sigma_F                          0.0 
_refine.pdbx_data_cutoff_high_absF               ? 
_refine.pdbx_data_cutoff_low_absF                ? 
_refine.pdbx_data_cutoff_high_rms_absF           ? 
_refine.ls_d_res_low                             32.8 
_refine.ls_d_res_high                            2.1 
_refine.ls_percent_reflns_obs                    92.3 
_refine.ls_R_factor_obs                          0.15 
_refine.ls_R_factor_all                          ? 
_refine.ls_R_factor_R_work                       0.15 
_refine.ls_R_factor_R_free                       0.19 
_refine.ls_R_factor_R_free_error                 ? 
_refine.ls_R_factor_R_free_error_details         ? 
_refine.ls_percent_reflns_R_free                 5.0 
_refine.ls_number_reflns_R_free                  388 
_refine.ls_number_parameters                     ? 
_refine.ls_number_restraints                     ? 
_refine.occupancy_min                            ? 
_refine.occupancy_max                            ? 
_refine.correlation_coeff_Fo_to_Fc               ? 
_refine.correlation_coeff_Fo_to_Fc_free          ? 
_refine.B_iso_mean                               21.8 
_refine.aniso_B[1][1]                            ? 
_refine.aniso_B[2][2]                            ? 
_refine.aniso_B[3][3]                            ? 
_refine.aniso_B[1][2]                            ? 
_refine.aniso_B[1][3]                            ? 
_refine.aniso_B[2][3]                            ? 
_refine.solvent_model_details                    ? 
_refine.solvent_model_param_ksol                 ? 
_refine.solvent_model_param_bsol                 ? 
_refine.pdbx_solvent_vdw_probe_radii             ? 
_refine.pdbx_solvent_ion_probe_radii             ? 
_refine.pdbx_solvent_shrinkage_radii             ? 
_refine.pdbx_ls_cross_valid_method               THROUGHOUT 
_refine.details                                  
'REFINEMENT AT EARLY STAGES UTILISED REFMAC. THE SIDE CHAIN OF ARG49 IS DISORDERED' 
_refine.pdbx_starting_model                      'PDB ENTRY 1QNH' 
_refine.pdbx_method_to_determine_struct          'MOLECULAR REPLACEMENT' 
_refine.pdbx_isotropic_thermal_model             RESTRAINED 
_refine.pdbx_stereochemistry_target_values       ? 
_refine.pdbx_stereochem_target_val_spec_case     ? 
_refine.pdbx_R_Free_selection_details            RANDOM 
_refine.pdbx_overall_ESU_R                       ? 
_refine.pdbx_overall_ESU_R_Free                  ? 
_refine.overall_SU_ML                            ? 
_refine.pdbx_overall_phase_error                 ? 
_refine.overall_SU_B                             ? 
_refine.overall_SU_R_Cruickshank_DPI             ? 
_refine.pdbx_overall_SU_R_free_Cruickshank_DPI   ? 
_refine.pdbx_overall_SU_R_Blow_DPI               ? 
_refine.pdbx_overall_SU_R_free_Blow_DPI          ? 
# 
_refine_hist.pdbx_refine_id                   'X-RAY DIFFRACTION' 
_refine_hist.cycle_id                         LAST 
_refine_hist.pdbx_number_atoms_protein        1399 
_refine_hist.pdbx_number_atoms_nucleic_acid   0 
_refine_hist.pdbx_number_atoms_ligand         0 
_refine_hist.number_atoms_solvent             175 
_refine_hist.number_atoms_total               1574 
_refine_hist.d_res_high                       2.1 
_refine_hist.d_res_low                        32.8 
# 
loop_
_refine_ls_restr.type 
_refine_ls_restr.dev_ideal 
_refine_ls_restr.dev_ideal_target 
_refine_ls_restr.weight 
_refine_ls_restr.number 
_refine_ls_restr.pdbx_refine_id 
_refine_ls_restr.pdbx_restraint_function 
c_bond_d                0.006 ?   ? ? 'X-RAY DIFFRACTION' ? 
c_bond_d_na             ?     ?   ? ? 'X-RAY DIFFRACTION' ? 
c_bond_d_prot           ?     ?   ? ? 'X-RAY DIFFRACTION' ? 
c_angle_d               ?     ?   ? ? 'X-RAY DIFFRACTION' ? 
c_angle_d_na            ?     ?   ? ? 'X-RAY DIFFRACTION' ? 
c_angle_d_prot          ?     ?   ? ? 'X-RAY DIFFRACTION' ? 
c_angle_deg             1.3   ?   ? ? 'X-RAY DIFFRACTION' ? 
c_angle_deg_na          ?     ?   ? ? 'X-RAY DIFFRACTION' ? 
c_angle_deg_prot        ?     ?   ? ? 'X-RAY DIFFRACTION' ? 
c_dihedral_angle_d      ?     ?   ? ? 'X-RAY DIFFRACTION' ? 
c_dihedral_angle_d_na   ?     ?   ? ? 'X-RAY DIFFRACTION' ? 
c_dihedral_angle_d_prot ?     ?   ? ? 'X-RAY DIFFRACTION' ? 
c_improper_angle_d      ?     ?   ? ? 'X-RAY DIFFRACTION' ? 
c_improper_angle_d_na   ?     ?   ? ? 'X-RAY DIFFRACTION' ? 
c_improper_angle_d_prot ?     ?   ? ? 'X-RAY DIFFRACTION' ? 
c_mcbond_it             1.124 1.5 ? ? 'X-RAY DIFFRACTION' ? 
c_mcangle_it            1.714 2.0 ? ? 'X-RAY DIFFRACTION' ? 
c_scbond_it             1.810 2.0 ? ? 'X-RAY DIFFRACTION' ? 
c_scangle_it            2.510 2.5 ? ? 'X-RAY DIFFRACTION' ? 
# 
_refine_ls_shell.pdbx_refine_id                   'X-RAY DIFFRACTION' 
_refine_ls_shell.pdbx_total_number_of_bins_used   8 
_refine_ls_shell.d_res_high                       2.1 
_refine_ls_shell.d_res_low                        2.2 
_refine_ls_shell.number_reflns_R_work             954 
_refine_ls_shell.R_factor_R_work                  0.17 
_refine_ls_shell.percent_reflns_obs               89.5 
_refine_ls_shell.R_factor_R_free                  0.21 
_refine_ls_shell.R_factor_R_free_error            ? 
_refine_ls_shell.percent_reflns_R_free            5 
_refine_ls_shell.number_reflns_R_free             49 
_refine_ls_shell.number_reflns_all                ? 
_refine_ls_shell.R_factor_all                     ? 
# 
loop_
_pdbx_xplor_file.pdbx_refine_id 
_pdbx_xplor_file.serial_no 
_pdbx_xplor_file.param_file 
_pdbx_xplor_file.topol_file 
'X-RAY DIFFRACTION' 1 PROTEIN_REP.PARAM PROTEIN.TOP 
'X-RAY DIFFRACTION' 2 WATER_REP.PARAM   WATER.TOP   
# 
_struct.entry_id                  1QNG 
_struct.title                     'Plasmodium falciparum Cyclophilin complexed with Cyclosporin A' 
_struct.pdbx_model_details        ? 
_struct.pdbx_CASP_flag            ? 
_struct.pdbx_model_type_details   ? 
# 
_struct_keywords.entry_id        1QNG 
_struct_keywords.pdbx_keywords   ISOMERASE/IMMUNOSUPPRESSANT 
_struct_keywords.text            
'ISOMERASE-IMMUNOSUPPRESSANT COMPLEX, CYCLOPHILIN-CYCLOSPORIN COMPLEX, CYCLOSPORIN A, IMMUNOSUPPRESSANT, CYCLOPHILIN' 
# 
loop_
_struct_asym.id 
_struct_asym.pdbx_blank_PDB_chainid_flag 
_struct_asym.pdbx_modified 
_struct_asym.entity_id 
_struct_asym.details 
A N N 1 ? 
B N N 2 ? 
C N N 3 ? 
D N N 3 ? 
# 
_struct_biol.id   1 
# 
loop_
_struct_conf.conf_type_id 
_struct_conf.id 
_struct_conf.pdbx_PDB_helix_id 
_struct_conf.beg_label_comp_id 
_struct_conf.beg_label_asym_id 
_struct_conf.beg_label_seq_id 
_struct_conf.pdbx_beg_PDB_ins_code 
_struct_conf.end_label_comp_id 
_struct_conf.end_label_asym_id 
_struct_conf.end_label_seq_id 
_struct_conf.pdbx_end_PDB_ins_code 
_struct_conf.beg_auth_comp_id 
_struct_conf.beg_auth_asym_id 
_struct_conf.beg_auth_seq_id 
_struct_conf.end_auth_comp_id 
_struct_conf.end_auth_asym_id 
_struct_conf.end_auth_seq_id 
_struct_conf.pdbx_PDB_helix_class 
_struct_conf.details 
_struct_conf.pdbx_PDB_helix_length 
HELX_P HELX_P1 1 THR A 29  ? GLY A 42  ? THR A 30  GLY A 43  1 ? 14 
HELX_P HELX_P2 2 CYS A 125 ? ASP A 129 ? CYS A 126 ASP A 130 5 ? 5  
HELX_P HELX_P3 3 GLY A 141 ? LYS A 150 ? GLY A 142 LYS A 151 1 ? 10 
# 
_struct_conf_type.id          HELX_P 
_struct_conf_type.criteria    ? 
_struct_conf_type.reference   ? 
# 
loop_
_struct_conn.id 
_struct_conn.conn_type_id 
_struct_conn.pdbx_leaving_atom_flag 
_struct_conn.pdbx_PDB_id 
_struct_conn.ptnr1_label_asym_id 
_struct_conn.ptnr1_label_comp_id 
_struct_conn.ptnr1_label_seq_id 
_struct_conn.ptnr1_label_atom_id 
_struct_conn.pdbx_ptnr1_label_alt_id 
_struct_conn.pdbx_ptnr1_PDB_ins_code 
_struct_conn.pdbx_ptnr1_standard_comp_id 
_struct_conn.ptnr1_symmetry 
_struct_conn.ptnr2_label_asym_id 
_struct_conn.ptnr2_label_comp_id 
_struct_conn.ptnr2_label_seq_id 
_struct_conn.ptnr2_label_atom_id 
_struct_conn.pdbx_ptnr2_label_alt_id 
_struct_conn.pdbx_ptnr2_PDB_ins_code 
_struct_conn.ptnr1_auth_asym_id 
_struct_conn.ptnr1_auth_comp_id 
_struct_conn.ptnr1_auth_seq_id 
_struct_conn.ptnr2_auth_asym_id 
_struct_conn.ptnr2_auth_comp_id 
_struct_conn.ptnr2_auth_seq_id 
_struct_conn.ptnr2_symmetry 
_struct_conn.pdbx_ptnr3_label_atom_id 
_struct_conn.pdbx_ptnr3_label_seq_id 
_struct_conn.pdbx_ptnr3_label_comp_id 
_struct_conn.pdbx_ptnr3_label_asym_id 
_struct_conn.pdbx_ptnr3_label_alt_id 
_struct_conn.pdbx_ptnr3_PDB_ins_code 
_struct_conn.details 
_struct_conn.pdbx_dist_value 
_struct_conn.pdbx_value_order 
_struct_conn.pdbx_role 
covale1  covale both ? B DAL 1  C ? ? ? 1_555 B MLE 2  N ? ? D DAL 201 D MLE 202 1_555 ? ? ? ? ? ? ? 1.375 ? ? 
covale2  covale both ? B DAL 1  N ? ? ? 1_555 B ALA 11 C ? ? D DAL 201 D ALA 211 1_555 ? ? ? ? ? ? ? 1.336 ? ? 
covale3  covale both ? B MLE 2  C ? ? ? 1_555 B MLE 3  N ? ? D MLE 202 D MLE 203 1_555 ? ? ? ? ? ? ? 1.346 ? ? 
covale4  covale both ? B MLE 3  C ? ? ? 1_555 B MVA 4  N ? ? D MLE 203 D MVA 204 1_555 ? ? ? ? ? ? ? 1.362 ? ? 
covale5  covale both ? B MVA 4  C ? ? ? 1_555 B BMT 5  N ? ? D MVA 204 D BMT 205 1_555 ? ? ? ? ? ? ? 1.384 ? ? 
covale6  covale both ? B BMT 5  C ? ? ? 1_555 B ABA 6  N ? ? D BMT 205 D ABA 206 1_555 ? ? ? ? ? ? ? 1.345 ? ? 
covale7  covale both ? B ABA 6  C ? ? ? 1_555 B SAR 7  N ? ? D ABA 206 D SAR 207 1_555 ? ? ? ? ? ? ? 1.355 ? ? 
covale8  covale both ? B SAR 7  C ? ? ? 1_555 B MLE 8  N ? ? D SAR 207 D MLE 208 1_555 ? ? ? ? ? ? ? 1.362 ? ? 
covale9  covale both ? B MLE 8  C ? ? ? 1_555 B VAL 9  N ? ? D MLE 208 D VAL 209 1_555 ? ? ? ? ? ? ? 1.325 ? ? 
covale10 covale both ? B VAL 9  C ? ? ? 1_555 B MLE 10 N ? ? D VAL 209 D MLE 210 1_555 ? ? ? ? ? ? ? 1.346 ? ? 
covale11 covale both ? B MLE 10 C ? ? ? 1_555 B ALA 11 N ? ? D MLE 210 D ALA 211 1_555 ? ? ? ? ? ? ? 1.328 ? ? 
# 
_struct_conn_type.id          covale 
_struct_conn_type.criteria    ? 
_struct_conn_type.reference   ? 
# 
loop_
_struct_sheet.id 
_struct_sheet.type 
_struct_sheet.number_strands 
_struct_sheet.details 
AA ? 8 ? 
AB ? 2 ? 
# 
loop_
_struct_sheet_order.sheet_id 
_struct_sheet_order.range_id_1 
_struct_sheet_order.range_id_2 
_struct_sheet_order.offset 
_struct_sheet_order.sense 
AA 1 2 ? anti-parallel 
AA 2 3 ? anti-parallel 
AA 3 4 ? anti-parallel 
AA 4 5 ? anti-parallel 
AA 5 6 ? anti-parallel 
AA 6 7 ? anti-parallel 
AA 7 8 ? anti-parallel 
AB 1 2 ? anti-parallel 
# 
loop_
_struct_sheet_range.sheet_id 
_struct_sheet_range.id 
_struct_sheet_range.beg_label_comp_id 
_struct_sheet_range.beg_label_asym_id 
_struct_sheet_range.beg_label_seq_id 
_struct_sheet_range.pdbx_beg_PDB_ins_code 
_struct_sheet_range.end_label_comp_id 
_struct_sheet_range.end_label_asym_id 
_struct_sheet_range.end_label_seq_id 
_struct_sheet_range.pdbx_end_PDB_ins_code 
_struct_sheet_range.beg_auth_comp_id 
_struct_sheet_range.beg_auth_asym_id 
_struct_sheet_range.beg_auth_seq_id 
_struct_sheet_range.end_auth_comp_id 
_struct_sheet_range.end_auth_asym_id 
_struct_sheet_range.end_auth_seq_id 
AA 1 ARG A 61  ? ILE A 63  ? ARG A 62  ILE A 64  
AA 2 MET A 67  ? GLY A 70  ? MET A 68  GLY A 71  
AA 3 PHE A 118 ? THR A 121 ? PHE A 119 THR A 122 
AA 4 LEU A 103 ? MET A 106 ? LEU A 104 MET A 107 
AA 5 VAL A 134 ? GLU A 140 ? VAL A 135 GLU A 141 
AA 6 ASN A 16  ? LEU A 24  ? ASN A 17  LEU A 25  
AA 7 LYS A 5   ? ILE A 12  ? LYS A 6   ILE A 13  
AA 8 VAL A 162 ? LEU A 170 ? VAL A 163 LEU A 171 
AB 1 LYS A 44  ? ILE A 45  ? LYS A 45  ILE A 46  
AB 2 ASN A 51  ? LEU A 52  ? ASN A 52  LEU A 53  
# 
loop_
_pdbx_struct_sheet_hbond.sheet_id 
_pdbx_struct_sheet_hbond.range_id_1 
_pdbx_struct_sheet_hbond.range_id_2 
_pdbx_struct_sheet_hbond.range_1_label_atom_id 
_pdbx_struct_sheet_hbond.range_1_label_comp_id 
_pdbx_struct_sheet_hbond.range_1_label_asym_id 
_pdbx_struct_sheet_hbond.range_1_label_seq_id 
_pdbx_struct_sheet_hbond.range_1_PDB_ins_code 
_pdbx_struct_sheet_hbond.range_1_auth_atom_id 
_pdbx_struct_sheet_hbond.range_1_auth_comp_id 
_pdbx_struct_sheet_hbond.range_1_auth_asym_id 
_pdbx_struct_sheet_hbond.range_1_auth_seq_id 
_pdbx_struct_sheet_hbond.range_2_label_atom_id 
_pdbx_struct_sheet_hbond.range_2_label_comp_id 
_pdbx_struct_sheet_hbond.range_2_label_asym_id 
_pdbx_struct_sheet_hbond.range_2_label_seq_id 
_pdbx_struct_sheet_hbond.range_2_PDB_ins_code 
_pdbx_struct_sheet_hbond.range_2_auth_atom_id 
_pdbx_struct_sheet_hbond.range_2_auth_comp_id 
_pdbx_struct_sheet_hbond.range_2_auth_asym_id 
_pdbx_struct_sheet_hbond.range_2_auth_seq_id 
AA 1 2 N ILE A 63  ? N ILE A 64  O MET A 67  ? O MET A 68  
AA 2 3 N GLY A 70  ? N GLY A 71  O PHE A 118 ? O PHE A 119 
AA 3 4 N THR A 121 ? N THR A 122 O LEU A 103 ? O LEU A 104 
AA 4 5 O LEU A 104 ? O LEU A 105 N PHE A 135 ? N PHE A 136 
AA 5 6 N ILE A 139 ? N ILE A 140 O ILE A 21  ? O ILE A 22  
AA 6 7 N PHE A 22  ? N PHE A 23  O VAL A 6   ? O VAL A 7   
AA 7 8 N SER A 11  ? N SER A 12  O VAL A 163 ? O VAL A 164 
AB 1 2 N LYS A 44  ? N LYS A 45  O LEU A 52  ? O LEU A 53  
# 
_struct_site.id                   AC1 
_struct_site.pdbx_evidence_code   Software 
_struct_site.pdbx_auth_asym_id    ? 
_struct_site.pdbx_auth_comp_id    ? 
_struct_site.pdbx_auth_seq_id     ? 
_struct_site.pdbx_auth_ins_code   ? 
_struct_site.pdbx_num_residues    19 
_struct_site.details              'BINDING SITE FOR CHAIN D OF CYCLOSPORIN A' 
# 
loop_
_struct_site_gen.id 
_struct_site_gen.site_id 
_struct_site_gen.pdbx_num_res 
_struct_site_gen.label_comp_id 
_struct_site_gen.label_asym_id 
_struct_site_gen.label_seq_id 
_struct_site_gen.pdbx_auth_ins_code 
_struct_site_gen.auth_comp_id 
_struct_site_gen.auth_asym_id 
_struct_site_gen.auth_seq_id 
_struct_site_gen.label_atom_id 
_struct_site_gen.label_alt_id 
_struct_site_gen.symmetry 
_struct_site_gen.details 
1  AC1 19 ILE A 21  ? ILE A 22   . ? 1_456 ? 
2  AC1 19 ASN A 51  ? ASN A 52   . ? 1_565 ? 
3  AC1 19 ARG A 61  ? ARG A 62   . ? 1_555 ? 
4  AC1 19 PHE A 66  ? PHE A 67   . ? 1_555 ? 
5  AC1 19 MET A 67  ? MET A 68   . ? 1_555 ? 
6  AC1 19 GLN A 69  ? GLN A 70   . ? 1_555 ? 
7  AC1 19 GLY A 78  ? GLY A 79   . ? 1_555 ? 
8  AC1 19 ALA A 107 ? ALA A 108  . ? 1_555 ? 
9  AC1 19 ASN A 108 ? ASN A 109  . ? 1_555 ? 
10 AC1 19 ALA A 109 ? ALA A 110  . ? 1_555 ? 
11 AC1 19 GLN A 117 ? GLN A 118  . ? 1_555 ? 
12 AC1 19 PHE A 119 ? PHE A 120  . ? 1_555 ? 
13 AC1 19 TRP A 127 ? TRP A 128  . ? 1_555 ? 
14 AC1 19 LEU A 128 ? LEU A 129  . ? 1_555 ? 
15 AC1 19 HIS A 132 ? HIS A 133  . ? 1_555 ? 
16 AC1 19 GLU A 140 ? GLU A 141  . ? 1_456 ? 
17 AC1 19 HOH D .   ? HOH D 2001 . ? 1_555 ? 
18 AC1 19 HOH D .   ? HOH D 2002 . ? 1_555 ? 
19 AC1 19 HOH D .   ? HOH D 2003 . ? 1_555 ? 
# 
_atom_sites.entry_id                    1QNG 
_atom_sites.fract_transf_matrix[1][1]   -0.02716746 
_atom_sites.fract_transf_matrix[1][2]   -0.00643676 
_atom_sites.fract_transf_matrix[1][3]   0.01610696 
_atom_sites.fract_transf_matrix[2][1]   0.01174709 
_atom_sites.fract_transf_matrix[2][2]   -0.01215983 
_atom_sites.fract_transf_matrix[2][3]   0.02572824 
_atom_sites.fract_transf_matrix[3][1]   0.00680960 
_atom_sites.fract_transf_matrix[3][2]   0.03251912 
_atom_sites.fract_transf_matrix[3][3]   -0.00830210 
_atom_sites.fract_transf_vector[1]      0.841333 
_atom_sites.fract_transf_vector[2]      1.564720 
_atom_sites.fract_transf_vector[3]      -0.939231 
# 
loop_
_atom_type.symbol 
C 
N 
O 
S 
# 
loop_
_atom_site.group_PDB 
_atom_site.id 
_atom_site.type_symbol 
_atom_site.label_atom_id 
_atom_site.label_alt_id 
_atom_site.label_comp_id 
_atom_site.label_asym_id 
_atom_site.label_entity_id 
_atom_site.label_seq_id 
_atom_site.pdbx_PDB_ins_code 
_atom_site.Cartn_x 
_atom_site.Cartn_y 
_atom_site.Cartn_z 
_atom_site.occupancy 
_atom_site.B_iso_or_equiv 
_atom_site.pdbx_formal_charge 
_atom_site.auth_seq_id 
_atom_site.auth_comp_id 
_atom_site.auth_asym_id 
_atom_site.auth_atom_id 
_atom_site.pdbx_PDB_model_num 
ATOM   1    N N   . SER A 1 1   ? -21.545 -3.387  1.552   1.00 38.38 ? 2    SER A N   1 
ATOM   2    C CA  . SER A 1 1   ? -21.815 -2.678  2.835   1.00 37.33 ? 2    SER A CA  1 
ATOM   3    C C   . SER A 1 1   ? -21.197 -1.278  2.843   1.00 37.27 ? 2    SER A C   1 
ATOM   4    O O   . SER A 1 1   ? -20.832 -0.741  1.793   1.00 38.17 ? 2    SER A O   1 
ATOM   5    C CB  . SER A 1 1   ? -21.267 -3.499  4.006   1.00 38.08 ? 2    SER A CB  1 
ATOM   6    O OG  . SER A 1 1   ? -19.883 -3.764  3.844   1.00 36.53 ? 2    SER A OG  1 
ATOM   7    N N   . LYS A 1 2   ? -21.084 -0.694  4.033   1.00 34.96 ? 3    LYS A N   1 
ATOM   8    C CA  . LYS A 1 2   ? -20.520 0.644   4.184   1.00 32.75 ? 3    LYS A CA  1 
ATOM   9    C C   . LYS A 1 2   ? -19.061 0.676   3.739   1.00 30.68 ? 3    LYS A C   1 
ATOM   10   O O   . LYS A 1 2   ? -18.650 1.554   2.980   1.00 30.51 ? 3    LYS A O   1 
ATOM   11   C CB  . LYS A 1 2   ? -20.603 1.090   5.646   1.00 34.26 ? 3    LYS A CB  1 
ATOM   12   C CG  . LYS A 1 2   ? -20.372 2.579   5.856   1.00 36.56 ? 3    LYS A CG  1 
ATOM   13   C CD  . LYS A 1 2   ? -21.510 3.384   5.247   1.00 38.83 ? 3    LYS A CD  1 
ATOM   14   C CE  . LYS A 1 2   ? -21.375 4.864   5.548   1.00 41.42 ? 3    LYS A CE  1 
ATOM   15   N NZ  . LYS A 1 2   ? -22.561 5.626   5.060   1.00 41.33 ? 3    LYS A NZ  1 
ATOM   16   N N   . ARG A 1 3   ? -18.283 -0.286  4.223   1.00 25.83 ? 4    ARG A N   1 
ATOM   17   C CA  . ARG A 1 3   ? -16.869 -0.366  3.886   1.00 21.52 ? 4    ARG A CA  1 
ATOM   18   C C   . ARG A 1 3   ? -16.631 -1.286  2.704   1.00 20.36 ? 4    ARG A C   1 
ATOM   19   O O   . ARG A 1 3   ? -17.243 -2.347  2.596   1.00 19.86 ? 4    ARG A O   1 
ATOM   20   C CB  . ARG A 1 3   ? -16.063 -0.857  5.091   1.00 17.81 ? 4    ARG A CB  1 
ATOM   21   C CG  . ARG A 1 3   ? -16.034 0.124   6.246   1.00 15.81 ? 4    ARG A CG  1 
ATOM   22   C CD  . ARG A 1 3   ? -15.164 -0.364  7.389   1.00 14.64 ? 4    ARG A CD  1 
ATOM   23   N NE  . ARG A 1 3   ? -15.029 0.665   8.415   1.00 15.81 ? 4    ARG A NE  1 
ATOM   24   C CZ  . ARG A 1 3   ? -14.450 0.476   9.594   1.00 15.78 ? 4    ARG A CZ  1 
ATOM   25   N NH1 . ARG A 1 3   ? -13.945 -0.713  9.906   1.00 13.92 ? 4    ARG A NH1 1 
ATOM   26   N NH2 . ARG A 1 3   ? -14.383 1.474   10.465  1.00 13.87 ? 4    ARG A NH2 1 
ATOM   27   N N   . SER A 1 4   ? -15.734 -0.870  1.815   1.00 21.10 ? 5    SER A N   1 
ATOM   28   C CA  . SER A 1 4   ? -15.404 -1.660  0.638   1.00 20.38 ? 5    SER A CA  1 
ATOM   29   C C   . SER A 1 4   ? -14.481 -2.820  0.995   1.00 20.35 ? 5    SER A C   1 
ATOM   30   O O   . SER A 1 4   ? -13.745 -2.763  1.985   1.00 18.36 ? 5    SER A O   1 
ATOM   31   C CB  . SER A 1 4   ? -14.728 -0.778  -0.417  1.00 21.43 ? 5    SER A CB  1 
ATOM   32   O OG  . SER A 1 4   ? -15.589 0.267   -0.835  1.00 23.05 ? 5    SER A OG  1 
ATOM   33   N N   . LYS A 1 5   ? -14.534 -3.874  0.186   1.00 20.37 ? 6    LYS A N   1 
ATOM   34   C CA  . LYS A 1 5   ? -13.688 -5.046  0.383   1.00 20.60 ? 6    LYS A CA  1 
ATOM   35   C C   . LYS A 1 5   ? -12.892 -5.242  -0.904  1.00 20.02 ? 6    LYS A C   1 
ATOM   36   O O   . LYS A 1 5   ? -13.470 -5.351  -1.984  1.00 21.12 ? 6    LYS A O   1 
ATOM   37   C CB  . LYS A 1 5   ? -14.534 -6.291  0.660   1.00 21.66 ? 6    LYS A CB  1 
ATOM   38   C CG  . LYS A 1 5   ? -15.438 -6.198  1.885   1.00 23.76 ? 6    LYS A CG  1 
ATOM   39   C CD  . LYS A 1 5   ? -14.651 -5.920  3.149   1.00 26.42 ? 6    LYS A CD  1 
ATOM   40   C CE  . LYS A 1 5   ? -15.564 -5.905  4.371   1.00 30.33 ? 6    LYS A CE  1 
ATOM   41   N NZ  . LYS A 1 5   ? -16.716 -4.974  4.207   1.00 31.33 ? 6    LYS A NZ  1 
ATOM   42   N N   . VAL A 1 6   ? -11.568 -5.269  -0.786  1.00 20.61 ? 7    VAL A N   1 
ATOM   43   C CA  . VAL A 1 6   ? -10.695 -5.439  -1.946  1.00 18.29 ? 7    VAL A CA  1 
ATOM   44   C C   . VAL A 1 6   ? -9.640  -6.504  -1.666  1.00 17.89 ? 7    VAL A C   1 
ATOM   45   O O   . VAL A 1 6   ? -9.431  -6.877  -0.510  1.00 17.31 ? 7    VAL A O   1 
ATOM   46   C CB  . VAL A 1 6   ? -10.009 -4.106  -2.309  1.00 17.88 ? 7    VAL A CB  1 
ATOM   47   C CG1 . VAL A 1 6   ? -11.068 -3.080  -2.716  1.00 16.99 ? 7    VAL A CG1 1 
ATOM   48   C CG2 . VAL A 1 6   ? -9.195  -3.591  -1.123  1.00 18.16 ? 7    VAL A CG2 1 
ATOM   49   N N   . PHE A 1 7   ? -8.964  -6.981  -2.711  1.00 17.27 ? 8    PHE A N   1 
ATOM   50   C CA  . PHE A 1 7   ? -7.958  -8.029  -2.534  1.00 17.68 ? 8    PHE A CA  1 
ATOM   51   C C   . PHE A 1 7   ? -6.758  -7.955  -3.471  1.00 17.86 ? 8    PHE A C   1 
ATOM   52   O O   . PHE A 1 7   ? -6.823  -7.359  -4.550  1.00 16.47 ? 8    PHE A O   1 
ATOM   53   C CB  . PHE A 1 7   ? -8.611  -9.401  -2.725  1.00 17.57 ? 8    PHE A CB  1 
ATOM   54   C CG  . PHE A 1 7   ? -8.899  -9.738  -4.168  1.00 18.79 ? 8    PHE A CG  1 
ATOM   55   C CD1 . PHE A 1 7   ? -10.100 -9.359  -4.759  1.00 20.22 ? 8    PHE A CD1 1 
ATOM   56   C CD2 . PHE A 1 7   ? -7.946  -10.386 -4.949  1.00 19.51 ? 8    PHE A CD2 1 
ATOM   57   C CE1 . PHE A 1 7   ? -10.347 -9.619  -6.109  1.00 20.74 ? 8    PHE A CE1 1 
ATOM   58   C CE2 . PHE A 1 7   ? -8.182  -10.651 -6.302  1.00 20.10 ? 8    PHE A CE2 1 
ATOM   59   C CZ  . PHE A 1 7   ? -9.380  -10.267 -6.882  1.00 18.65 ? 8    PHE A CZ  1 
ATOM   60   N N   . PHE A 1 8   ? -5.673  -8.595  -3.038  1.00 16.10 ? 9    PHE A N   1 
ATOM   61   C CA  . PHE A 1 8   ? -4.436  -8.707  -3.807  1.00 17.91 ? 9    PHE A CA  1 
ATOM   62   C C   . PHE A 1 8   ? -4.085  -10.192 -3.867  1.00 18.11 ? 9    PHE A C   1 
ATOM   63   O O   . PHE A 1 8   ? -4.158  -10.883 -2.851  1.00 18.42 ? 9    PHE A O   1 
ATOM   64   C CB  . PHE A 1 8   ? -3.234  -8.044  -3.108  1.00 16.85 ? 9    PHE A CB  1 
ATOM   65   C CG  . PHE A 1 8   ? -3.228  -6.534  -3.123  1.00 16.60 ? 9    PHE A CG  1 
ATOM   66   C CD1 . PHE A 1 8   ? -3.987  -5.807  -4.032  1.00 15.03 ? 9    PHE A CD1 1 
ATOM   67   C CD2 . PHE A 1 8   ? -2.390  -5.840  -2.244  1.00 16.45 ? 9    PHE A CD2 1 
ATOM   68   C CE1 . PHE A 1 8   ? -3.910  -4.409  -4.072  1.00 16.70 ? 9    PHE A CE1 1 
ATOM   69   C CE2 . PHE A 1 8   ? -2.306  -4.447  -2.276  1.00 16.30 ? 9    PHE A CE2 1 
ATOM   70   C CZ  . PHE A 1 8   ? -3.069  -3.731  -3.193  1.00 15.34 ? 9    PHE A CZ  1 
ATOM   71   N N   . ASP A 1 9   ? -3.727  -10.692 -5.043  1.00 18.34 ? 10   ASP A N   1 
ATOM   72   C CA  . ASP A 1 9   ? -3.256  -12.067 -5.140  1.00 17.81 ? 10   ASP A CA  1 
ATOM   73   C C   . ASP A 1 9   ? -1.755  -11.811 -5.241  1.00 18.54 ? 10   ASP A C   1 
ATOM   74   O O   . ASP A 1 9   ? -1.313  -11.055 -6.103  1.00 17.11 ? 10   ASP A O   1 
ATOM   75   C CB  . ASP A 1 9   ? -3.789  -12.774 -6.384  1.00 17.76 ? 10   ASP A CB  1 
ATOM   76   C CG  . ASP A 1 9   ? -5.209  -13.281 -6.195  1.00 19.02 ? 10   ASP A CG  1 
ATOM   77   O OD1 . ASP A 1 9   ? -5.518  -13.774 -5.087  1.00 18.81 ? 10   ASP A OD1 1 
ATOM   78   O OD2 . ASP A 1 9   ? -6.009  -13.197 -7.147  1.00 20.90 ? 10   ASP A OD2 1 
ATOM   79   N N   . ILE A 1 10  ? -0.987  -12.418 -4.342  1.00 18.74 ? 11   ILE A N   1 
ATOM   80   C CA  . ILE A 1 10  ? 0.452   -12.200 -4.268  1.00 17.74 ? 11   ILE A CA  1 
ATOM   81   C C   . ILE A 1 10  ? 1.343   -13.324 -4.769  1.00 19.24 ? 11   ILE A C   1 
ATOM   82   O O   . ILE A 1 10  ? 1.162   -14.488 -4.415  1.00 18.47 ? 11   ILE A O   1 
ATOM   83   C CB  . ILE A 1 10  ? 0.865   -11.901 -2.805  1.00 17.72 ? 11   ILE A CB  1 
ATOM   84   C CG1 . ILE A 1 10  ? 0.072   -10.703 -2.276  1.00 17.60 ? 11   ILE A CG1 1 
ATOM   85   C CG2 . ILE A 1 10  ? 2.370   -11.672 -2.711  1.00 16.24 ? 11   ILE A CG2 1 
ATOM   86   C CD1 . ILE A 1 10  ? 0.306   -9.404  -3.025  1.00 15.50 ? 11   ILE A CD1 1 
ATOM   87   N N   . SER A 1 11  ? 2.324   -12.951 -5.582  1.00 17.85 ? 12   SER A N   1 
ATOM   88   C CA  . SER A 1 11  ? 3.292   -13.896 -6.120  1.00 17.31 ? 12   SER A CA  1 
ATOM   89   C C   . SER A 1 11  ? 4.656   -13.569 -5.508  1.00 15.72 ? 12   SER A C   1 
ATOM   90   O O   . SER A 1 11  ? 5.066   -12.407 -5.485  1.00 15.94 ? 12   SER A O   1 
ATOM   91   C CB  . SER A 1 11  ? 3.360   -13.761 -7.640  1.00 17.07 ? 12   SER A CB  1 
ATOM   92   O OG  . SER A 1 11  ? 4.336   -14.625 -8.178  1.00 23.95 ? 12   SER A OG  1 
ATOM   93   N N   . ILE A 1 12  ? 5.345   -14.587 -4.997  1.00 15.70 ? 13   ILE A N   1 
ATOM   94   C CA  . ILE A 1 12  ? 6.672   -14.401 -4.403  1.00 16.98 ? 13   ILE A CA  1 
ATOM   95   C C   . ILE A 1 12  ? 7.652   -15.320 -5.128  1.00 17.11 ? 13   ILE A C   1 
ATOM   96   O O   . ILE A 1 12  ? 7.455   -16.531 -5.186  1.00 17.33 ? 13   ILE A O   1 
ATOM   97   C CB  . ILE A 1 12  ? 6.672   -14.730 -2.883  1.00 16.64 ? 13   ILE A CB  1 
ATOM   98   C CG1 . ILE A 1 12  ? 5.853   -13.691 -2.121  1.00 14.40 ? 13   ILE A CG1 1 
ATOM   99   C CG2 . ILE A 1 12  ? 8.090   -14.733 -2.342  1.00 17.54 ? 13   ILE A CG2 1 
ATOM   100  C CD1 . ILE A 1 12  ? 5.752   -13.969 -0.626  1.00 18.44 ? 13   ILE A CD1 1 
ATOM   101  N N   . ASP A 1 13  ? 8.705   -14.738 -5.691  1.00 18.66 ? 14   ASP A N   1 
ATOM   102  C CA  . ASP A 1 13  ? 9.700   -15.508 -6.434  1.00 18.84 ? 14   ASP A CA  1 
ATOM   103  C C   . ASP A 1 13  ? 9.016   -16.307 -7.545  1.00 19.22 ? 14   ASP A C   1 
ATOM   104  O O   . ASP A 1 13  ? 9.353   -17.463 -7.797  1.00 18.65 ? 14   ASP A O   1 
ATOM   105  C CB  . ASP A 1 13  ? 10.463  -16.449 -5.498  1.00 16.08 ? 14   ASP A CB  1 
ATOM   106  C CG  . ASP A 1 13  ? 11.657  -17.098 -6.175  1.00 20.01 ? 14   ASP A CG  1 
ATOM   107  O OD1 . ASP A 1 13  ? 12.422  -16.373 -6.850  1.00 18.04 ? 14   ASP A OD1 1 
ATOM   108  O OD2 . ASP A 1 13  ? 11.839  -18.326 -6.028  1.00 20.27 ? 14   ASP A OD2 1 
ATOM   109  N N   . ASN A 1 14  ? 8.051   -15.667 -8.202  1.00 19.29 ? 15   ASN A N   1 
ATOM   110  C CA  . ASN A 1 14  ? 7.290   -16.266 -9.298  1.00 20.60 ? 15   ASN A CA  1 
ATOM   111  C C   . ASN A 1 14  ? 6.503   -17.497 -8.852  1.00 21.39 ? 15   ASN A C   1 
ATOM   112  O O   . ASN A 1 14  ? 6.385   -18.473 -9.593  1.00 21.86 ? 15   ASN A O   1 
ATOM   113  C CB  . ASN A 1 14  ? 8.218   -16.654 -10.454 1.00 20.27 ? 15   ASN A CB  1 
ATOM   114  C CG  . ASN A 1 14  ? 7.457   -16.961 -11.726 1.00 21.58 ? 15   ASN A CG  1 
ATOM   115  O OD1 . ASN A 1 14  ? 7.900   -17.749 -12.562 1.00 24.66 ? 15   ASN A OD1 1 
ATOM   116  N ND2 . ASN A 1 14  ? 6.308   -16.327 -11.884 1.00 20.24 ? 15   ASN A ND2 1 
ATOM   117  N N   . SER A 1 15  ? 5.957   -17.440 -7.643  1.00 21.16 ? 16   SER A N   1 
ATOM   118  C CA  . SER A 1 15  ? 5.185   -18.545 -7.096  1.00 21.65 ? 16   SER A CA  1 
ATOM   119  C C   . SER A 1 15  ? 4.059   -17.949 -6.256  1.00 21.54 ? 16   SER A C   1 
ATOM   120  O O   . SER A 1 15  ? 4.309   -17.123 -5.381  1.00 19.35 ? 16   SER A O   1 
ATOM   121  C CB  . SER A 1 15  ? 6.097   -19.418 -6.225  1.00 22.59 ? 16   SER A CB  1 
ATOM   122  O OG  . SER A 1 15  ? 5.547   -20.699 -6.016  1.00 26.97 ? 16   SER A OG  1 
ATOM   123  N N   . ASN A 1 16  ? 2.821   -18.356 -6.525  1.00 21.30 ? 17   ASN A N   1 
ATOM   124  C CA  . ASN A 1 16  ? 1.681   -17.831 -5.781  1.00 21.70 ? 17   ASN A CA  1 
ATOM   125  C C   . ASN A 1 16  ? 1.861   -17.983 -4.266  1.00 21.30 ? 17   ASN A C   1 
ATOM   126  O O   . ASN A 1 16  ? 2.223   -19.053 -3.778  1.00 21.61 ? 17   ASN A O   1 
ATOM   127  C CB  . ASN A 1 16  ? 0.396   -18.535 -6.220  1.00 24.92 ? 17   ASN A CB  1 
ATOM   128  C CG  . ASN A 1 16  ? -0.830  -17.996 -5.509  1.00 29.10 ? 17   ASN A CG  1 
ATOM   129  O OD1 . ASN A 1 16  ? -1.099  -16.791 -5.534  1.00 31.08 ? 17   ASN A OD1 1 
ATOM   130  N ND2 . ASN A 1 16  ? -1.581  -18.885 -4.867  1.00 31.88 ? 17   ASN A ND2 1 
ATOM   131  N N   . ALA A 1 17  ? 1.607   -16.908 -3.527  1.00 19.59 ? 18   ALA A N   1 
ATOM   132  C CA  . ALA A 1 17  ? 1.735   -16.932 -2.073  1.00 18.68 ? 18   ALA A CA  1 
ATOM   133  C C   . ALA A 1 17  ? 0.364   -16.873 -1.405  1.00 20.07 ? 18   ALA A C   1 
ATOM   134  O O   . ALA A 1 17  ? 0.238   -17.088 -0.200  1.00 19.44 ? 18   ALA A O   1 
ATOM   135  C CB  . ALA A 1 17  ? 2.592   -15.763 -1.605  1.00 19.84 ? 18   ALA A CB  1 
ATOM   136  N N   . GLY A 1 18  ? -0.667  -16.569 -2.186  1.00 19.68 ? 19   GLY A N   1 
ATOM   137  C CA  . GLY A 1 18  ? -1.998  -16.494 -1.622  1.00 19.92 ? 19   GLY A CA  1 
ATOM   138  C C   . GLY A 1 18  ? -2.676  -15.157 -1.837  1.00 19.89 ? 19   GLY A C   1 
ATOM   139  O O   . GLY A 1 18  ? -2.152  -14.287 -2.529  1.00 19.24 ? 19   GLY A O   1 
ATOM   140  N N   . ARG A 1 19  ? -3.848  -14.993 -1.236  1.00 18.58 ? 20   ARG A N   1 
ATOM   141  C CA  . ARG A 1 19  ? -4.612  -13.766 -1.377  1.00 19.73 ? 20   ARG A CA  1 
ATOM   142  C C   . ARG A 1 19  ? -4.704  -12.962 -0.091  1.00 20.01 ? 20   ARG A C   1 
ATOM   143  O O   . ARG A 1 19  ? -4.805  -13.524 0.997   1.00 19.87 ? 20   ARG A O   1 
ATOM   144  C CB  . ARG A 1 19  ? -6.024  -14.089 -1.878  1.00 20.71 ? 20   ARG A CB  1 
ATOM   145  C CG  . ARG A 1 19  ? -6.985  -12.909 -1.847  1.00 21.29 ? 20   ARG A CG  1 
ATOM   146  C CD  . ARG A 1 19  ? -8.274  -13.224 -2.583  1.00 20.49 ? 20   ARG A CD  1 
ATOM   147  N NE  . ARG A 1 19  ? -8.013  -13.517 -3.989  1.00 21.49 ? 20   ARG A NE  1 
ATOM   148  C CZ  . ARG A 1 19  ? -8.956  -13.695 -4.906  1.00 22.51 ? 20   ARG A CZ  1 
ATOM   149  N NH1 . ARG A 1 19  ? -10.237 -13.611 -4.570  1.00 21.62 ? 20   ARG A NH1 1 
ATOM   150  N NH2 . ARG A 1 19  ? -8.618  -13.951 -6.163  1.00 22.10 ? 20   ARG A NH2 1 
ATOM   151  N N   . ILE A 1 20  ? -4.644  -11.641 -0.225  1.00 20.04 ? 21   ILE A N   1 
ATOM   152  C CA  . ILE A 1 20  ? -4.769  -10.757 0.920   1.00 20.13 ? 21   ILE A CA  1 
ATOM   153  C C   . ILE A 1 20  ? -6.064  -9.990  0.701   1.00 20.52 ? 21   ILE A C   1 
ATOM   154  O O   . ILE A 1 20  ? -6.246  -9.353  -0.338  1.00 19.81 ? 21   ILE A O   1 
ATOM   155  C CB  . ILE A 1 20  ? -3.618  -9.736  1.018   1.00 20.39 ? 21   ILE A CB  1 
ATOM   156  C CG1 . ILE A 1 20  ? -2.269  -10.454 1.076   1.00 19.73 ? 21   ILE A CG1 1 
ATOM   157  C CG2 . ILE A 1 20  ? -3.793  -8.898  2.283   1.00 19.89 ? 21   ILE A CG2 1 
ATOM   158  C CD1 . ILE A 1 20  ? -1.074  -9.509  0.999   1.00 17.57 ? 21   ILE A CD1 1 
ATOM   159  N N   . ILE A 1 21  ? -6.969  -10.072 1.668   1.00 19.84 ? 22   ILE A N   1 
ATOM   160  C CA  . ILE A 1 21  ? -8.244  -9.378  1.565   1.00 19.61 ? 22   ILE A CA  1 
ATOM   161  C C   . ILE A 1 21  ? -8.265  -8.227  2.555   1.00 19.41 ? 22   ILE A C   1 
ATOM   162  O O   . ILE A 1 21  ? -7.999  -8.413  3.745   1.00 18.70 ? 22   ILE A O   1 
ATOM   163  C CB  . ILE A 1 21  ? -9.425  -10.324 1.853   1.00 19.49 ? 22   ILE A CB  1 
ATOM   164  C CG1 . ILE A 1 21  ? -9.355  -11.531 0.915   1.00 20.07 ? 22   ILE A CG1 1 
ATOM   165  C CG2 . ILE A 1 21  ? -10.738 -9.585  1.643   1.00 18.93 ? 22   ILE A CG2 1 
ATOM   166  C CD1 . ILE A 1 21  ? -10.450 -12.553 1.136   1.00 20.28 ? 22   ILE A CD1 1 
ATOM   167  N N   . PHE A 1 22  ? -8.584  -7.039  2.048   1.00 18.95 ? 23   PHE A N   1 
ATOM   168  C CA  . PHE A 1 22  ? -8.615  -5.832  2.860   1.00 17.02 ? 23   PHE A CA  1 
ATOM   169  C C   . PHE A 1 22  ? -10.010 -5.276  3.088   1.00 17.52 ? 23   PHE A C   1 
ATOM   170  O O   . PHE A 1 22  ? -10.892 -5.392  2.239   1.00 18.04 ? 23   PHE A O   1 
ATOM   171  C CB  . PHE A 1 22  ? -7.814  -4.720  2.183   1.00 15.72 ? 23   PHE A CB  1 
ATOM   172  C CG  . PHE A 1 22  ? -6.391  -5.076  1.880   1.00 16.45 ? 23   PHE A CG  1 
ATOM   173  C CD1 . PHE A 1 22  ? -5.416  -5.010  2.868   1.00 15.79 ? 23   PHE A CD1 1 
ATOM   174  C CD2 . PHE A 1 22  ? -6.015  -5.438  0.590   1.00 15.97 ? 23   PHE A CD2 1 
ATOM   175  C CE1 . PHE A 1 22  ? -4.084  -5.294  2.573   1.00 17.00 ? 23   PHE A CE1 1 
ATOM   176  C CE2 . PHE A 1 22  ? -4.684  -5.725  0.286   1.00 16.55 ? 23   PHE A CE2 1 
ATOM   177  C CZ  . PHE A 1 22  ? -3.718  -5.651  1.281   1.00 15.88 ? 23   PHE A CZ  1 
ATOM   178  N N   . GLU A 1 23  ? -10.184 -4.650  4.245   1.00 16.15 ? 24   GLU A N   1 
ATOM   179  C CA  . GLU A 1 23  ? -11.419 -3.974  4.575   1.00 15.28 ? 24   GLU A CA  1 
ATOM   180  C C   . GLU A 1 23  ? -10.987 -2.511  4.589   1.00 15.44 ? 24   GLU A C   1 
ATOM   181  O O   . GLU A 1 23  ? -10.087 -2.138  5.345   1.00 14.86 ? 24   GLU A O   1 
ATOM   182  C CB  . GLU A 1 23  ? -11.919 -4.356  5.961   1.00 17.38 ? 24   GLU A CB  1 
ATOM   183  C CG  . GLU A 1 23  ? -13.122 -3.529  6.387   1.00 19.57 ? 24   GLU A CG  1 
ATOM   184  C CD  . GLU A 1 23  ? -13.699 -3.982  7.704   1.00 19.80 ? 24   GLU A CD  1 
ATOM   185  O OE1 . GLU A 1 23  ? -14.252 -5.101  7.749   1.00 23.26 ? 24   GLU A OE1 1 
ATOM   186  O OE2 . GLU A 1 23  ? -13.596 -3.227  8.691   1.00 17.84 ? 24   GLU A OE2 1 
ATOM   187  N N   . LEU A 1 24  ? -11.611 -1.692  3.752   1.00 12.45 ? 25   LEU A N   1 
ATOM   188  C CA  . LEU A 1 24  ? -11.269 -0.278  3.682   1.00 13.37 ? 25   LEU A CA  1 
ATOM   189  C C   . LEU A 1 24  ? -12.169 0.535   4.602   1.00 14.20 ? 25   LEU A C   1 
ATOM   190  O O   . LEU A 1 24  ? -13.374 0.298   4.669   1.00 14.80 ? 25   LEU A O   1 
ATOM   191  C CB  . LEU A 1 24  ? -11.408 0.221   2.242   1.00 14.03 ? 25   LEU A CB  1 
ATOM   192  C CG  . LEU A 1 24  ? -10.649 -0.579  1.180   1.00 14.49 ? 25   LEU A CG  1 
ATOM   193  C CD1 . LEU A 1 24  ? -10.708 0.171   -0.142  1.00 14.08 ? 25   LEU A CD1 1 
ATOM   194  C CD2 . LEU A 1 24  ? -9.202  -0.778  1.609   1.00 13.83 ? 25   LEU A CD2 1 
ATOM   195  N N   . PHE A 1 25  ? -11.579 1.492   5.314   1.00 13.62 ? 26   PHE A N   1 
ATOM   196  C CA  . PHE A 1 25  ? -12.333 2.331   6.242   1.00 15.62 ? 26   PHE A CA  1 
ATOM   197  C C   . PHE A 1 25  ? -13.049 3.455   5.489   1.00 16.42 ? 26   PHE A C   1 
ATOM   198  O O   . PHE A 1 25  ? -12.872 4.638   5.791   1.00 16.69 ? 26   PHE A O   1 
ATOM   199  C CB  . PHE A 1 25  ? -11.378 2.910   7.300   1.00 17.13 ? 26   PHE A CB  1 
ATOM   200  C CG  . PHE A 1 25  ? -10.598 1.860   8.057   1.00 17.52 ? 26   PHE A CG  1 
ATOM   201  C CD1 . PHE A 1 25  ? -11.065 0.551   8.148   1.00 19.49 ? 26   PHE A CD1 1 
ATOM   202  C CD2 . PHE A 1 25  ? -9.391  2.180   8.675   1.00 20.42 ? 26   PHE A CD2 1 
ATOM   203  C CE1 . PHE A 1 25  ? -10.344 -0.425  8.839   1.00 18.91 ? 26   PHE A CE1 1 
ATOM   204  C CE2 . PHE A 1 25  ? -8.662  1.209   9.370   1.00 20.59 ? 26   PHE A CE2 1 
ATOM   205  C CZ  . PHE A 1 25  ? -9.144  -0.097  9.449   1.00 19.45 ? 26   PHE A CZ  1 
ATOM   206  N N   . SER A 1 26  ? -13.861 3.063   4.508   1.00 15.62 ? 27   SER A N   1 
ATOM   207  C CA  . SER A 1 26  ? -14.613 3.994   3.668   1.00 15.65 ? 27   SER A CA  1 
ATOM   208  C C   . SER A 1 26  ? -15.435 5.001   4.465   1.00 16.17 ? 27   SER A C   1 
ATOM   209  O O   . SER A 1 26  ? -15.710 6.107   3.989   1.00 16.64 ? 27   SER A O   1 
ATOM   210  C CB  . SER A 1 26  ? -15.554 3.217   2.743   1.00 14.70 ? 27   SER A CB  1 
ATOM   211  O OG  . SER A 1 26  ? -14.870 2.174   2.073   1.00 17.34 ? 27   SER A OG  1 
ATOM   212  N N   . ASP A 1 27  ? -15.832 4.607   5.670   1.00 15.90 ? 28   ASP A N   1 
ATOM   213  C CA  . ASP A 1 27  ? -16.642 5.447   6.546   1.00 16.51 ? 28   ASP A CA  1 
ATOM   214  C C   . ASP A 1 27  ? -15.843 6.509   7.299   1.00 16.72 ? 28   ASP A C   1 
ATOM   215  O O   . ASP A 1 27  ? -16.422 7.465   7.825   1.00 17.62 ? 28   ASP A O   1 
ATOM   216  C CB  . ASP A 1 27  ? -17.380 4.559   7.557   1.00 16.64 ? 28   ASP A CB  1 
ATOM   217  C CG  . ASP A 1 27  ? -16.429 3.697   8.374   1.00 18.54 ? 28   ASP A CG  1 
ATOM   218  O OD1 . ASP A 1 27  ? -15.481 3.137   7.779   1.00 18.03 ? 28   ASP A OD1 1 
ATOM   219  O OD2 . ASP A 1 27  ? -16.627 3.572   9.604   1.00 18.13 ? 28   ASP A OD2 1 
ATOM   220  N N   . ILE A 1 28  ? -14.522 6.341   7.353   1.00 17.12 ? 29   ILE A N   1 
ATOM   221  C CA  . ILE A 1 28  ? -13.643 7.274   8.061   1.00 16.17 ? 29   ILE A CA  1 
ATOM   222  C C   . ILE A 1 28  ? -12.802 8.121   7.106   1.00 17.46 ? 29   ILE A C   1 
ATOM   223  O O   . ILE A 1 28  ? -12.642 9.334   7.300   1.00 15.73 ? 29   ILE A O   1 
ATOM   224  C CB  . ILE A 1 28  ? -12.696 6.513   9.018   1.00 18.08 ? 29   ILE A CB  1 
ATOM   225  C CG1 . ILE A 1 28  ? -13.522 5.653   9.984   1.00 17.57 ? 29   ILE A CG1 1 
ATOM   226  C CG2 . ILE A 1 28  ? -11.828 7.508   9.791   1.00 15.92 ? 29   ILE A CG2 1 
ATOM   227  C CD1 . ILE A 1 28  ? -12.695 4.851   10.987  1.00 17.64 ? 29   ILE A CD1 1 
ATOM   228  N N   . THR A 1 29  ? -12.248 7.476   6.085   1.00 15.84 ? 30   THR A N   1 
ATOM   229  C CA  . THR A 1 29  ? -11.454 8.178   5.086   1.00 17.82 ? 30   THR A CA  1 
ATOM   230  C C   . THR A 1 29  ? -11.965 7.818   3.690   1.00 17.92 ? 30   THR A C   1 
ATOM   231  O O   . THR A 1 29  ? -11.307 7.091   2.948   1.00 19.08 ? 30   THR A O   1 
ATOM   232  C CB  . THR A 1 29  ? -9.958  7.814   5.189   1.00 16.71 ? 30   THR A CB  1 
ATOM   233  O OG1 . THR A 1 29  ? -9.812  6.392   5.267   1.00 19.10 ? 30   THR A OG1 1 
ATOM   234  C CG2 . THR A 1 29  ? -9.340  8.459   6.416   1.00 19.63 ? 30   THR A CG2 1 
ATOM   235  N N   . PRO A 1 30  ? -13.150 8.332   3.319   1.00 18.51 ? 31   PRO A N   1 
ATOM   236  C CA  . PRO A 1 30  ? -13.761 8.066   2.013   1.00 19.08 ? 31   PRO A CA  1 
ATOM   237  C C   . PRO A 1 30  ? -12.896 8.383   0.787   1.00 18.59 ? 31   PRO A C   1 
ATOM   238  O O   . PRO A 1 30  ? -12.769 7.553   -0.108  1.00 17.74 ? 31   PRO A O   1 
ATOM   239  C CB  . PRO A 1 30  ? -15.058 8.886   2.062   1.00 19.87 ? 31   PRO A CB  1 
ATOM   240  C CG  . PRO A 1 30  ? -14.753 9.977   3.051   1.00 19.40 ? 31   PRO A CG  1 
ATOM   241  C CD  . PRO A 1 30  ? -13.999 9.236   4.116   1.00 20.13 ? 31   PRO A CD  1 
ATOM   242  N N   . ARG A 1 31  ? -12.303 9.571   0.735   1.00 18.65 ? 32   ARG A N   1 
ATOM   243  C CA  . ARG A 1 31  ? -11.471 9.916   -0.415  1.00 18.89 ? 32   ARG A CA  1 
ATOM   244  C C   . ARG A 1 31  ? -10.284 8.975   -0.566  1.00 16.86 ? 32   ARG A C   1 
ATOM   245  O O   . ARG A 1 31  ? -10.000 8.493   -1.659  1.00 15.66 ? 32   ARG A O   1 
ATOM   246  C CB  . ARG A 1 31  ? -10.935 11.346  -0.308  1.00 21.76 ? 32   ARG A CB  1 
ATOM   247  C CG  . ARG A 1 31  ? -11.961 12.440  -0.522  1.00 26.42 ? 32   ARG A CG  1 
ATOM   248  C CD  . ARG A 1 31  ? -11.255 13.781  -0.719  1.00 28.90 ? 32   ARG A CD  1 
ATOM   249  N NE  . ARG A 1 31  ? -10.734 13.940  -2.077  1.00 29.74 ? 32   ARG A NE  1 
ATOM   250  C CZ  . ARG A 1 31  ? -9.549  14.463  -2.374  1.00 29.34 ? 32   ARG A CZ  1 
ATOM   251  N NH1 . ARG A 1 31  ? -8.739  14.876  -1.411  1.00 31.08 ? 32   ARG A NH1 1 
ATOM   252  N NH2 . ARG A 1 31  ? -9.179  14.593  -3.640  1.00 31.86 ? 32   ARG A NH2 1 
ATOM   253  N N   . THR A 1 32  ? -9.581  8.740   0.537   1.00 15.72 ? 33   THR A N   1 
ATOM   254  C CA  . THR A 1 32  ? -8.412  7.874   0.538   1.00 14.87 ? 33   THR A CA  1 
ATOM   255  C C   . THR A 1 32  ? -8.758  6.438   0.134   1.00 16.48 ? 33   THR A C   1 
ATOM   256  O O   . THR A 1 32  ? -8.064  5.829   -0.684  1.00 16.32 ? 33   THR A O   1 
ATOM   257  C CB  . THR A 1 32  ? -7.738  7.874   1.931   1.00 14.29 ? 33   THR A CB  1 
ATOM   258  O OG1 . THR A 1 32  ? -7.407  9.222   2.304   1.00 12.84 ? 33   THR A OG1 1 
ATOM   259  C CG2 . THR A 1 32  ? -6.470  7.028   1.912   1.00 14.00 ? 33   THR A CG2 1 
ATOM   260  N N   . CYS A 1 33  ? -9.835  5.903   0.701   1.00 15.44 ? 34   CYS A N   1 
ATOM   261  C CA  . CYS A 1 33  ? -10.257 4.541   0.393   1.00 16.45 ? 34   CYS A CA  1 
ATOM   262  C C   . CYS A 1 33  ? -10.729 4.385   -1.054  1.00 17.40 ? 34   CYS A C   1 
ATOM   263  O O   . CYS A 1 33  ? -10.450 3.371   -1.696  1.00 19.10 ? 34   CYS A O   1 
ATOM   264  C CB  . CYS A 1 33  ? -11.368 4.113   1.350   1.00 15.08 ? 34   CYS A CB  1 
ATOM   265  S SG  . CYS A 1 33  ? -10.820 4.012   3.067   1.00 15.93 ? 34   CYS A SG  1 
ATOM   266  N N   . GLU A 1 34  ? -11.445 5.385   -1.562  1.00 18.04 ? 35   GLU A N   1 
ATOM   267  C CA  . GLU A 1 34  ? -11.940 5.347   -2.937  1.00 18.16 ? 35   GLU A CA  1 
ATOM   268  C C   . GLU A 1 34  ? -10.764 5.254   -3.913  1.00 17.09 ? 35   GLU A C   1 
ATOM   269  O O   . GLU A 1 34  ? -10.820 4.516   -4.901  1.00 19.96 ? 35   GLU A O   1 
ATOM   270  C CB  . GLU A 1 34  ? -12.781 6.598   -3.219  1.00 19.30 ? 35   GLU A CB  1 
ATOM   271  C CG  . GLU A 1 34  ? -13.291 6.750   -4.653  1.00 22.47 ? 35   GLU A CG  1 
ATOM   272  C CD  . GLU A 1 34  ? -14.005 5.515   -5.183  1.00 24.73 ? 35   GLU A CD  1 
ATOM   273  O OE1 . GLU A 1 34  ? -14.629 4.780   -4.389  1.00 25.18 ? 35   GLU A OE1 1 
ATOM   274  O OE2 . GLU A 1 34  ? -13.951 5.288   -6.410  1.00 26.45 ? 35   GLU A OE2 1 
ATOM   275  N N   . ASN A 1 35  ? -9.699  5.998   -3.633  1.00 16.35 ? 36   ASN A N   1 
ATOM   276  C CA  . ASN A 1 35  ? -8.507  5.975   -4.479  1.00 16.52 ? 36   ASN A CA  1 
ATOM   277  C C   . ASN A 1 35  ? -7.941  4.558   -4.541  1.00 16.14 ? 36   ASN A C   1 
ATOM   278  O O   . ASN A 1 35  ? -7.672  4.033   -5.617  1.00 18.06 ? 36   ASN A O   1 
ATOM   279  C CB  . ASN A 1 35  ? -7.442  6.931   -3.925  1.00 15.52 ? 36   ASN A CB  1 
ATOM   280  C CG  . ASN A 1 35  ? -6.133  6.857   -4.696  1.00 16.91 ? 36   ASN A CG  1 
ATOM   281  O OD1 . ASN A 1 35  ? -6.109  7.015   -5.917  1.00 15.61 ? 36   ASN A OD1 1 
ATOM   282  N ND2 . ASN A 1 35  ? -5.035  6.617   -3.983  1.00 13.79 ? 36   ASN A ND2 1 
ATOM   283  N N   . PHE A 1 36  ? -7.774  3.939   -3.378  1.00 15.79 ? 37   PHE A N   1 
ATOM   284  C CA  . PHE A 1 36  ? -7.232  2.588   -3.303  1.00 14.65 ? 37   PHE A CA  1 
ATOM   285  C C   . PHE A 1 36  ? -8.160  1.584   -3.977  1.00 15.14 ? 37   PHE A C   1 
ATOM   286  O O   . PHE A 1 36  ? -7.711  0.714   -4.717  1.00 16.21 ? 37   PHE A O   1 
ATOM   287  C CB  . PHE A 1 36  ? -7.030  2.184   -1.846  1.00 13.69 ? 37   PHE A CB  1 
ATOM   288  C CG  . PHE A 1 36  ? -6.236  0.923   -1.673  1.00 15.14 ? 37   PHE A CG  1 
ATOM   289  C CD1 . PHE A 1 36  ? -4.847  0.962   -1.630  1.00 13.60 ? 37   PHE A CD1 1 
ATOM   290  C CD2 . PHE A 1 36  ? -6.875  -0.308  -1.550  1.00 16.02 ? 37   PHE A CD2 1 
ATOM   291  C CE1 . PHE A 1 36  ? -4.102  -0.209  -1.464  1.00 17.04 ? 37   PHE A CE1 1 
ATOM   292  C CE2 . PHE A 1 36  ? -6.140  -1.485  -1.384  1.00 14.54 ? 37   PHE A CE2 1 
ATOM   293  C CZ  . PHE A 1 36  ? -4.753  -1.434  -1.341  1.00 15.34 ? 37   PHE A CZ  1 
ATOM   294  N N   . ARG A 1 37  ? -9.456  1.700   -3.701  1.00 15.94 ? 38   ARG A N   1 
ATOM   295  C CA  . ARG A 1 37  ? -10.442 0.801   -4.292  1.00 16.50 ? 38   ARG A CA  1 
ATOM   296  C C   . ARG A 1 37  ? -10.409 0.899   -5.815  1.00 16.56 ? 38   ARG A C   1 
ATOM   297  O O   . ARG A 1 37  ? -10.430 -0.118  -6.508  1.00 18.18 ? 38   ARG A O   1 
ATOM   298  C CB  . ARG A 1 37  ? -11.846 1.153   -3.799  1.00 16.30 ? 38   ARG A CB  1 
ATOM   299  C CG  . ARG A 1 37  ? -12.947 0.265   -4.372  1.00 19.20 ? 38   ARG A CG  1 
ATOM   300  C CD  . ARG A 1 37  ? -14.292 0.982   -4.333  1.00 18.57 ? 38   ARG A CD  1 
ATOM   301  N NE  . ARG A 1 37  ? -14.338 2.068   -5.305  1.00 17.88 ? 38   ARG A NE  1 
ATOM   302  C CZ  . ARG A 1 37  ? -14.478 1.894   -6.618  1.00 20.53 ? 38   ARG A CZ  1 
ATOM   303  N NH1 . ARG A 1 37  ? -14.594 0.670   -7.126  1.00 19.57 ? 38   ARG A NH1 1 
ATOM   304  N NH2 . ARG A 1 37  ? -14.486 2.944   -7.430  1.00 19.09 ? 38   ARG A NH2 1 
ATOM   305  N N   . ALA A 1 38  ? -10.365 2.124   -6.333  1.00 15.97 ? 39   ALA A N   1 
ATOM   306  C CA  . ALA A 1 38  ? -10.335 2.331   -7.779  1.00 16.11 ? 39   ALA A CA  1 
ATOM   307  C C   . ALA A 1 38  ? -9.042  1.798   -8.401  1.00 17.30 ? 39   ALA A C   1 
ATOM   308  O O   . ALA A 1 38  ? -9.038  1.334   -9.545  1.00 16.40 ? 39   ALA A O   1 
ATOM   309  C CB  . ALA A 1 38  ? -10.505 3.812   -8.099  1.00 16.01 ? 39   ALA A CB  1 
ATOM   310  N N   . LEU A 1 39  ? -7.945  1.854   -7.648  1.00 16.85 ? 40   LEU A N   1 
ATOM   311  C CA  . LEU A 1 39  ? -6.677  1.359   -8.165  1.00 16.91 ? 40   LEU A CA  1 
ATOM   312  C C   . LEU A 1 39  ? -6.661  -0.171  -8.194  1.00 17.46 ? 40   LEU A C   1 
ATOM   313  O O   . LEU A 1 39  ? -5.850  -0.773  -8.899  1.00 18.53 ? 40   LEU A O   1 
ATOM   314  C CB  . LEU A 1 39  ? -5.508  1.892   -7.329  1.00 17.94 ? 40   LEU A CB  1 
ATOM   315  C CG  . LEU A 1 39  ? -5.252  3.402   -7.416  1.00 18.08 ? 40   LEU A CG  1 
ATOM   316  C CD1 . LEU A 1 39  ? -4.051  3.784   -6.555  1.00 19.77 ? 40   LEU A CD1 1 
ATOM   317  C CD2 . LEU A 1 39  ? -4.993  3.787   -8.847  1.00 20.47 ? 40   LEU A CD2 1 
ATOM   318  N N   . CYS A 1 40  ? -7.559  -0.800  -7.440  1.00 17.40 ? 41   CYS A N   1 
ATOM   319  C CA  . CYS A 1 40  ? -7.630  -2.263  -7.421  1.00 18.24 ? 41   CYS A CA  1 
ATOM   320  C C   . CYS A 1 40  ? -8.438  -2.775  -8.613  1.00 19.41 ? 41   CYS A C   1 
ATOM   321  O O   . CYS A 1 40  ? -8.196  -3.871  -9.119  1.00 20.27 ? 41   CYS A O   1 
ATOM   322  C CB  . CYS A 1 40  ? -8.279  -2.764  -6.126  1.00 17.73 ? 41   CYS A CB  1 
ATOM   323  S SG  . CYS A 1 40  ? -7.242  -2.666  -4.642  1.00 14.83 ? 41   CYS A SG  1 
ATOM   324  N N   . THR A 1 41  ? -9.401  -1.975  -9.056  1.00 19.87 ? 42   THR A N   1 
ATOM   325  C CA  . THR A 1 41  ? -10.252 -2.352  -10.182 1.00 20.49 ? 42   THR A CA  1 
ATOM   326  C C   . THR A 1 41  ? -9.731  -1.790  -11.505 1.00 21.33 ? 42   THR A C   1 
ATOM   327  O O   . THR A 1 41  ? -10.167 -2.210  -12.578 1.00 21.28 ? 42   THR A O   1 
ATOM   328  C CB  . THR A 1 41  ? -11.688 -1.839  -9.990  1.00 19.63 ? 42   THR A CB  1 
ATOM   329  O OG1 . THR A 1 41  ? -11.683 -0.408  -10.006 1.00 18.23 ? 42   THR A OG1 1 
ATOM   330  C CG2 . THR A 1 41  ? -12.262 -2.321  -8.664  1.00 19.14 ? 42   THR A CG2 1 
ATOM   331  N N   . GLY A 1 42  ? -8.807  -0.834  -11.417 1.00 22.16 ? 43   GLY A N   1 
ATOM   332  C CA  . GLY A 1 42  ? -8.237  -0.220  -12.606 1.00 23.94 ? 43   GLY A CA  1 
ATOM   333  C C   . GLY A 1 42  ? -9.252  0.524   -13.453 1.00 25.21 ? 43   GLY A C   1 
ATOM   334  O O   . GLY A 1 42  ? -9.079  0.662   -14.665 1.00 26.18 ? 43   GLY A O   1 
ATOM   335  N N   . GLU A 1 43  ? -10.301 1.030   -12.813 1.00 25.74 ? 44   GLU A N   1 
ATOM   336  C CA  . GLU A 1 43  ? -11.360 1.733   -13.521 1.00 27.08 ? 44   GLU A CA  1 
ATOM   337  C C   . GLU A 1 43  ? -11.045 3.157   -13.983 1.00 28.82 ? 44   GLU A C   1 
ATOM   338  O O   . GLU A 1 43  ? -11.777 3.713   -14.800 1.00 28.03 ? 44   GLU A O   1 
ATOM   339  C CB  . GLU A 1 43  ? -12.636 1.731   -12.674 1.00 27.19 ? 44   GLU A CB  1 
ATOM   340  C CG  . GLU A 1 43  ? -12.515 2.421   -11.328 1.00 26.83 ? 44   GLU A CG  1 
ATOM   341  C CD  . GLU A 1 43  ? -13.733 2.179   -10.451 1.00 28.38 ? 44   GLU A CD  1 
ATOM   342  O OE1 . GLU A 1 43  ? -13.940 1.021   -10.021 1.00 26.96 ? 44   GLU A OE1 1 
ATOM   343  O OE2 . GLU A 1 43  ? -14.488 3.145   -10.199 1.00 27.26 ? 44   GLU A OE2 1 
ATOM   344  N N   . LYS A 1 44  ? -9.969  3.751   -13.477 1.00 29.38 ? 45   LYS A N   1 
ATOM   345  C CA  . LYS A 1 44  ? -9.620  5.109   -13.892 1.00 31.18 ? 45   LYS A CA  1 
ATOM   346  C C   . LYS A 1 44  ? -8.390  5.194   -14.798 1.00 31.10 ? 45   LYS A C   1 
ATOM   347  O O   . LYS A 1 44  ? -7.491  4.360   -14.722 1.00 30.00 ? 45   LYS A O   1 
ATOM   348  C CB  . LYS A 1 44  ? -9.422  6.007   -12.668 1.00 32.38 ? 45   LYS A CB  1 
ATOM   349  C CG  . LYS A 1 44  ? -10.716 6.335   -11.942 1.00 35.37 ? 45   LYS A CG  1 
ATOM   350  C CD  . LYS A 1 44  ? -10.661 7.726   -11.331 1.00 38.79 ? 45   LYS A CD  1 
ATOM   351  C CE  . LYS A 1 44  ? -12.027 8.168   -10.823 1.00 39.77 ? 45   LYS A CE  1 
ATOM   352  N NZ  . LYS A 1 44  ? -11.994 9.574   -10.324 1.00 42.29 ? 45   LYS A NZ  1 
ATOM   353  N N   . ILE A 1 45  ? -8.372  6.207   -15.662 1.00 32.90 ? 46   ILE A N   1 
ATOM   354  C CA  . ILE A 1 45  ? -7.257  6.425   -16.581 1.00 34.65 ? 46   ILE A CA  1 
ATOM   355  C C   . ILE A 1 45  ? -6.360  7.522   -16.017 1.00 35.57 ? 46   ILE A C   1 
ATOM   356  O O   . ILE A 1 45  ? -6.845  8.568   -15.586 1.00 35.22 ? 46   ILE A O   1 
ATOM   357  C CB  . ILE A 1 45  ? -7.746  6.863   -17.987 1.00 35.43 ? 46   ILE A CB  1 
ATOM   358  C CG1 . ILE A 1 45  ? -8.619  5.767   -18.608 1.00 34.92 ? 46   ILE A CG1 1 
ATOM   359  C CG2 . ILE A 1 45  ? -6.546  7.160   -18.889 1.00 33.93 ? 46   ILE A CG2 1 
ATOM   360  C CD1 . ILE A 1 45  ? -7.896  4.448   -18.832 1.00 36.71 ? 46   ILE A CD1 1 
ATOM   361  N N   . GLY A 1 46  ? -5.053  7.275   -16.024 1.00 36.50 ? 47   GLY A N   1 
ATOM   362  C CA  . GLY A 1 46  ? -4.109  8.244   -15.496 1.00 37.76 ? 47   GLY A CA  1 
ATOM   363  C C   . GLY A 1 46  ? -3.694  9.335   -16.469 1.00 39.17 ? 47   GLY A C   1 
ATOM   364  O O   . GLY A 1 46  ? -4.298  9.509   -17.531 1.00 39.03 ? 47   GLY A O   1 
ATOM   365  N N   . SER A 1 47  ? -2.648  10.070  -16.101 1.00 39.60 ? 48   SER A N   1 
ATOM   366  C CA  . SER A 1 47  ? -2.138  11.163  -16.922 1.00 39.67 ? 48   SER A CA  1 
ATOM   367  C C   . SER A 1 47  ? -1.265  10.674  -18.072 1.00 40.80 ? 48   SER A C   1 
ATOM   368  O O   . SER A 1 47  ? -0.920  11.448  -18.965 1.00 41.32 ? 48   SER A O   1 
ATOM   369  C CB  . SER A 1 47  ? -1.333  12.130  -16.055 1.00 38.22 ? 48   SER A CB  1 
ATOM   370  O OG  . SER A 1 47  ? -0.216  11.473  -15.479 1.00 36.20 ? 48   SER A OG  1 
ATOM   371  N N   . ARG A 1 48  ? -0.909  9.394   -18.050 1.00 42.58 ? 49   ARG A N   1 
ATOM   372  C CA  . ARG A 1 48  ? -0.069  8.818   -19.094 1.00 44.56 ? 49   ARG A CA  1 
ATOM   373  C C   . ARG A 1 48  ? -0.885  8.007   -20.097 1.00 46.11 ? 49   ARG A C   1 
ATOM   374  O O   . ARG A 1 48  ? -0.324  7.328   -20.958 1.00 46.42 ? 49   ARG A O   1 
ATOM   375  C CB  . ARG A 1 48  ? 1.015   7.945   -18.472 1.00 44.97 ? 49   ARG A CB  1 
ATOM   376  N N   . GLY A 1 49  ? -2.209  8.073   -19.973 1.00 46.99 ? 50   GLY A N   1 
ATOM   377  C CA  . GLY A 1 49  ? -3.078  7.350   -20.886 1.00 46.93 ? 50   GLY A CA  1 
ATOM   378  C C   . GLY A 1 49  ? -3.394  5.913   -20.510 1.00 46.66 ? 50   GLY A C   1 
ATOM   379  O O   . GLY A 1 49  ? -4.229  5.271   -21.147 1.00 47.04 ? 50   GLY A O   1 
ATOM   380  N N   . LYS A 1 50  ? -2.729  5.398   -19.481 1.00 45.35 ? 51   LYS A N   1 
ATOM   381  C CA  . LYS A 1 50  ? -2.961  4.031   -19.034 1.00 43.72 ? 51   LYS A CA  1 
ATOM   382  C C   . LYS A 1 50  ? -3.888  4.051   -17.820 1.00 42.53 ? 51   LYS A C   1 
ATOM   383  O O   . LYS A 1 50  ? -3.876  5.006   -17.043 1.00 42.02 ? 51   LYS A O   1 
ATOM   384  C CB  . LYS A 1 50  ? -1.632  3.377   -18.658 1.00 44.83 ? 51   LYS A CB  1 
ATOM   385  C CG  . LYS A 1 50  ? -0.572  3.475   -19.742 1.00 47.12 ? 51   LYS A CG  1 
ATOM   386  C CD  . LYS A 1 50  ? 0.797   3.072   -19.217 1.00 48.85 ? 51   LYS A CD  1 
ATOM   387  C CE  . LYS A 1 50  ? 1.871   3.307   -20.268 1.00 50.49 ? 51   LYS A CE  1 
ATOM   388  N NZ  . LYS A 1 50  ? 3.241   3.074   -19.735 1.00 52.36 ? 51   LYS A NZ  1 
ATOM   389  N N   . ASN A 1 51  ? -4.697  3.010   -17.653 1.00 40.38 ? 52   ASN A N   1 
ATOM   390  C CA  . ASN A 1 51  ? -5.593  2.968   -16.508 1.00 38.14 ? 52   ASN A CA  1 
ATOM   391  C C   . ASN A 1 51  ? -4.816  2.614   -15.241 1.00 36.02 ? 52   ASN A C   1 
ATOM   392  O O   . ASN A 1 51  ? -4.097  1.617   -15.200 1.00 36.15 ? 52   ASN A O   1 
ATOM   393  C CB  . ASN A 1 51  ? -6.739  1.968   -16.743 1.00 39.14 ? 52   ASN A CB  1 
ATOM   394  C CG  . ASN A 1 51  ? -6.251  0.577   -17.097 1.00 38.39 ? 52   ASN A CG  1 
ATOM   395  O OD1 . ASN A 1 51  ? -5.509  0.393   -18.059 1.00 38.69 ? 52   ASN A OD1 1 
ATOM   396  N ND2 . ASN A 1 51  ? -6.681  -0.414  -16.327 1.00 38.46 ? 52   ASN A ND2 1 
ATOM   397  N N   . LEU A 1 52  ? -4.949  3.458   -14.220 1.00 33.02 ? 53   LEU A N   1 
ATOM   398  C CA  . LEU A 1 52  ? -4.275  3.261   -12.939 1.00 28.43 ? 53   LEU A CA  1 
ATOM   399  C C   . LEU A 1 52  ? -4.723  1.920   -12.367 1.00 26.25 ? 53   LEU A C   1 
ATOM   400  O O   . LEU A 1 52  ? -5.915  1.698   -12.153 1.00 26.19 ? 53   LEU A O   1 
ATOM   401  C CB  . LEU A 1 52  ? -4.637  4.403   -11.993 1.00 28.55 ? 53   LEU A CB  1 
ATOM   402  C CG  . LEU A 1 52  ? -4.301  5.799   -12.530 1.00 30.55 ? 53   LEU A CG  1 
ATOM   403  C CD1 . LEU A 1 52  ? -4.765  6.858   -11.549 1.00 30.54 ? 53   LEU A CD1 1 
ATOM   404  C CD2 . LEU A 1 52  ? -2.800  5.919   -12.758 1.00 31.60 ? 53   LEU A CD2 1 
ATOM   405  N N   . HIS A 1 53  ? -3.766  1.034   -12.107 1.00 22.28 ? 54   HIS A N   1 
ATOM   406  C CA  . HIS A 1 53  ? -4.097  -0.302  -11.623 1.00 20.56 ? 54   HIS A CA  1 
ATOM   407  C C   . HIS A 1 53  ? -2.955  -0.934  -10.824 1.00 19.36 ? 54   HIS A C   1 
ATOM   408  O O   . HIS A 1 53  ? -1.797  -0.873  -11.239 1.00 18.70 ? 54   HIS A O   1 
ATOM   409  C CB  . HIS A 1 53  ? -4.407  -1.183  -12.839 1.00 17.69 ? 54   HIS A CB  1 
ATOM   410  C CG  . HIS A 1 53  ? -5.324  -2.331  -12.551 1.00 19.49 ? 54   HIS A CG  1 
ATOM   411  N ND1 . HIS A 1 53  ? -5.559  -3.336  -13.465 1.00 16.72 ? 54   HIS A ND1 1 
ATOM   412  C CD2 . HIS A 1 53  ? -6.104  -2.606  -11.479 1.00 17.19 ? 54   HIS A CD2 1 
ATOM   413  C CE1 . HIS A 1 53  ? -6.447  -4.180  -12.969 1.00 18.75 ? 54   HIS A CE1 1 
ATOM   414  N NE2 . HIS A 1 53  ? -6.794  -3.760  -11.765 1.00 18.02 ? 54   HIS A NE2 1 
ATOM   415  N N   . TYR A 1 54  ? -3.279  -1.556  -9.695  1.00 18.86 ? 55   TYR A N   1 
ATOM   416  C CA  . TYR A 1 54  ? -2.255  -2.210  -8.878  1.00 18.64 ? 55   TYR A CA  1 
ATOM   417  C C   . TYR A 1 54  ? -1.824  -3.541  -9.475  1.00 19.20 ? 55   TYR A C   1 
ATOM   418  O O   . TYR A 1 54  ? -0.810  -4.110  -9.070  1.00 18.99 ? 55   TYR A O   1 
ATOM   419  C CB  . TYR A 1 54  ? -2.753  -2.469  -7.456  1.00 18.28 ? 55   TYR A CB  1 
ATOM   420  C CG  . TYR A 1 54  ? -2.755  -1.254  -6.566  1.00 15.86 ? 55   TYR A CG  1 
ATOM   421  C CD1 . TYR A 1 54  ? -1.656  -0.394  -6.526  1.00 14.88 ? 55   TYR A CD1 1 
ATOM   422  C CD2 . TYR A 1 54  ? -3.844  -0.971  -5.749  1.00 14.82 ? 55   TYR A CD2 1 
ATOM   423  C CE1 . TYR A 1 54  ? -1.651  0.720   -5.695  1.00 15.72 ? 55   TYR A CE1 1 
ATOM   424  C CE2 . TYR A 1 54  ? -3.847  0.137   -4.915  1.00 14.23 ? 55   TYR A CE2 1 
ATOM   425  C CZ  . TYR A 1 54  ? -2.752  0.976   -4.894  1.00 13.84 ? 55   TYR A CZ  1 
ATOM   426  O OH  . TYR A 1 54  ? -2.769  2.081   -4.084  1.00 16.39 ? 55   TYR A OH  1 
ATOM   427  N N   . LYS A 1 55  ? -2.603  -4.038  -10.429 1.00 19.32 ? 56   LYS A N   1 
ATOM   428  C CA  . LYS A 1 55  ? -2.288  -5.312  -11.064 1.00 20.23 ? 56   LYS A CA  1 
ATOM   429  C C   . LYS A 1 55  ? -0.895  -5.284  -11.679 1.00 19.47 ? 56   LYS A C   1 
ATOM   430  O O   . LYS A 1 55  ? -0.568  -4.400  -12.467 1.00 19.73 ? 56   LYS A O   1 
ATOM   431  C CB  . LYS A 1 55  ? -3.329  -5.649  -12.137 1.00 20.15 ? 56   LYS A CB  1 
ATOM   432  C CG  . LYS A 1 55  ? -3.180  -7.046  -12.714 1.00 22.41 ? 56   LYS A CG  1 
ATOM   433  C CD  . LYS A 1 55  ? -4.441  -7.469  -13.442 1.00 25.53 ? 56   LYS A CD  1 
ATOM   434  C CE  . LYS A 1 55  ? -4.339  -8.900  -13.939 1.00 28.13 ? 56   LYS A CE  1 
ATOM   435  N NZ  . LYS A 1 55  ? -5.648  -9.389  -14.470 1.00 33.14 ? 56   LYS A NZ  1 
ATOM   436  N N   . ASN A 1 56  ? -0.085  -6.263  -11.293 1.00 19.06 ? 57   ASN A N   1 
ATOM   437  C CA  . ASN A 1 56  ? 1.284   -6.409  -11.772 1.00 19.43 ? 57   ASN A CA  1 
ATOM   438  C C   . ASN A 1 56  ? 2.283   -5.408  -11.208 1.00 17.87 ? 57   ASN A C   1 
ATOM   439  O O   . ASN A 1 56  ? 3.425   -5.349  -11.661 1.00 18.19 ? 57   ASN A O   1 
ATOM   440  C CB  . ASN A 1 56  ? 1.323   -6.399  -13.303 1.00 20.32 ? 57   ASN A CB  1 
ATOM   441  C CG  . ASN A 1 56  ? 0.728   -7.661  -13.897 1.00 23.70 ? 57   ASN A CG  1 
ATOM   442  O OD1 . ASN A 1 56  ? 1.035   -8.773  -13.454 1.00 23.27 ? 57   ASN A OD1 1 
ATOM   443  N ND2 . ASN A 1 56  ? -0.125  -7.500  -14.905 1.00 25.36 ? 57   ASN A ND2 1 
ATOM   444  N N   . SER A 1 57  ? 1.857   -4.623  -10.221 1.00 15.67 ? 58   SER A N   1 
ATOM   445  C CA  . SER A 1 57  ? 2.757   -3.674  -9.576  1.00 16.10 ? 58   SER A CA  1 
ATOM   446  C C   . SER A 1 57  ? 3.539   -4.528  -8.584  1.00 16.20 ? 58   SER A C   1 
ATOM   447  O O   . SER A 1 57  ? 3.181   -5.681  -8.343  1.00 16.08 ? 58   SER A O   1 
ATOM   448  C CB  . SER A 1 57  ? 1.970   -2.590  -8.828  1.00 17.40 ? 58   SER A CB  1 
ATOM   449  O OG  . SER A 1 57  ? 1.242   -3.139  -7.739  1.00 16.72 ? 58   SER A OG  1 
ATOM   450  N N   . ILE A 1 58  ? 4.595   -3.985  -7.993  1.00 16.08 ? 59   ILE A N   1 
ATOM   451  C CA  . ILE A 1 58  ? 5.379   -4.784  -7.060  1.00 17.52 ? 59   ILE A CA  1 
ATOM   452  C C   . ILE A 1 58  ? 5.569   -4.132  -5.702  1.00 17.35 ? 59   ILE A C   1 
ATOM   453  O O   . ILE A 1 58  ? 5.259   -2.954  -5.510  1.00 19.13 ? 59   ILE A O   1 
ATOM   454  C CB  . ILE A 1 58  ? 6.786   -5.062  -7.613  1.00 19.27 ? 59   ILE A CB  1 
ATOM   455  C CG1 . ILE A 1 58  ? 7.615   -3.775  -7.572  1.00 18.71 ? 59   ILE A CG1 1 
ATOM   456  C CG2 . ILE A 1 58  ? 6.697   -5.568  -9.044  1.00 19.88 ? 59   ILE A CG2 1 
ATOM   457  C CD1 . ILE A 1 58  ? 9.103   -4.004  -7.739  1.00 23.33 ? 59   ILE A CD1 1 
ATOM   458  N N   . PHE A 1 59  ? 6.074   -4.919  -4.759  1.00 16.68 ? 60   PHE A N   1 
ATOM   459  C CA  . PHE A 1 59  ? 6.390   -4.416  -3.434  1.00 15.76 ? 60   PHE A CA  1 
ATOM   460  C C   . PHE A 1 59  ? 7.890   -4.178  -3.517  1.00 15.67 ? 60   PHE A C   1 
ATOM   461  O O   . PHE A 1 59  ? 8.688   -5.124  -3.448  1.00 14.19 ? 60   PHE A O   1 
ATOM   462  C CB  . PHE A 1 59  ? 6.046   -5.444  -2.360  1.00 17.02 ? 60   PHE A CB  1 
ATOM   463  C CG  . PHE A 1 59  ? 4.594   -5.446  -1.979  1.00 16.02 ? 60   PHE A CG  1 
ATOM   464  C CD1 . PHE A 1 59  ? 3.643   -6.052  -2.796  1.00 15.52 ? 60   PHE A CD1 1 
ATOM   465  C CD2 . PHE A 1 59  ? 4.172   -4.799  -0.822  1.00 15.64 ? 60   PHE A CD2 1 
ATOM   466  C CE1 . PHE A 1 59  ? 2.292   -6.011  -2.463  1.00 17.42 ? 60   PHE A CE1 1 
ATOM   467  C CE2 . PHE A 1 59  ? 2.823   -4.751  -0.481  1.00 15.65 ? 60   PHE A CE2 1 
ATOM   468  C CZ  . PHE A 1 59  ? 1.881   -5.358  -1.301  1.00 17.13 ? 60   PHE A CZ  1 
ATOM   469  N N   . HIS A 1 60  ? 8.258   -2.909  -3.696  1.00 14.13 ? 61   HIS A N   1 
ATOM   470  C CA  . HIS A 1 60  ? 9.652   -2.497  -3.859  1.00 15.42 ? 61   HIS A CA  1 
ATOM   471  C C   . HIS A 1 60  ? 10.443  -2.282  -2.577  1.00 14.71 ? 61   HIS A C   1 
ATOM   472  O O   . HIS A 1 60  ? 11.666  -2.200  -2.612  1.00 15.07 ? 61   HIS A O   1 
ATOM   473  C CB  . HIS A 1 60  ? 9.722   -1.208  -4.689  1.00 14.24 ? 61   HIS A CB  1 
ATOM   474  C CG  . HIS A 1 60  ? 9.110   -0.017  -4.013  1.00 16.46 ? 61   HIS A CG  1 
ATOM   475  N ND1 . HIS A 1 60  ? 7.754   0.234   -4.023  1.00 18.05 ? 61   HIS A ND1 1 
ATOM   476  C CD2 . HIS A 1 60  ? 9.669   0.974   -3.279  1.00 16.04 ? 61   HIS A CD2 1 
ATOM   477  C CE1 . HIS A 1 60  ? 7.504   1.327   -3.324  1.00 17.48 ? 61   HIS A CE1 1 
ATOM   478  N NE2 . HIS A 1 60  ? 8.649   1.796   -2.860  1.00 18.78 ? 61   HIS A NE2 1 
ATOM   479  N N   . ARG A 1 61  ? 9.757   -2.187  -1.446  1.00 14.12 ? 62   ARG A N   1 
ATOM   480  C CA  . ARG A 1 61  ? 10.449  -1.960  -0.190  1.00 14.13 ? 62   ARG A CA  1 
ATOM   481  C C   . ARG A 1 61  ? 9.815   -2.723  0.963   1.00 16.13 ? 62   ARG A C   1 
ATOM   482  O O   . ARG A 1 61  ? 8.680   -2.452  1.351   1.00 16.58 ? 62   ARG A O   1 
ATOM   483  C CB  . ARG A 1 61  ? 10.467  -0.460  0.111   1.00 12.76 ? 62   ARG A CB  1 
ATOM   484  C CG  . ARG A 1 61  ? 11.205  -0.048  1.375   1.00 14.41 ? 62   ARG A CG  1 
ATOM   485  C CD  . ARG A 1 61  ? 11.453  1.463   1.349   1.00 15.70 ? 62   ARG A CD  1 
ATOM   486  N NE  . ARG A 1 61  ? 12.041  1.968   2.584   1.00 18.12 ? 62   ARG A NE  1 
ATOM   487  C CZ  . ARG A 1 61  ? 11.347  2.402   3.635   1.00 19.28 ? 62   ARG A CZ  1 
ATOM   488  N NH1 . ARG A 1 61  ? 10.019  2.401   3.614   1.00 17.50 ? 62   ARG A NH1 1 
ATOM   489  N NH2 . ARG A 1 61  ? 11.984  2.842   4.712   1.00 18.97 ? 62   ARG A NH2 1 
ATOM   490  N N   . ILE A 1 62  ? 10.558  -3.688  1.498   1.00 16.19 ? 63   ILE A N   1 
ATOM   491  C CA  . ILE A 1 62  ? 10.091  -4.496  2.618   1.00 16.47 ? 63   ILE A CA  1 
ATOM   492  C C   . ILE A 1 62  ? 11.183  -4.568  3.676   1.00 16.97 ? 63   ILE A C   1 
ATOM   493  O O   . ILE A 1 62  ? 12.314  -4.983  3.397   1.00 16.44 ? 63   ILE A O   1 
ATOM   494  C CB  . ILE A 1 62  ? 9.747   -5.930  2.177   1.00 15.84 ? 63   ILE A CB  1 
ATOM   495  C CG1 . ILE A 1 62  ? 8.677   -5.895  1.086   1.00 15.82 ? 63   ILE A CG1 1 
ATOM   496  C CG2 . ILE A 1 62  ? 9.263   -6.741  3.378   1.00 16.14 ? 63   ILE A CG2 1 
ATOM   497  C CD1 . ILE A 1 62  ? 8.307   -7.261  0.552   1.00 13.03 ? 63   ILE A CD1 1 
ATOM   498  N N   . ILE A 1 63  ? 10.837  -4.153  4.889   1.00 16.96 ? 64   ILE A N   1 
ATOM   499  C CA  . ILE A 1 63  ? 11.770  -4.165  6.006   1.00 16.99 ? 64   ILE A CA  1 
ATOM   500  C C   . ILE A 1 63  ? 11.164  -5.020  7.107   1.00 17.26 ? 64   ILE A C   1 
ATOM   501  O O   . ILE A 1 63  ? 10.167  -4.641  7.714   1.00 15.90 ? 64   ILE A O   1 
ATOM   502  C CB  . ILE A 1 63  ? 12.011  -2.737  6.544   1.00 18.21 ? 64   ILE A CB  1 
ATOM   503  C CG1 . ILE A 1 63  ? 12.670  -1.882  5.457   1.00 19.55 ? 64   ILE A CG1 1 
ATOM   504  C CG2 . ILE A 1 63  ? 12.880  -2.786  7.796   1.00 19.66 ? 64   ILE A CG2 1 
ATOM   505  C CD1 . ILE A 1 63  ? 12.852  -0.422  5.827   1.00 17.06 ? 64   ILE A CD1 1 
ATOM   506  N N   . PRO A 1 64  ? 11.756  -6.195  7.372   1.00 19.19 ? 65   PRO A N   1 
ATOM   507  C CA  . PRO A 1 64  ? 11.256  -7.096  8.410   1.00 20.95 ? 65   PRO A CA  1 
ATOM   508  C C   . PRO A 1 64  ? 10.973  -6.379  9.721   1.00 21.23 ? 65   PRO A C   1 
ATOM   509  O O   . PRO A 1 64  ? 11.720  -5.490  10.131  1.00 21.84 ? 65   PRO A O   1 
ATOM   510  C CB  . PRO A 1 64  ? 12.376  -8.123  8.535   1.00 19.49 ? 65   PRO A CB  1 
ATOM   511  C CG  . PRO A 1 64  ? 12.861  -8.224  7.128   1.00 20.33 ? 65   PRO A CG  1 
ATOM   512  C CD  . PRO A 1 64  ? 12.948  -6.769  6.720   1.00 20.35 ? 65   PRO A CD  1 
ATOM   513  N N   . GLN A 1 65  ? 9.881   -6.770  10.367  1.00 21.92 ? 66   GLN A N   1 
ATOM   514  C CA  . GLN A 1 65  ? 9.482   -6.181  11.638  1.00 21.05 ? 66   GLN A CA  1 
ATOM   515  C C   . GLN A 1 65  ? 9.192   -4.684  11.556  1.00 19.56 ? 66   GLN A C   1 
ATOM   516  O O   . GLN A 1 65  ? 9.373   -3.944  12.523  1.00 17.02 ? 66   GLN A O   1 
ATOM   517  C CB  . GLN A 1 65  ? 10.547  -6.472  12.701  1.00 24.85 ? 66   GLN A CB  1 
ATOM   518  C CG  . GLN A 1 65  ? 10.568  -7.941  13.124  1.00 29.79 ? 66   GLN A CG  1 
ATOM   519  C CD  . GLN A 1 65  ? 11.703  -8.268  14.075  1.00 32.61 ? 66   GLN A CD  1 
ATOM   520  O OE1 . GLN A 1 65  ? 12.866  -8.313  13.676  1.00 36.09 ? 66   GLN A OE1 1 
ATOM   521  N NE2 . GLN A 1 65  ? 11.370  -8.494  15.341  1.00 35.23 ? 66   GLN A NE2 1 
ATOM   522  N N   . PHE A 1 66  ? 8.743   -4.239  10.389  1.00 18.49 ? 67   PHE A N   1 
ATOM   523  C CA  . PHE A 1 66  ? 8.378   -2.841  10.204  1.00 16.53 ? 67   PHE A CA  1 
ATOM   524  C C   . PHE A 1 66  ? 7.181   -2.792  9.261   1.00 15.81 ? 67   PHE A C   1 
ATOM   525  O O   . PHE A 1 66  ? 6.049   -2.625  9.708   1.00 15.84 ? 67   PHE A O   1 
ATOM   526  C CB  . PHE A 1 66  ? 9.559   -2.025  9.656   1.00 17.34 ? 67   PHE A CB  1 
ATOM   527  C CG  . PHE A 1 66  ? 9.212   -0.590  9.329   1.00 17.65 ? 67   PHE A CG  1 
ATOM   528  C CD1 . PHE A 1 66  ? 8.146   0.053   9.962   1.00 16.08 ? 67   PHE A CD1 1 
ATOM   529  C CD2 . PHE A 1 66  ? 9.942   0.115   8.372   1.00 17.43 ? 67   PHE A CD2 1 
ATOM   530  C CE1 . PHE A 1 66  ? 7.812   1.368   9.643   1.00 16.25 ? 67   PHE A CE1 1 
ATOM   531  C CE2 . PHE A 1 66  ? 9.613   1.432   8.048   1.00 15.48 ? 67   PHE A CE2 1 
ATOM   532  C CZ  . PHE A 1 66  ? 8.546   2.058   8.684   1.00 15.40 ? 67   PHE A CZ  1 
ATOM   533  N N   . MET A 1 67  ? 7.411   -2.973  7.965   1.00 14.89 ? 68   MET A N   1 
ATOM   534  C CA  . MET A 1 67  ? 6.301   -2.929  7.024   1.00 13.04 ? 68   MET A CA  1 
ATOM   535  C C   . MET A 1 67  ? 6.649   -3.386  5.612   1.00 13.71 ? 68   MET A C   1 
ATOM   536  O O   . MET A 1 67  ? 7.822   -3.587  5.285   1.00 13.02 ? 68   MET A O   1 
ATOM   537  C CB  . MET A 1 67  ? 5.731   -1.506  6.984   1.00 13.75 ? 68   MET A CB  1 
ATOM   538  C CG  . MET A 1 67  ? 6.721   -0.421  6.578   1.00 13.31 ? 68   MET A CG  1 
ATOM   539  S SD  . MET A 1 67  ? 7.067   -0.363  4.800   1.00 17.31 ? 68   MET A SD  1 
ATOM   540  C CE  . MET A 1 67  ? 8.839   -0.791  4.767   1.00 14.89 ? 68   MET A CE  1 
ATOM   541  N N   . CYS A 1 68  ? 5.612   -3.573  4.793   1.00 13.76 ? 69   CYS A N   1 
ATOM   542  C CA  . CYS A 1 68  ? 5.760   -3.967  3.389   1.00 14.75 ? 69   CYS A CA  1 
ATOM   543  C C   . CYS A 1 68  ? 5.211   -2.791  2.581   1.00 16.42 ? 69   CYS A C   1 
ATOM   544  O O   . CYS A 1 68  ? 4.060   -2.401  2.762   1.00 17.00 ? 69   CYS A O   1 
ATOM   545  C CB  . CYS A 1 68  ? 4.933   -5.217  3.072   1.00 15.93 ? 69   CYS A CB  1 
ATOM   546  S SG  . CYS A 1 68  ? 5.407   -6.715  3.969   1.00 17.89 ? 69   CYS A SG  1 
ATOM   547  N N   . GLN A 1 69  ? 6.028   -2.234  1.691   1.00 14.84 ? 70   GLN A N   1 
ATOM   548  C CA  . GLN A 1 69  ? 5.612   -1.084  0.893   1.00 13.46 ? 70   GLN A CA  1 
ATOM   549  C C   . GLN A 1 69  ? 5.507   -1.372  -0.599  1.00 12.87 ? 70   GLN A C   1 
ATOM   550  O O   . GLN A 1 69  ? 6.360   -2.048  -1.177  1.00 12.20 ? 70   GLN A O   1 
ATOM   551  C CB  . GLN A 1 69  ? 6.592   0.080   1.111   1.00 14.12 ? 70   GLN A CB  1 
ATOM   552  C CG  . GLN A 1 69  ? 6.280   1.329   0.282   1.00 14.17 ? 70   GLN A CG  1 
ATOM   553  C CD  . GLN A 1 69  ? 7.247   2.465   0.551   1.00 16.43 ? 70   GLN A CD  1 
ATOM   554  O OE1 . GLN A 1 69  ? 8.129   2.355   1.402   1.00 14.80 ? 70   GLN A OE1 1 
ATOM   555  N NE2 . GLN A 1 69  ? 7.082   3.568   -0.174  1.00 16.99 ? 70   GLN A NE2 1 
ATOM   556  N N   . GLY A 1 70  ? 4.460   -0.839  -1.216  1.00 12.20 ? 71   GLY A N   1 
ATOM   557  C CA  . GLY A 1 70  ? 4.253   -1.024  -2.640  1.00 14.31 ? 71   GLY A CA  1 
ATOM   558  C C   . GLY A 1 70  ? 3.402   0.093   -3.216  1.00 13.68 ? 71   GLY A C   1 
ATOM   559  O O   . GLY A 1 70  ? 3.287   1.162   -2.617  1.00 14.63 ? 71   GLY A O   1 
ATOM   560  N N   . GLY A 1 71  ? 2.816   -0.141  -4.386  1.00 14.21 ? 72   GLY A N   1 
ATOM   561  C CA  . GLY A 1 71  ? 1.965   0.868   -4.987  1.00 14.70 ? 72   GLY A CA  1 
ATOM   562  C C   . GLY A 1 71  ? 2.605   1.867   -5.937  1.00 16.41 ? 72   GLY A C   1 
ATOM   563  O O   . GLY A 1 71  ? 1.921   2.770   -6.423  1.00 15.05 ? 72   GLY A O   1 
ATOM   564  N N   . ASP A 1 72  ? 3.903   1.751   -6.199  1.00 17.21 ? 73   ASP A N   1 
ATOM   565  C CA  . ASP A 1 72  ? 4.512   2.685   -7.143  1.00 17.92 ? 73   ASP A CA  1 
ATOM   566  C C   . ASP A 1 72  ? 4.171   2.135   -8.515  1.00 18.42 ? 73   ASP A C   1 
ATOM   567  O O   . ASP A 1 72  ? 4.985   1.454   -9.148  1.00 16.94 ? 73   ASP A O   1 
ATOM   568  C CB  . ASP A 1 72  ? 6.029   2.754   -6.998  1.00 17.33 ? 73   ASP A CB  1 
ATOM   569  C CG  . ASP A 1 72  ? 6.642   3.807   -7.910  1.00 20.17 ? 73   ASP A CG  1 
ATOM   570  O OD1 . ASP A 1 72  ? 5.924   4.280   -8.825  1.00 16.90 ? 73   ASP A OD1 1 
ATOM   571  O OD2 . ASP A 1 72  ? 7.829   4.159   -7.722  1.00 17.97 ? 73   ASP A OD2 1 
ATOM   572  N N   . ILE A 1 73  ? 2.958   2.437   -8.964  1.00 18.08 ? 74   ILE A N   1 
ATOM   573  C CA  . ILE A 1 73  ? 2.469   1.961   -10.247 1.00 19.97 ? 74   ILE A CA  1 
ATOM   574  C C   . ILE A 1 73  ? 3.051   2.661   -11.482 1.00 21.73 ? 74   ILE A C   1 
ATOM   575  O O   . ILE A 1 73  ? 2.669   2.341   -12.611 1.00 22.24 ? 74   ILE A O   1 
ATOM   576  C CB  . ILE A 1 73  ? 0.926   2.039   -10.292 1.00 19.06 ? 74   ILE A CB  1 
ATOM   577  C CG1 . ILE A 1 73  ? 0.467   3.500   -10.256 1.00 17.69 ? 74   ILE A CG1 1 
ATOM   578  C CG2 . ILE A 1 73  ? 0.344   1.290   -9.099  1.00 16.37 ? 74   ILE A CG2 1 
ATOM   579  C CD1 . ILE A 1 73  ? -1.046  3.664   -10.218 1.00 16.35 ? 74   ILE A CD1 1 
ATOM   580  N N   . THR A 1 74  ? 3.959   3.613   -11.284 1.00 21.12 ? 75   THR A N   1 
ATOM   581  C CA  . THR A 1 74  ? 4.569   4.290   -12.426 1.00 22.64 ? 75   THR A CA  1 
ATOM   582  C C   . THR A 1 74  ? 6.047   3.929   -12.571 1.00 23.18 ? 75   THR A C   1 
ATOM   583  O O   . THR A 1 74  ? 6.509   3.645   -13.678 1.00 22.98 ? 75   THR A O   1 
ATOM   584  C CB  . THR A 1 74  ? 4.436   5.836   -12.342 1.00 22.75 ? 75   THR A CB  1 
ATOM   585  O OG1 . THR A 1 74  ? 5.084   6.318   -11.163 1.00 25.01 ? 75   THR A OG1 1 
ATOM   586  C CG2 . THR A 1 74  ? 2.973   6.246   -12.310 1.00 25.16 ? 75   THR A CG2 1 
ATOM   587  N N   . ASN A 1 75  ? 6.789   3.919   -11.463 1.00 22.94 ? 76   ASN A N   1 
ATOM   588  C CA  . ASN A 1 75  ? 8.217   3.596   -11.524 1.00 23.31 ? 76   ASN A CA  1 
ATOM   589  C C   . ASN A 1 75  ? 8.639   2.321   -10.795 1.00 22.35 ? 76   ASN A C   1 
ATOM   590  O O   . ASN A 1 75  ? 9.760   1.846   -10.971 1.00 21.96 ? 76   ASN A O   1 
ATOM   591  C CB  . ASN A 1 75  ? 9.044   4.777   -11.014 1.00 24.80 ? 76   ASN A CB  1 
ATOM   592  C CG  . ASN A 1 75  ? 8.818   6.037   -11.830 1.00 27.55 ? 76   ASN A CG  1 
ATOM   593  O OD1 . ASN A 1 75  ? 8.757   5.989   -13.059 1.00 29.47 ? 76   ASN A OD1 1 
ATOM   594  N ND2 . ASN A 1 75  ? 8.704   7.171   -11.153 1.00 28.83 ? 76   ASN A ND2 1 
ATOM   595  N N   . GLY A 1 76  ? 7.748   1.781   -9.971  1.00 21.83 ? 77   GLY A N   1 
ATOM   596  C CA  . GLY A 1 76  ? 8.043   0.555   -9.252  1.00 21.09 ? 77   GLY A CA  1 
ATOM   597  C C   . GLY A 1 76  ? 9.269   0.564   -8.354  1.00 20.34 ? 77   GLY A C   1 
ATOM   598  O O   . GLY A 1 76  ? 9.794   -0.497  -8.024  1.00 20.35 ? 77   GLY A O   1 
ATOM   599  N N   . ASN A 1 77  ? 9.729   1.746   -7.953  1.00 19.04 ? 78   ASN A N   1 
ATOM   600  C CA  . ASN A 1 77  ? 10.894  1.835   -7.080  1.00 18.84 ? 78   ASN A CA  1 
ATOM   601  C C   . ASN A 1 77  ? 10.723  2.859   -5.964  1.00 18.74 ? 78   ASN A C   1 
ATOM   602  O O   . ASN A 1 77  ? 11.651  3.108   -5.193  1.00 17.79 ? 78   ASN A O   1 
ATOM   603  C CB  . ASN A 1 77  ? 12.159  2.154   -7.890  1.00 18.76 ? 78   ASN A CB  1 
ATOM   604  C CG  . ASN A 1 77  ? 12.003  3.384   -8.760  1.00 20.74 ? 78   ASN A CG  1 
ATOM   605  O OD1 . ASN A 1 77  ? 11.390  4.374   -8.358  1.00 19.18 ? 78   ASN A OD1 1 
ATOM   606  N ND2 . ASN A 1 77  ? 12.576  3.335   -9.961  1.00 22.09 ? 78   ASN A ND2 1 
ATOM   607  N N   . GLY A 1 78  ? 9.533   3.448   -5.878  1.00 18.86 ? 79   GLY A N   1 
ATOM   608  C CA  . GLY A 1 78  ? 9.266   4.425   -4.840  1.00 19.18 ? 79   GLY A CA  1 
ATOM   609  C C   . GLY A 1 78  ? 9.280   5.869   -5.306  1.00 20.96 ? 79   GLY A C   1 
ATOM   610  O O   . GLY A 1 78  ? 8.685   6.731   -4.663  1.00 20.99 ? 79   GLY A O   1 
ATOM   611  N N   . SER A 1 79  ? 9.940   6.144   -6.428  1.00 20.85 ? 80   SER A N   1 
ATOM   612  C CA  . SER A 1 79  ? 10.020  7.511   -6.934  1.00 20.29 ? 80   SER A CA  1 
ATOM   613  C C   . SER A 1 79  ? 8.770   7.971   -7.674  1.00 21.41 ? 80   SER A C   1 
ATOM   614  O O   . SER A 1 79  ? 8.585   9.168   -7.901  1.00 23.04 ? 80   SER A O   1 
ATOM   615  C CB  . SER A 1 79  ? 11.232  7.660   -7.856  1.00 21.18 ? 80   SER A CB  1 
ATOM   616  O OG  . SER A 1 79  ? 11.085  6.870   -9.023  1.00 20.16 ? 80   SER A OG  1 
ATOM   617  N N   . GLY A 1 80  ? 7.909   7.026   -8.042  1.00 20.20 ? 81   GLY A N   1 
ATOM   618  C CA  . GLY A 1 80  ? 6.701   7.373   -8.770  1.00 19.56 ? 81   GLY A CA  1 
ATOM   619  C C   . GLY A 1 80  ? 5.396   7.219   -8.008  1.00 18.31 ? 81   GLY A C   1 
ATOM   620  O O   . GLY A 1 80  ? 5.360   7.320   -6.785  1.00 18.15 ? 81   GLY A O   1 
ATOM   621  N N   . GLY A 1 81  ? 4.320   6.978   -8.749  1.00 18.06 ? 82   GLY A N   1 
ATOM   622  C CA  . GLY A 1 81  ? 3.011   6.817   -8.145  1.00 17.65 ? 82   GLY A CA  1 
ATOM   623  C C   . GLY A 1 81  ? 2.032   7.850   -8.667  1.00 19.18 ? 82   GLY A C   1 
ATOM   624  O O   . GLY A 1 81  ? 2.430   8.945   -9.064  1.00 18.99 ? 82   GLY A O   1 
ATOM   625  N N   . GLU A 1 82  ? 0.748   7.503   -8.679  1.00 19.83 ? 83   GLU A N   1 
ATOM   626  C CA  . GLU A 1 82  ? -0.290  8.419   -9.147  1.00 21.13 ? 83   GLU A CA  1 
ATOM   627  C C   . GLU A 1 82  ? -1.669  8.019   -8.632  1.00 20.17 ? 83   GLU A C   1 
ATOM   628  O O   . GLU A 1 82  ? -2.042  6.847   -8.680  1.00 19.34 ? 83   GLU A O   1 
ATOM   629  C CB  . GLU A 1 82  ? -0.314  8.470   -10.679 1.00 23.53 ? 83   GLU A CB  1 
ATOM   630  C CG  . GLU A 1 82  ? -1.428  9.348   -11.243 1.00 25.72 ? 83   GLU A CG  1 
ATOM   631  C CD  . GLU A 1 82  ? -1.305  9.573   -12.739 1.00 28.35 ? 83   GLU A CD  1 
ATOM   632  O OE1 . GLU A 1 82  ? -0.284  9.155   -13.326 1.00 28.34 ? 83   GLU A OE1 1 
ATOM   633  O OE2 . GLU A 1 82  ? -2.229  10.178  -13.324 1.00 29.40 ? 83   GLU A OE2 1 
ATOM   634  N N   . SER A 1 83  ? -2.417  9.000   -8.138  1.00 20.18 ? 84   SER A N   1 
ATOM   635  C CA  . SER A 1 83  ? -3.756  8.753   -7.615  1.00 20.01 ? 84   SER A CA  1 
ATOM   636  C C   . SER A 1 83  ? -4.800  9.165   -8.640  1.00 21.32 ? 84   SER A C   1 
ATOM   637  O O   . SER A 1 83  ? -4.485  9.837   -9.627  1.00 20.82 ? 84   SER A O   1 
ATOM   638  C CB  . SER A 1 83  ? -3.989  9.556   -6.341  1.00 20.60 ? 84   SER A CB  1 
ATOM   639  O OG  . SER A 1 83  ? -4.245  10.918  -6.649  1.00 19.43 ? 84   SER A OG  1 
ATOM   640  N N   . ILE A 1 84  ? -6.045  8.766   -8.396  1.00 21.32 ? 85   ILE A N   1 
ATOM   641  C CA  . ILE A 1 84  ? -7.147  9.106   -9.285  1.00 21.33 ? 85   ILE A CA  1 
ATOM   642  C C   . ILE A 1 84  ? -7.470  10.598  -9.160  1.00 22.67 ? 85   ILE A C   1 
ATOM   643  O O   . ILE A 1 84  ? -8.323  11.121  -9.877  1.00 23.30 ? 85   ILE A O   1 
ATOM   644  C CB  . ILE A 1 84  ? -8.410  8.277   -8.946  1.00 20.81 ? 85   ILE A CB  1 
ATOM   645  C CG1 . ILE A 1 84  ? -8.906  8.636   -7.541  1.00 20.41 ? 85   ILE A CG1 1 
ATOM   646  C CG2 . ILE A 1 84  ? -8.090  6.782   -9.047  1.00 17.03 ? 85   ILE A CG2 1 
ATOM   647  C CD1 . ILE A 1 84  ? -10.139 7.864   -7.096  1.00 20.93 ? 85   ILE A CD1 1 
ATOM   648  N N   . TYR A 1 85  ? -6.779  11.275  -8.246  1.00 23.16 ? 86   TYR A N   1 
ATOM   649  C CA  . TYR A 1 85  ? -6.979  12.706  -8.019  1.00 24.16 ? 86   TYR A CA  1 
ATOM   650  C C   . TYR A 1 85  ? -5.787  13.489  -8.560  1.00 24.75 ? 86   TYR A C   1 
ATOM   651  O O   . TYR A 1 85  ? -5.705  14.704  -8.389  1.00 27.00 ? 86   TYR A O   1 
ATOM   652  C CB  . TYR A 1 85  ? -7.121  13.004  -6.520  1.00 23.69 ? 86   TYR A CB  1 
ATOM   653  C CG  . TYR A 1 85  ? -8.156  12.164  -5.806  1.00 24.29 ? 86   TYR A CG  1 
ATOM   654  C CD1 . TYR A 1 85  ? -9.490  12.176  -6.205  1.00 22.20 ? 86   TYR A CD1 1 
ATOM   655  C CD2 . TYR A 1 85  ? -7.795  11.345  -4.732  1.00 24.09 ? 86   TYR A CD2 1 
ATOM   656  C CE1 . TYR A 1 85  ? -10.441 11.393  -5.556  1.00 23.49 ? 86   TYR A CE1 1 
ATOM   657  C CE2 . TYR A 1 85  ? -8.737  10.558  -4.077  1.00 22.76 ? 86   TYR A CE2 1 
ATOM   658  C CZ  . TYR A 1 85  ? -10.057 10.584  -4.492  1.00 23.06 ? 86   TYR A CZ  1 
ATOM   659  O OH  . TYR A 1 85  ? -10.987 9.796   -3.858  1.00 22.29 ? 86   TYR A OH  1 
ATOM   660  N N   . GLY A 1 86  ? -4.864  12.783  -9.204  1.00 24.59 ? 87   GLY A N   1 
ATOM   661  C CA  . GLY A 1 86  ? -3.687  13.429  -9.751  1.00 25.78 ? 87   GLY A CA  1 
ATOM   662  C C   . GLY A 1 86  ? -2.409  12.892  -9.137  1.00 26.24 ? 87   GLY A C   1 
ATOM   663  O O   . GLY A 1 86  ? -2.429  11.871  -8.446  1.00 26.29 ? 87   GLY A O   1 
ATOM   664  N N   . ARG A 1 87  ? -1.295  13.578  -9.380  1.00 25.02 ? 88   ARG A N   1 
ATOM   665  C CA  . ARG A 1 87  ? -0.008  13.150  -8.849  1.00 26.07 ? 88   ARG A CA  1 
ATOM   666  C C   . ARG A 1 87  ? -0.031  13.014  -7.329  1.00 25.87 ? 88   ARG A C   1 
ATOM   667  O O   . ARG A 1 87  ? 0.742   12.244  -6.758  1.00 25.25 ? 88   ARG A O   1 
ATOM   668  C CB  . ARG A 1 87  ? 1.096   14.133  -9.254  1.00 27.08 ? 88   ARG A CB  1 
ATOM   669  C CG  . ARG A 1 87  ? 2.506   13.661  -8.883  1.00 31.27 ? 88   ARG A CG  1 
ATOM   670  C CD  . ARG A 1 87  ? 2.847   12.326  -9.559  1.00 33.58 ? 88   ARG A CD  1 
ATOM   671  N NE  . ARG A 1 87  ? 4.181   11.838  -9.210  1.00 34.78 ? 88   ARG A NE  1 
ATOM   672  C CZ  . ARG A 1 87  ? 4.533   11.395  -8.004  1.00 36.82 ? 88   ARG A CZ  1 
ATOM   673  N NH1 . ARG A 1 87  ? 3.647   11.371  -7.013  1.00 33.87 ? 88   ARG A NH1 1 
ATOM   674  N NH2 . ARG A 1 87  ? 5.776   10.983  -7.785  1.00 35.87 ? 88   ARG A NH2 1 
ATOM   675  N N   . SER A 1 88  ? -0.911  13.764  -6.674  1.00 25.35 ? 89   SER A N   1 
ATOM   676  C CA  . SER A 1 88  ? -1.010  13.697  -5.223  1.00 25.80 ? 89   SER A CA  1 
ATOM   677  C C   . SER A 1 88  ? -2.280  14.345  -4.688  1.00 25.26 ? 89   SER A C   1 
ATOM   678  O O   . SER A 1 88  ? -2.888  15.195  -5.344  1.00 25.22 ? 89   SER A O   1 
ATOM   679  C CB  . SER A 1 88  ? 0.202   14.374  -4.579  1.00 26.80 ? 89   SER A CB  1 
ATOM   680  O OG  . SER A 1 88  ? 0.146   15.781  -4.732  1.00 28.81 ? 89   SER A OG  1 
ATOM   681  N N   . PHE A 1 89  ? -2.686  13.927  -3.494  1.00 22.90 ? 90   PHE A N   1 
ATOM   682  C CA  . PHE A 1 89  ? -3.860  14.500  -2.864  1.00 20.73 ? 90   PHE A CA  1 
ATOM   683  C C   . PHE A 1 89  ? -3.636  14.693  -1.373  1.00 20.67 ? 90   PHE A C   1 
ATOM   684  O O   . PHE A 1 89  ? -2.786  14.043  -0.760  1.00 19.85 ? 90   PHE A O   1 
ATOM   685  C CB  . PHE A 1 89  ? -5.119  13.657  -3.125  1.00 20.74 ? 90   PHE A CB  1 
ATOM   686  C CG  . PHE A 1 89  ? -5.075  12.270  -2.549  1.00 20.14 ? 90   PHE A CG  1 
ATOM   687  C CD1 . PHE A 1 89  ? -4.386  11.252  -3.199  1.00 20.14 ? 90   PHE A CD1 1 
ATOM   688  C CD2 . PHE A 1 89  ? -5.776  11.969  -1.384  1.00 18.42 ? 90   PHE A CD2 1 
ATOM   689  C CE1 . PHE A 1 89  ? -4.399  9.950   -2.701  1.00 18.84 ? 90   PHE A CE1 1 
ATOM   690  C CE2 . PHE A 1 89  ? -5.797  10.674  -0.879  1.00 18.90 ? 90   PHE A CE2 1 
ATOM   691  C CZ  . PHE A 1 89  ? -5.107  9.660   -1.541  1.00 18.44 ? 90   PHE A CZ  1 
ATOM   692  N N   . THR A 1 90  ? -4.408  15.610  -0.807  1.00 20.05 ? 91   THR A N   1 
ATOM   693  C CA  . THR A 1 90  ? -4.323  15.978  0.597   1.00 20.72 ? 91   THR A CA  1 
ATOM   694  C C   . THR A 1 90  ? -4.569  14.867  1.611   1.00 19.10 ? 91   THR A C   1 
ATOM   695  O O   . THR A 1 90  ? -5.245  13.873  1.323   1.00 18.11 ? 91   THR A O   1 
ATOM   696  C CB  . THR A 1 90  ? -5.317  17.105  0.901   1.00 21.20 ? 91   THR A CB  1 
ATOM   697  O OG1 . THR A 1 90  ? -6.638  16.651  0.592   1.00 24.09 ? 91   THR A OG1 1 
ATOM   698  C CG2 . THR A 1 90  ? -5.005  18.341  0.059   1.00 24.20 ? 91   THR A CG2 1 
ATOM   699  N N   . ASP A 1 91  ? -4.015  15.058  2.806   1.00 17.46 ? 92   ASP A N   1 
ATOM   700  C CA  . ASP A 1 91  ? -4.198  14.116  3.903   1.00 18.83 ? 92   ASP A CA  1 
ATOM   701  C C   . ASP A 1 91  ? -5.626  14.313  4.411   1.00 18.22 ? 92   ASP A C   1 
ATOM   702  O O   . ASP A 1 91  ? -5.978  15.386  4.897   1.00 19.62 ? 92   ASP A O   1 
ATOM   703  C CB  . ASP A 1 91  ? -3.201  14.400  5.031   1.00 17.34 ? 92   ASP A CB  1 
ATOM   704  C CG  . ASP A 1 91  ? -1.762  14.128  4.623   1.00 19.14 ? 92   ASP A CG  1 
ATOM   705  O OD1 . ASP A 1 91  ? -1.493  13.042  4.062   1.00 18.29 ? 92   ASP A OD1 1 
ATOM   706  O OD2 . ASP A 1 91  ? -0.898  14.991  4.875   1.00 17.96 ? 92   ASP A OD2 1 
ATOM   707  N N   . GLU A 1 92  ? -6.445  13.277  4.293   1.00 17.90 ? 93   GLU A N   1 
ATOM   708  C CA  . GLU A 1 92  ? -7.839  13.356  4.711   1.00 17.38 ? 93   GLU A CA  1 
ATOM   709  C C   . GLU A 1 92  ? -7.956  13.592  6.218   1.00 17.35 ? 93   GLU A C   1 
ATOM   710  O O   . GLU A 1 92  ? -8.455  14.628  6.654   1.00 17.63 ? 93   GLU A O   1 
ATOM   711  C CB  . GLU A 1 92  ? -8.548  12.075  4.291   1.00 18.18 ? 93   GLU A CB  1 
ATOM   712  C CG  . GLU A 1 92  ? -10.050 12.147  4.290   1.00 20.02 ? 93   GLU A CG  1 
ATOM   713  C CD  . GLU A 1 92  ? -10.654 11.103  3.370   1.00 21.04 ? 93   GLU A CD  1 
ATOM   714  O OE1 . GLU A 1 92  ? -9.922  10.166  2.975   1.00 19.95 ? 93   GLU A OE1 1 
ATOM   715  O OE2 . GLU A 1 92  ? -11.854 11.216  3.050   1.00 23.67 ? 93   GLU A OE2 1 
ATOM   716  N N   . ASN A 1 93  ? -7.515  12.622  7.008   1.00 15.12 ? 94   ASN A N   1 
ATOM   717  C CA  . ASN A 1 93  ? -7.519  12.749  8.460   1.00 16.21 ? 94   ASN A CA  1 
ATOM   718  C C   . ASN A 1 93  ? -6.651  11.634  9.014   1.00 15.82 ? 94   ASN A C   1 
ATOM   719  O O   . ASN A 1 93  ? -6.260  10.723  8.284   1.00 17.81 ? 94   ASN A O   1 
ATOM   720  C CB  . ASN A 1 93  ? -8.943  12.675  9.041   1.00 16.73 ? 94   ASN A CB  1 
ATOM   721  C CG  . ASN A 1 93  ? -9.533  11.278  8.998   1.00 17.27 ? 94   ASN A CG  1 
ATOM   722  O OD1 . ASN A 1 93  ? -9.014  10.349  9.618   1.00 16.21 ? 94   ASN A OD1 1 
ATOM   723  N ND2 . ASN A 1 93  ? -10.632 11.126  8.270   1.00 16.91 ? 94   ASN A ND2 1 
ATOM   724  N N   . PHE A 1 94  ? -6.334  11.711  10.297  1.00 15.43 ? 95   PHE A N   1 
ATOM   725  C CA  . PHE A 1 94  ? -5.484  10.709  10.915  1.00 17.61 ? 95   PHE A CA  1 
ATOM   726  C C   . PHE A 1 94  ? -6.159  10.059  12.116  1.00 18.77 ? 95   PHE A C   1 
ATOM   727  O O   . PHE A 1 94  ? -5.506  9.717   13.106  1.00 19.44 ? 95   PHE A O   1 
ATOM   728  C CB  . PHE A 1 94  ? -4.165  11.362  11.318  1.00 15.27 ? 95   PHE A CB  1 
ATOM   729  C CG  . PHE A 1 94  ? -3.411  11.953  10.154  1.00 16.73 ? 95   PHE A CG  1 
ATOM   730  C CD1 . PHE A 1 94  ? -2.700  11.131  9.282   1.00 15.55 ? 95   PHE A CD1 1 
ATOM   731  C CD2 . PHE A 1 94  ? -3.456  13.323  9.901   1.00 14.86 ? 95   PHE A CD2 1 
ATOM   732  C CE1 . PHE A 1 94  ? -2.044  11.665  8.173   1.00 15.94 ? 95   PHE A CE1 1 
ATOM   733  C CE2 . PHE A 1 94  ? -2.803  13.870  8.791   1.00 15.73 ? 95   PHE A CE2 1 
ATOM   734  C CZ  . PHE A 1 94  ? -2.097  13.040  7.927   1.00 13.74 ? 95   PHE A CZ  1 
ATOM   735  N N   . ASN A 1 95  ? -7.473  9.892   12.019  1.00 16.72 ? 96   ASN A N   1 
ATOM   736  C CA  . ASN A 1 95  ? -8.245  9.281   13.094  1.00 16.80 ? 96   ASN A CA  1 
ATOM   737  C C   . ASN A 1 95  ? -7.692  7.911   13.483  1.00 16.71 ? 96   ASN A C   1 
ATOM   738  O O   . ASN A 1 95  ? -7.484  7.632   14.664  1.00 15.51 ? 96   ASN A O   1 
ATOM   739  C CB  . ASN A 1 95  ? -9.714  9.156   12.677  1.00 15.83 ? 96   ASN A CB  1 
ATOM   740  C CG  . ASN A 1 95  ? -10.397 10.508  12.533  1.00 17.58 ? 96   ASN A CG  1 
ATOM   741  O OD1 . ASN A 1 95  ? -11.596 10.587  12.261  1.00 19.80 ? 96   ASN A OD1 1 
ATOM   742  N ND2 . ASN A 1 95  ? -9.634  11.582  12.723  1.00 17.07 ? 96   ASN A ND2 1 
ATOM   743  N N   . MET A 1 96  ? -7.446  7.060   12.489  1.00 17.35 ? 97   MET A N   1 
ATOM   744  C CA  . MET A 1 96  ? -6.922  5.721   12.754  1.00 17.86 ? 97   MET A CA  1 
ATOM   745  C C   . MET A 1 96  ? -5.405  5.753   12.932  1.00 17.11 ? 97   MET A C   1 
ATOM   746  O O   . MET A 1 96  ? -4.704  6.468   12.216  1.00 16.84 ? 97   MET A O   1 
ATOM   747  C CB  . MET A 1 96  ? -7.308  4.767   11.619  1.00 17.69 ? 97   MET A CB  1 
ATOM   748  C CG  . MET A 1 96  ? -8.815  4.540   11.475  1.00 19.21 ? 97   MET A CG  1 
ATOM   749  S SD  . MET A 1 96  ? -9.612  3.772   12.926  1.00 21.83 ? 97   MET A SD  1 
ATOM   750  C CE  . MET A 1 96  ? -9.321  2.028   12.596  1.00 24.59 ? 97   MET A CE  1 
ATOM   751  N N   . LYS A 1 97  ? -4.909  4.981   13.896  1.00 16.67 ? 98   LYS A N   1 
ATOM   752  C CA  . LYS A 1 97  ? -3.480  4.924   14.191  1.00 16.74 ? 98   LYS A CA  1 
ATOM   753  C C   . LYS A 1 97  ? -2.900  3.568   13.812  1.00 16.68 ? 98   LYS A C   1 
ATOM   754  O O   . LYS A 1 97  ? -3.641  2.603   13.595  1.00 15.66 ? 98   LYS A O   1 
ATOM   755  C CB  . LYS A 1 97  ? -3.234  5.164   15.684  1.00 17.22 ? 98   LYS A CB  1 
ATOM   756  C CG  . LYS A 1 97  ? -4.030  6.309   16.288  1.00 20.48 ? 98   LYS A CG  1 
ATOM   757  C CD  . LYS A 1 97  ? -3.700  7.637   15.628  1.00 23.29 ? 98   LYS A CD  1 
ATOM   758  C CE  . LYS A 1 97  ? -4.560  8.758   16.199  1.00 25.13 ? 98   LYS A CE  1 
ATOM   759  N NZ  . LYS A 1 97  ? -4.309  10.040  15.490  1.00 26.90 ? 98   LYS A NZ  1 
ATOM   760  N N   . HIS A 1 98  ? -1.570  3.501   13.750  1.00 15.06 ? 99   HIS A N   1 
ATOM   761  C CA  . HIS A 1 98  ? -0.859  2.272   13.399  1.00 16.05 ? 99   HIS A CA  1 
ATOM   762  C C   . HIS A 1 98  ? -0.614  1.485   14.684  1.00 18.26 ? 99   HIS A C   1 
ATOM   763  O O   . HIS A 1 98  ? 0.531   1.196   15.032  1.00 17.71 ? 99   HIS A O   1 
ATOM   764  C CB  . HIS A 1 98  ? 0.495   2.602   12.750  1.00 13.33 ? 99   HIS A CB  1 
ATOM   765  C CG  . HIS A 1 98  ? 0.409   3.565   11.606  1.00 12.59 ? 99   HIS A CG  1 
ATOM   766  N ND1 . HIS A 1 98  ? 0.132   4.905   11.777  1.00 11.64 ? 99   HIS A ND1 1 
ATOM   767  C CD2 . HIS A 1 98  ? 0.588   3.385   10.273  1.00 11.35 ? 99   HIS A CD2 1 
ATOM   768  C CE1 . HIS A 1 98  ? 0.150   5.510   10.601  1.00 12.56 ? 99   HIS A CE1 1 
ATOM   769  N NE2 . HIS A 1 98  ? 0.424   4.610   9.673   1.00 10.79 ? 99   HIS A NE2 1 
ATOM   770  N N   . ASP A 1 99  ? -1.687  1.130   15.384  1.00 20.19 ? 100  ASP A N   1 
ATOM   771  C CA  . ASP A 1 99  ? -1.540  0.421   16.645  1.00 23.59 ? 100  ASP A CA  1 
ATOM   772  C C   . ASP A 1 99  ? -1.410  -1.093  16.561  1.00 23.51 ? 100  ASP A C   1 
ATOM   773  O O   . ASP A 1 99  ? -1.344  -1.760  17.589  1.00 22.59 ? 100  ASP A O   1 
ATOM   774  C CB  . ASP A 1 99  ? -2.684  0.802   17.597  1.00 27.05 ? 100  ASP A CB  1 
ATOM   775  C CG  . ASP A 1 99  ? -4.059  0.467   17.041  1.00 30.94 ? 100  ASP A CG  1 
ATOM   776  O OD1 . ASP A 1 99  ? -4.152  -0.199  15.989  1.00 32.49 ? 100  ASP A OD1 1 
ATOM   777  O OD2 . ASP A 1 99  ? -5.056  0.876   17.673  1.00 33.83 ? 100  ASP A OD2 1 
ATOM   778  N N   . GLN A 1 100 ? -1.348  -1.640  15.350  1.00 23.64 ? 101  GLN A N   1 
ATOM   779  C CA  . GLN A 1 100 ? -1.221  -3.088  15.206  1.00 24.19 ? 101  GLN A CA  1 
ATOM   780  C C   . GLN A 1 100 ? -0.746  -3.531  13.826  1.00 23.25 ? 101  GLN A C   1 
ATOM   781  O O   . GLN A 1 100 ? -0.729  -2.745  12.881  1.00 22.53 ? 101  GLN A O   1 
ATOM   782  C CB  . GLN A 1 100 ? -2.565  -3.751  15.505  1.00 27.36 ? 101  GLN A CB  1 
ATOM   783  C CG  . GLN A 1 100 ? -3.691  -3.256  14.620  1.00 31.08 ? 101  GLN A CG  1 
ATOM   784  C CD  . GLN A 1 100 ? -5.019  -3.897  14.956  1.00 34.31 ? 101  GLN A CD  1 
ATOM   785  O OE1 . GLN A 1 100 ? -5.449  -3.886  16.109  1.00 34.90 ? 101  GLN A OE1 1 
ATOM   786  N NE2 . GLN A 1 100 ? -5.685  -4.451  13.948  1.00 35.86 ? 101  GLN A NE2 1 
ATOM   787  N N   . PRO A 1 101 ? -0.340  -4.806  13.701  1.00 22.12 ? 102  PRO A N   1 
ATOM   788  C CA  . PRO A 1 101 ? 0.127   -5.351  12.424  1.00 21.39 ? 102  PRO A CA  1 
ATOM   789  C C   . PRO A 1 101 ? -1.081  -5.522  11.509  1.00 21.15 ? 102  PRO A C   1 
ATOM   790  O O   . PRO A 1 101 ? -2.218  -5.593  11.983  1.00 20.35 ? 102  PRO A O   1 
ATOM   791  C CB  . PRO A 1 101 ? 0.722   -6.709  12.815  1.00 22.65 ? 102  PRO A CB  1 
ATOM   792  C CG  . PRO A 1 101 ? 1.039   -6.562  14.276  1.00 23.28 ? 102  PRO A CG  1 
ATOM   793  C CD  . PRO A 1 101 ? -0.126  -5.774  14.790  1.00 21.34 ? 102  PRO A CD  1 
ATOM   794  N N   . GLY A 1 102 ? -0.844  -5.589  10.206  1.00 19.65 ? 103  GLY A N   1 
ATOM   795  C CA  . GLY A 1 102 ? -1.947  -5.779  9.283   1.00 19.88 ? 103  GLY A CA  1 
ATOM   796  C C   . GLY A 1 102 ? -2.741  -4.541  8.903   1.00 19.86 ? 103  GLY A C   1 
ATOM   797  O O   . GLY A 1 102 ? -3.839  -4.656  8.356   1.00 19.89 ? 103  GLY A O   1 
ATOM   798  N N   . LEU A 1 103 ? -2.203  -3.359  9.185   1.00 19.61 ? 104  LEU A N   1 
ATOM   799  C CA  . LEU A 1 103 ? -2.890  -2.121  8.833   1.00 18.22 ? 104  LEU A CA  1 
ATOM   800  C C   . LEU A 1 103 ? -2.430  -1.599  7.467   1.00 18.74 ? 104  LEU A C   1 
ATOM   801  O O   . LEU A 1 103 ? -1.258  -1.717  7.091   1.00 13.33 ? 104  LEU A O   1 
ATOM   802  C CB  . LEU A 1 103 ? -2.657  -1.050  9.906   1.00 20.74 ? 104  LEU A CB  1 
ATOM   803  C CG  . LEU A 1 103 ? -3.281  -1.316  11.284  1.00 21.84 ? 104  LEU A CG  1 
ATOM   804  C CD1 . LEU A 1 103 ? -3.005  -0.140  12.211  1.00 22.11 ? 104  LEU A CD1 1 
ATOM   805  C CD2 . LEU A 1 103 ? -4.787  -1.531  11.139  1.00 22.38 ? 104  LEU A CD2 1 
ATOM   806  N N   . LEU A 1 104 ? -3.373  -1.035  6.722   1.00 17.51 ? 105  LEU A N   1 
ATOM   807  C CA  . LEU A 1 104 ? -3.092  -0.491  5.399   1.00 17.38 ? 105  LEU A CA  1 
ATOM   808  C C   . LEU A 1 104 ? -3.000  1.021   5.580   1.00 17.04 ? 105  LEU A C   1 
ATOM   809  O O   . LEU A 1 104 ? -3.964  1.664   6.006   1.00 16.83 ? 105  LEU A O   1 
ATOM   810  C CB  . LEU A 1 104 ? -4.232  -0.861  4.445   1.00 18.54 ? 105  LEU A CB  1 
ATOM   811  C CG  . LEU A 1 104 ? -4.041  -0.727  2.935   1.00 20.92 ? 105  LEU A CG  1 
ATOM   812  C CD1 . LEU A 1 104 ? -2.800  -1.484  2.477   1.00 18.82 ? 105  LEU A CD1 1 
ATOM   813  C CD2 . LEU A 1 104 ? -5.286  -1.267  2.242   1.00 18.87 ? 105  LEU A CD2 1 
ATOM   814  N N   . SER A 1 105 ? -1.837  1.584   5.264   1.00 14.47 ? 106  SER A N   1 
ATOM   815  C CA  . SER A 1 105 ? -1.627  3.017   5.433   1.00 14.32 ? 106  SER A CA  1 
ATOM   816  C C   . SER A 1 105 ? -0.962  3.642   4.201   1.00 13.79 ? 106  SER A C   1 
ATOM   817  O O   . SER A 1 105 ? -0.279  2.962   3.436   1.00 13.10 ? 106  SER A O   1 
ATOM   818  C CB  . SER A 1 105 ? -0.775  3.241   6.688   1.00 13.57 ? 106  SER A CB  1 
ATOM   819  O OG  . SER A 1 105 ? -0.634  4.612   7.012   1.00 15.37 ? 106  SER A OG  1 
ATOM   820  N N   . MET A 1 106 ? -1.166  4.942   4.010   1.00 13.91 ? 107  MET A N   1 
ATOM   821  C CA  . MET A 1 106 ? -0.592  5.634   2.855   1.00 12.67 ? 107  MET A CA  1 
ATOM   822  C C   . MET A 1 106 ? 0.858   6.062   3.034   1.00 11.21 ? 107  MET A C   1 
ATOM   823  O O   . MET A 1 106 ? 1.218   6.658   4.048   1.00 9.95  ? 107  MET A O   1 
ATOM   824  C CB  . MET A 1 106 ? -1.415  6.884   2.512   1.00 13.48 ? 107  MET A CB  1 
ATOM   825  C CG  . MET A 1 106 ? -2.793  6.608   1.927   1.00 13.27 ? 107  MET A CG  1 
ATOM   826  S SD  . MET A 1 106 ? -2.697  5.596   0.452   1.00 17.93 ? 107  MET A SD  1 
ATOM   827  C CE  . MET A 1 106 ? -2.145  6.795   -0.769  1.00 18.11 ? 107  MET A CE  1 
ATOM   828  N N   . ALA A 1 107 ? 1.690   5.752   2.045   1.00 10.07 ? 108  ALA A N   1 
ATOM   829  C CA  . ALA A 1 107 ? 3.080   6.177   2.079   1.00 12.35 ? 108  ALA A CA  1 
ATOM   830  C C   . ALA A 1 107 ? 3.000   7.583   1.484   1.00 15.78 ? 108  ALA A C   1 
ATOM   831  O O   . ALA A 1 107 ? 2.031   7.905   0.792   1.00 16.92 ? 108  ALA A O   1 
ATOM   832  C CB  . ALA A 1 107 ? 3.936   5.276   1.191   1.00 12.64 ? 108  ALA A CB  1 
ATOM   833  N N   . ASN A 1 108 ? 3.986   8.429   1.752   1.00 16.67 ? 109  ASN A N   1 
ATOM   834  C CA  . ASN A 1 108 ? 3.951   9.777   1.194   1.00 17.61 ? 109  ASN A CA  1 
ATOM   835  C C   . ASN A 1 108 ? 5.332   10.417  1.207   1.00 18.13 ? 109  ASN A C   1 
ATOM   836  O O   . ASN A 1 108 ? 6.311   9.779   1.582   1.00 20.20 ? 109  ASN A O   1 
ATOM   837  C CB  . ASN A 1 108 ? 2.957   10.652  1.972   1.00 17.31 ? 109  ASN A CB  1 
ATOM   838  C CG  . ASN A 1 108 ? 3.366   10.868  3.417   1.00 15.76 ? 109  ASN A CG  1 
ATOM   839  O OD1 . ASN A 1 108 ? 4.503   11.243  3.701   1.00 14.75 ? 109  ASN A OD1 1 
ATOM   840  N ND2 . ASN A 1 108 ? 2.430   10.646  4.340   1.00 13.64 ? 109  ASN A ND2 1 
ATOM   841  N N   . ALA A 1 109 ? 5.405   11.672  0.781   1.00 18.66 ? 110  ALA A N   1 
ATOM   842  C CA  . ALA A 1 109 ? 6.664   12.404  0.753   1.00 18.77 ? 110  ALA A CA  1 
ATOM   843  C C   . ALA A 1 109 ? 6.467   13.704  1.522   1.00 19.84 ? 110  ALA A C   1 
ATOM   844  O O   . ALA A 1 109 ? 6.911   14.771  1.099   1.00 20.61 ? 110  ALA A O   1 
ATOM   845  C CB  . ALA A 1 109 ? 7.076   12.693  -0.684  1.00 18.37 ? 110  ALA A CB  1 
ATOM   846  N N   . GLY A 1 110 ? 5.795   13.600  2.660   1.00 18.54 ? 111  GLY A N   1 
ATOM   847  C CA  . GLY A 1 110 ? 5.536   14.772  3.469   1.00 18.64 ? 111  GLY A CA  1 
ATOM   848  C C   . GLY A 1 110 ? 4.062   15.127  3.427   1.00 18.58 ? 111  GLY A C   1 
ATOM   849  O O   . GLY A 1 110 ? 3.277   14.443  2.765   1.00 18.90 ? 111  GLY A O   1 
ATOM   850  N N   . PRO A 1 111 ? 3.652   16.194  4.127   1.00 18.40 ? 112  PRO A N   1 
ATOM   851  C CA  . PRO A 1 111 ? 2.254   16.628  4.158   1.00 19.11 ? 112  PRO A CA  1 
ATOM   852  C C   . PRO A 1 111 ? 1.567   16.685  2.789   1.00 18.81 ? 112  PRO A C   1 
ATOM   853  O O   . PRO A 1 111 ? 2.146   17.141  1.805   1.00 18.83 ? 112  PRO A O   1 
ATOM   854  C CB  . PRO A 1 111 ? 2.343   18.003  4.817   1.00 17.83 ? 112  PRO A CB  1 
ATOM   855  C CG  . PRO A 1 111 ? 3.455   17.800  5.814   1.00 17.46 ? 112  PRO A CG  1 
ATOM   856  C CD  . PRO A 1 111 ? 4.487   17.049  4.990   1.00 18.49 ? 112  PRO A CD  1 
ATOM   857  N N   . ASN A 1 112 ? 0.334   16.196  2.746   1.00 18.48 ? 113  ASN A N   1 
ATOM   858  C CA  . ASN A 1 112 ? -0.484  16.213  1.539   1.00 19.12 ? 113  ASN A CA  1 
ATOM   859  C C   . ASN A 1 112 ? 0.191   15.757  0.248   1.00 19.47 ? 113  ASN A C   1 
ATOM   860  O O   . ASN A 1 112 ? 0.098   16.438  -0.772  1.00 18.86 ? 113  ASN A O   1 
ATOM   861  C CB  . ASN A 1 112 ? -1.046  17.622  1.341   1.00 18.42 ? 113  ASN A CB  1 
ATOM   862  C CG  . ASN A 1 112 ? -1.734  18.145  2.579   1.00 20.01 ? 113  ASN A CG  1 
ATOM   863  O OD1 . ASN A 1 112 ? -2.700  17.556  3.058   1.00 19.01 ? 113  ASN A OD1 1 
ATOM   864  N ND2 . ASN A 1 112 ? -1.238  19.255  3.109   1.00 20.45 ? 113  ASN A ND2 1 
ATOM   865  N N   . THR A 1 113 ? 0.848   14.602  0.277   1.00 18.30 ? 114  THR A N   1 
ATOM   866  C CA  . THR A 1 113 ? 1.509   14.100  -0.920  1.00 19.00 ? 114  THR A CA  1 
ATOM   867  C C   . THR A 1 113 ? 1.167   12.637  -1.197  1.00 19.06 ? 114  THR A C   1 
ATOM   868  O O   . THR A 1 113 ? 1.996   11.877  -1.699  1.00 19.81 ? 114  THR A O   1 
ATOM   869  C CB  . THR A 1 113 ? 3.043   14.255  -0.821  1.00 19.08 ? 114  THR A CB  1 
ATOM   870  O OG1 . THR A 1 113 ? 3.532   13.493  0.286   1.00 20.22 ? 114  THR A OG1 1 
ATOM   871  C CG2 . THR A 1 113 ? 3.421   15.722  -0.625  1.00 21.95 ? 114  THR A CG2 1 
ATOM   872  N N   . ASN A 1 114 ? -0.063  12.253  -0.870  1.00 18.03 ? 115  ASN A N   1 
ATOM   873  C CA  . ASN A 1 114 ? -0.546  10.896  -1.093  1.00 16.61 ? 115  ASN A CA  1 
ATOM   874  C C   . ASN A 1 114 ? -0.759  10.655  -2.581  1.00 17.07 ? 115  ASN A C   1 
ATOM   875  O O   . ASN A 1 114 ? -1.261  11.528  -3.285  1.00 17.45 ? 115  ASN A O   1 
ATOM   876  C CB  . ASN A 1 114 ? -1.883  10.695  -0.376  1.00 15.55 ? 115  ASN A CB  1 
ATOM   877  C CG  . ASN A 1 114 ? -1.771  10.863  1.117   1.00 16.33 ? 115  ASN A CG  1 
ATOM   878  O OD1 . ASN A 1 114 ? -1.187  10.024  1.805   1.00 15.79 ? 115  ASN A OD1 1 
ATOM   879  N ND2 . ASN A 1 114 ? -2.325  11.951  1.633   1.00 14.78 ? 115  ASN A ND2 1 
ATOM   880  N N   . SER A 1 115 ? -0.372  9.475   -3.059  1.00 16.57 ? 116  SER A N   1 
ATOM   881  C CA  . SER A 1 115 ? -0.567  9.122   -4.457  1.00 16.90 ? 116  SER A CA  1 
ATOM   882  C C   . SER A 1 115 ? -1.130  7.705   -4.517  1.00 16.70 ? 116  SER A C   1 
ATOM   883  O O   . SER A 1 115 ? -2.298  7.489   -4.195  1.00 17.01 ? 116  SER A O   1 
ATOM   884  C CB  . SER A 1 115 ? 0.749   9.223   -5.244  1.00 19.35 ? 116  SER A CB  1 
ATOM   885  O OG  . SER A 1 115 ? 1.764   8.419   -4.673  1.00 26.60 ? 116  SER A OG  1 
ATOM   886  N N   . SER A 1 116 ? -0.309  6.736   -4.909  1.00 15.80 ? 117  SER A N   1 
ATOM   887  C CA  . SER A 1 116 ? -0.775  5.354   -4.992  1.00 15.73 ? 117  SER A CA  1 
ATOM   888  C C   . SER A 1 116 ? -0.001  4.422   -4.064  1.00 16.31 ? 117  SER A C   1 
ATOM   889  O O   . SER A 1 116 ? -0.419  3.289   -3.825  1.00 14.67 ? 117  SER A O   1 
ATOM   890  C CB  . SER A 1 116 ? -0.646  4.844   -6.422  1.00 14.24 ? 117  SER A CB  1 
ATOM   891  O OG  . SER A 1 116 ? 0.677   5.032   -6.886  1.00 13.75 ? 117  SER A OG  1 
ATOM   892  N N   . GLN A 1 117 ? 1.125   4.896   -3.544  1.00 16.35 ? 118  GLN A N   1 
ATOM   893  C CA  . GLN A 1 117 ? 1.932   4.067   -2.663  1.00 16.91 ? 118  GLN A CA  1 
ATOM   894  C C   . GLN A 1 117 ? 1.310   3.894   -1.290  1.00 16.87 ? 118  GLN A C   1 
ATOM   895  O O   . GLN A 1 117 ? 0.754   4.833   -0.714  1.00 16.11 ? 118  GLN A O   1 
ATOM   896  C CB  . GLN A 1 117 ? 3.347   4.631   -2.558  1.00 16.98 ? 118  GLN A CB  1 
ATOM   897  C CG  . GLN A 1 117 ? 4.121   4.476   -3.864  1.00 16.19 ? 118  GLN A CG  1 
ATOM   898  C CD  . GLN A 1 117 ? 5.570   4.873   -3.742  1.00 17.53 ? 118  GLN A CD  1 
ATOM   899  O OE1 . GLN A 1 117 ? 6.332   4.255   -2.999  1.00 17.39 ? 118  GLN A OE1 1 
ATOM   900  N NE2 . GLN A 1 117 ? 5.962   5.917   -4.468  1.00 15.14 ? 118  GLN A NE2 1 
ATOM   901  N N   . PHE A 1 118 ? 1.420   2.676   -0.775  1.00 15.61 ? 119  PHE A N   1 
ATOM   902  C CA  . PHE A 1 118 ? 0.849   2.300   0.514   1.00 15.94 ? 119  PHE A CA  1 
ATOM   903  C C   . PHE A 1 118 ? 1.789   1.306   1.189   1.00 15.34 ? 119  PHE A C   1 
ATOM   904  O O   . PHE A 1 118 ? 2.753   0.825   0.581   1.00 15.70 ? 119  PHE A O   1 
ATOM   905  C CB  . PHE A 1 118 ? -0.483  1.597   0.269   1.00 14.35 ? 119  PHE A CB  1 
ATOM   906  C CG  . PHE A 1 118 ? -0.331  0.315   -0.513  1.00 16.03 ? 119  PHE A CG  1 
ATOM   907  C CD1 . PHE A 1 118 ? -0.323  0.334   -1.906  1.00 14.56 ? 119  PHE A CD1 1 
ATOM   908  C CD2 . PHE A 1 118 ? -0.091  -0.892  0.138   1.00 14.66 ? 119  PHE A CD2 1 
ATOM   909  C CE1 . PHE A 1 118 ? -0.071  -0.827  -2.636  1.00 15.59 ? 119  PHE A CE1 1 
ATOM   910  C CE2 . PHE A 1 118 ? 0.160   -2.054  -0.585  1.00 17.15 ? 119  PHE A CE2 1 
ATOM   911  C CZ  . PHE A 1 118 ? 0.171   -2.021  -1.976  1.00 15.23 ? 119  PHE A CZ  1 
ATOM   912  N N   . PHE A 1 119 ? 1.501   0.989   2.442   1.00 14.40 ? 120  PHE A N   1 
ATOM   913  C CA  . PHE A 1 119 ? 2.300   0.014   3.161   1.00 16.46 ? 120  PHE A CA  1 
ATOM   914  C C   . PHE A 1 119 ? 1.418   -0.755  4.132   1.00 17.19 ? 120  PHE A C   1 
ATOM   915  O O   . PHE A 1 119 ? 0.369   -0.260  4.561   1.00 17.37 ? 120  PHE A O   1 
ATOM   916  C CB  . PHE A 1 119 ? 3.485   0.688   3.874   1.00 15.37 ? 120  PHE A CB  1 
ATOM   917  C CG  . PHE A 1 119 ? 3.102   1.655   4.967   1.00 16.27 ? 120  PHE A CG  1 
ATOM   918  C CD1 . PHE A 1 119 ? 2.803   2.985   4.669   1.00 15.15 ? 120  PHE A CD1 1 
ATOM   919  C CD2 . PHE A 1 119 ? 3.112   1.257   6.300   1.00 14.92 ? 120  PHE A CD2 1 
ATOM   920  C CE1 . PHE A 1 119 ? 2.529   3.906   5.685   1.00 15.72 ? 120  PHE A CE1 1 
ATOM   921  C CE2 . PHE A 1 119 ? 2.840   2.170   7.323   1.00 15.53 ? 120  PHE A CE2 1 
ATOM   922  C CZ  . PHE A 1 119 ? 2.549   3.498   7.015   1.00 14.83 ? 120  PHE A CZ  1 
ATOM   923  N N   . ILE A 1 120 ? 1.823   -1.987  4.428   1.00 15.45 ? 121  ILE A N   1 
ATOM   924  C CA  . ILE A 1 120 ? 1.089   -2.850  5.342   1.00 13.95 ? 121  ILE A CA  1 
ATOM   925  C C   . ILE A 1 120 ? 1.983   -3.045  6.561   1.00 14.68 ? 121  ILE A C   1 
ATOM   926  O O   . ILE A 1 120 ? 3.119   -3.519  6.437   1.00 15.28 ? 121  ILE A O   1 
ATOM   927  C CB  . ILE A 1 120 ? 0.795   -4.222  4.695   1.00 14.27 ? 121  ILE A CB  1 
ATOM   928  C CG1 . ILE A 1 120 ? 0.070   -4.026  3.357   1.00 15.40 ? 121  ILE A CG1 1 
ATOM   929  C CG2 . ILE A 1 120 ? -0.052  -5.082  5.638   1.00 13.48 ? 121  ILE A CG2 1 
ATOM   930  C CD1 . ILE A 1 120 ? -0.211  -5.325  2.615   1.00 13.88 ? 121  ILE A CD1 1 
ATOM   931  N N   . THR A 1 121 ? 1.478   -2.672  7.733   1.00 14.48 ? 122  THR A N   1 
ATOM   932  C CA  . THR A 1 121 ? 2.254   -2.789  8.961   1.00 15.46 ? 122  THR A CA  1 
ATOM   933  C C   . THR A 1 121 ? 2.522   -4.231  9.381   1.00 17.26 ? 122  THR A C   1 
ATOM   934  O O   . THR A 1 121 ? 1.675   -5.117  9.208   1.00 14.95 ? 122  THR A O   1 
ATOM   935  C CB  . THR A 1 121 ? 1.561   -2.061  10.121  1.00 15.96 ? 122  THR A CB  1 
ATOM   936  O OG1 . THR A 1 121 ? 0.239   -2.583  10.296  1.00 15.98 ? 122  THR A OG1 1 
ATOM   937  C CG2 . THR A 1 121 ? 1.490   -0.560  9.841   1.00 15.96 ? 122  THR A CG2 1 
ATOM   938  N N   . LEU A 1 122 ? 3.712   -4.457  9.931   1.00 17.48 ? 123  LEU A N   1 
ATOM   939  C CA  . LEU A 1 122 ? 4.111   -5.779  10.396  1.00 17.67 ? 123  LEU A CA  1 
ATOM   940  C C   . LEU A 1 122 ? 4.185   -5.752  11.918  1.00 18.28 ? 123  LEU A C   1 
ATOM   941  O O   . LEU A 1 122 ? 4.293   -6.787  12.571  1.00 18.98 ? 123  LEU A O   1 
ATOM   942  C CB  . LEU A 1 122 ? 5.466   -6.157  9.794   1.00 16.79 ? 123  LEU A CB  1 
ATOM   943  C CG  . LEU A 1 122 ? 5.433   -6.331  8.275   1.00 16.61 ? 123  LEU A CG  1 
ATOM   944  C CD1 . LEU A 1 122 ? 6.838   -6.346  7.709   1.00 15.62 ? 123  LEU A CD1 1 
ATOM   945  C CD2 . LEU A 1 122 ? 4.683   -7.615  7.941   1.00 16.00 ? 123  LEU A CD2 1 
ATOM   946  N N   . VAL A 1 123 ? 4.118   -4.544  12.465  1.00 18.78 ? 124  VAL A N   1 
ATOM   947  C CA  . VAL A 1 123 ? 4.154   -4.315  13.904  1.00 18.80 ? 124  VAL A CA  1 
ATOM   948  C C   . VAL A 1 123 ? 3.522   -2.947  14.125  1.00 19.37 ? 124  VAL A C   1 
ATOM   949  O O   . VAL A 1 123 ? 3.237   -2.225  13.164  1.00 17.47 ? 124  VAL A O   1 
ATOM   950  C CB  . VAL A 1 123 ? 5.614   -4.251  14.456  1.00 19.22 ? 124  VAL A CB  1 
ATOM   951  C CG1 . VAL A 1 123 ? 6.361   -5.546  14.171  1.00 18.35 ? 124  VAL A CG1 1 
ATOM   952  C CG2 . VAL A 1 123 ? 6.351   -3.065  13.841  1.00 19.67 ? 124  VAL A CG2 1 
ATOM   953  N N   . PRO A 1 124 ? 3.263   -2.582  15.388  1.00 18.74 ? 125  PRO A N   1 
ATOM   954  C CA  . PRO A 1 124 ? 2.672   -1.258  15.591  1.00 19.28 ? 125  PRO A CA  1 
ATOM   955  C C   . PRO A 1 124 ? 3.732   -0.220  15.198  1.00 19.81 ? 125  PRO A C   1 
ATOM   956  O O   . PRO A 1 124 ? 4.915   -0.391  15.508  1.00 19.61 ? 125  PRO A O   1 
ATOM   957  C CB  . PRO A 1 124 ? 2.372   -1.242  17.089  1.00 19.77 ? 125  PRO A CB  1 
ATOM   958  C CG  . PRO A 1 124 ? 2.071   -2.679  17.382  1.00 19.62 ? 125  PRO A CG  1 
ATOM   959  C CD  . PRO A 1 124 ? 3.152   -3.401  16.607  1.00 19.26 ? 125  PRO A CD  1 
ATOM   960  N N   . CYS A 1 125 ? 3.312   0.839   14.509  1.00 19.20 ? 126  CYS A N   1 
ATOM   961  C CA  . CYS A 1 125 ? 4.230   1.899   14.078  1.00 19.02 ? 126  CYS A CA  1 
ATOM   962  C C   . CYS A 1 125 ? 3.734   3.257   14.572  1.00 18.86 ? 126  CYS A C   1 
ATOM   963  O O   . CYS A 1 125 ? 3.416   4.138   13.774  1.00 18.19 ? 126  CYS A O   1 
ATOM   964  C CB  . CYS A 1 125 ? 4.331   1.922   12.551  1.00 18.05 ? 126  CYS A CB  1 
ATOM   965  S SG  . CYS A 1 125 ? 4.921   0.387   11.807  1.00 17.79 ? 126  CYS A SG  1 
ATOM   966  N N   . PRO A 1 126 ? 3.682   3.446   15.901  1.00 18.24 ? 127  PRO A N   1 
ATOM   967  C CA  . PRO A 1 126 ? 3.228   4.672   16.570  1.00 18.16 ? 127  PRO A CA  1 
ATOM   968  C C   . PRO A 1 126 ? 3.897   5.953   16.078  1.00 18.63 ? 127  PRO A C   1 
ATOM   969  O O   . PRO A 1 126 ? 3.277   7.017   16.057  1.00 17.23 ? 127  PRO A O   1 
ATOM   970  C CB  . PRO A 1 126 ? 3.553   4.405   18.041  1.00 19.27 ? 127  PRO A CB  1 
ATOM   971  C CG  . PRO A 1 126 ? 3.516   2.923   18.145  1.00 21.14 ? 127  PRO A CG  1 
ATOM   972  C CD  . PRO A 1 126 ? 4.187   2.474   16.885  1.00 19.85 ? 127  PRO A CD  1 
ATOM   973  N N   . TRP A 1 127 ? 5.167   5.851   15.695  1.00 18.45 ? 128  TRP A N   1 
ATOM   974  C CA  . TRP A 1 127 ? 5.917   7.012   15.232  1.00 18.13 ? 128  TRP A CA  1 
ATOM   975  C C   . TRP A 1 127 ? 5.408   7.552   13.899  1.00 17.81 ? 128  TRP A C   1 
ATOM   976  O O   . TRP A 1 127 ? 5.849   8.611   13.445  1.00 17.86 ? 128  TRP A O   1 
ATOM   977  C CB  . TRP A 1 127 ? 7.415   6.672   15.145  1.00 18.12 ? 128  TRP A CB  1 
ATOM   978  C CG  . TRP A 1 127 ? 7.739   5.529   14.237  1.00 18.57 ? 128  TRP A CG  1 
ATOM   979  C CD1 . TRP A 1 127 ? 8.055   5.595   12.907  1.00 19.10 ? 128  TRP A CD1 1 
ATOM   980  C CD2 . TRP A 1 127 ? 7.735   4.136   14.580  1.00 20.28 ? 128  TRP A CD2 1 
ATOM   981  N NE1 . TRP A 1 127 ? 8.246   4.328   12.400  1.00 20.62 ? 128  TRP A NE1 1 
ATOM   982  C CE2 . TRP A 1 127 ? 8.055   3.414   13.405  1.00 19.49 ? 128  TRP A CE2 1 
ATOM   983  C CE3 . TRP A 1 127 ? 7.493   3.428   15.767  1.00 19.37 ? 128  TRP A CE3 1 
ATOM   984  C CZ2 . TRP A 1 127 ? 8.136   2.016   13.383  1.00 18.64 ? 128  TRP A CZ2 1 
ATOM   985  C CZ3 . TRP A 1 127 ? 7.573   2.037   15.745  1.00 17.60 ? 128  TRP A CZ3 1 
ATOM   986  C CH2 . TRP A 1 127 ? 7.892   1.346   14.559  1.00 18.88 ? 128  TRP A CH2 1 
ATOM   987  N N   . LEU A 1 128 ? 4.467   6.834   13.287  1.00 16.81 ? 129  LEU A N   1 
ATOM   988  C CA  . LEU A 1 128 ? 3.896   7.255   12.006  1.00 15.11 ? 129  LEU A CA  1 
ATOM   989  C C   . LEU A 1 128 ? 2.500   7.853   12.171  1.00 15.87 ? 129  LEU A C   1 
ATOM   990  O O   . LEU A 1 128 ? 1.935   8.405   11.222  1.00 16.26 ? 129  LEU A O   1 
ATOM   991  C CB  . LEU A 1 128 ? 3.831   6.071   11.034  1.00 12.28 ? 129  LEU A CB  1 
ATOM   992  C CG  . LEU A 1 128 ? 5.158   5.402   10.675  1.00 13.08 ? 129  LEU A CG  1 
ATOM   993  C CD1 . LEU A 1 128 ? 4.923   4.285   9.663   1.00 11.11 ? 129  LEU A CD1 1 
ATOM   994  C CD2 . LEU A 1 128 ? 6.116   6.446   10.115  1.00 11.79 ? 129  LEU A CD2 1 
ATOM   995  N N   . ASP A 1 129 ? 1.945   7.746   13.374  1.00 16.21 ? 130  ASP A N   1 
ATOM   996  C CA  . ASP A 1 129 ? 0.616   8.278   13.637  1.00 17.51 ? 130  ASP A CA  1 
ATOM   997  C C   . ASP A 1 129 ? 0.578   9.779   13.381  1.00 17.79 ? 130  ASP A C   1 
ATOM   998  O O   . ASP A 1 129 ? 1.468   10.516  13.815  1.00 17.92 ? 130  ASP A O   1 
ATOM   999  C CB  . ASP A 1 129 ? 0.191   7.986   15.081  1.00 17.69 ? 130  ASP A CB  1 
ATOM   1000 C CG  . ASP A 1 129 ? 0.077   6.495   15.369  1.00 19.50 ? 130  ASP A CG  1 
ATOM   1001 O OD1 . ASP A 1 129 ? -0.116  5.709   14.413  1.00 17.81 ? 130  ASP A OD1 1 
ATOM   1002 O OD2 . ASP A 1 129 ? 0.166   6.114   16.555  1.00 17.50 ? 130  ASP A OD2 1 
ATOM   1003 N N   . GLY A 1 130 ? -0.454  10.223  12.668  1.00 16.62 ? 131  GLY A N   1 
ATOM   1004 C CA  . GLY A 1 130 ? -0.593  11.636  12.366  1.00 14.05 ? 131  GLY A CA  1 
ATOM   1005 C C   . GLY A 1 130 ? 0.203   12.067  11.148  1.00 14.89 ? 131  GLY A C   1 
ATOM   1006 O O   . GLY A 1 130 ? 0.050   13.186  10.668  1.00 15.82 ? 131  GLY A O   1 
ATOM   1007 N N   . LYS A 1 131 ? 1.046   11.179  10.633  1.00 14.50 ? 132  LYS A N   1 
ATOM   1008 C CA  . LYS A 1 131 ? 1.866   11.502  9.472   1.00 15.53 ? 132  LYS A CA  1 
ATOM   1009 C C   . LYS A 1 131 ? 1.474   10.683  8.251   1.00 15.64 ? 132  LYS A C   1 
ATOM   1010 O O   . LYS A 1 131 ? 1.714   11.093  7.116   1.00 16.01 ? 132  LYS A O   1 
ATOM   1011 C CB  . LYS A 1 131 ? 3.337   11.274  9.811   1.00 15.69 ? 132  LYS A CB  1 
ATOM   1012 C CG  . LYS A 1 131 ? 3.791   12.034  11.055  1.00 16.91 ? 132  LYS A CG  1 
ATOM   1013 C CD  . LYS A 1 131 ? 5.206   11.638  11.458  1.00 19.49 ? 132  LYS A CD  1 
ATOM   1014 C CE  . LYS A 1 131 ? 5.610   12.300  12.768  1.00 22.18 ? 132  LYS A CE  1 
ATOM   1015 N NZ  . LYS A 1 131 ? 5.595   13.786  12.662  1.00 22.41 ? 132  LYS A NZ  1 
ATOM   1016 N N   . HIS A 1 132 ? 0.868   9.524   8.489   1.00 16.40 ? 133  HIS A N   1 
ATOM   1017 C CA  . HIS A 1 132 ? 0.427   8.643   7.411   1.00 16.68 ? 133  HIS A CA  1 
ATOM   1018 C C   . HIS A 1 132 ? -1.012  8.217   7.664   1.00 17.07 ? 133  HIS A C   1 
ATOM   1019 O O   . HIS A 1 132 ? -1.366  7.820   8.774   1.00 18.31 ? 133  HIS A O   1 
ATOM   1020 C CB  . HIS A 1 132 ? 1.349   7.428   7.327   1.00 16.22 ? 133  HIS A CB  1 
ATOM   1021 C CG  . HIS A 1 132 ? 2.750   7.779   6.938   1.00 18.26 ? 133  HIS A CG  1 
ATOM   1022 N ND1 . HIS A 1 132 ? 3.191   7.735   5.633   1.00 16.05 ? 133  HIS A ND1 1 
ATOM   1023 C CD2 . HIS A 1 132 ? 3.784   8.259   7.669   1.00 15.51 ? 133  HIS A CD2 1 
ATOM   1024 C CE1 . HIS A 1 132 ? 4.435   8.175   5.578   1.00 16.43 ? 133  HIS A CE1 1 
ATOM   1025 N NE2 . HIS A 1 132 ? 4.818   8.499   6.799   1.00 16.44 ? 133  HIS A NE2 1 
ATOM   1026 N N   . VAL A 1 133 ? -1.838  8.308   6.629   1.00 15.63 ? 134  VAL A N   1 
ATOM   1027 C CA  . VAL A 1 133 ? -3.250  7.969   6.741   1.00 16.01 ? 134  VAL A CA  1 
ATOM   1028 C C   . VAL A 1 133 ? -3.544  6.472   6.699   1.00 16.91 ? 134  VAL A C   1 
ATOM   1029 O O   . VAL A 1 133 ? -3.330  5.812   5.677   1.00 15.75 ? 134  VAL A O   1 
ATOM   1030 C CB  . VAL A 1 133 ? -4.070  8.667   5.622   1.00 15.24 ? 134  VAL A CB  1 
ATOM   1031 C CG1 . VAL A 1 133 ? -5.550  8.384   5.800   1.00 12.28 ? 134  VAL A CG1 1 
ATOM   1032 C CG2 . VAL A 1 133 ? -3.809  10.170  5.651   1.00 13.47 ? 134  VAL A CG2 1 
ATOM   1033 N N   . VAL A 1 134 ? -4.032  5.944   7.822   1.00 16.64 ? 135  VAL A N   1 
ATOM   1034 C CA  . VAL A 1 134 ? -4.393  4.529   7.922   1.00 15.93 ? 135  VAL A CA  1 
ATOM   1035 C C   . VAL A 1 134 ? -5.811  4.434   7.378   1.00 15.61 ? 135  VAL A C   1 
ATOM   1036 O O   . VAL A 1 134 ? -6.734  5.028   7.938   1.00 17.79 ? 135  VAL A O   1 
ATOM   1037 C CB  . VAL A 1 134 ? -4.360  4.048   9.389   1.00 15.59 ? 135  VAL A CB  1 
ATOM   1038 C CG1 . VAL A 1 134 ? -4.898  2.621   9.488   1.00 14.20 ? 135  VAL A CG1 1 
ATOM   1039 C CG2 . VAL A 1 134 ? -2.935  4.113   9.914   1.00 14.36 ? 135  VAL A CG2 1 
ATOM   1040 N N   . PHE A 1 135 ? -5.990  3.692   6.290   1.00 15.69 ? 136  PHE A N   1 
ATOM   1041 C CA  . PHE A 1 135 ? -7.306  3.602   5.666   1.00 15.26 ? 136  PHE A CA  1 
ATOM   1042 C C   . PHE A 1 135 ? -7.888  2.204   5.488   1.00 16.23 ? 136  PHE A C   1 
ATOM   1043 O O   . PHE A 1 135 ? -8.908  2.049   4.815   1.00 15.51 ? 136  PHE A O   1 
ATOM   1044 C CB  . PHE A 1 135 ? -7.269  4.282   4.299   1.00 14.00 ? 136  PHE A CB  1 
ATOM   1045 C CG  . PHE A 1 135 ? -6.314  3.636   3.329   1.00 13.48 ? 136  PHE A CG  1 
ATOM   1046 C CD1 . PHE A 1 135 ? -4.948  3.877   3.410   1.00 12.13 ? 136  PHE A CD1 1 
ATOM   1047 C CD2 . PHE A 1 135 ? -6.783  2.772   2.346   1.00 12.41 ? 136  PHE A CD2 1 
ATOM   1048 C CE1 . PHE A 1 135 ? -4.062  3.270   2.530   1.00 12.40 ? 136  PHE A CE1 1 
ATOM   1049 C CE2 . PHE A 1 135 ? -5.902  2.157   1.455   1.00 13.30 ? 136  PHE A CE2 1 
ATOM   1050 C CZ  . PHE A 1 135 ? -4.541  2.406   1.548   1.00 14.92 ? 136  PHE A CZ  1 
ATOM   1051 N N   . GLY A 1 136 ? -7.250  1.194   6.067   1.00 14.61 ? 137  GLY A N   1 
ATOM   1052 C CA  . GLY A 1 136 ? -7.763  -0.157  5.937   1.00 15.45 ? 137  GLY A CA  1 
ATOM   1053 C C   . GLY A 1 136 ? -7.003  -1.157  6.787   1.00 16.04 ? 137  GLY A C   1 
ATOM   1054 O O   . GLY A 1 136 ? -6.054  -0.799  7.490   1.00 15.22 ? 137  GLY A O   1 
ATOM   1055 N N   . LYS A 1 137 ? -7.414  -2.417  6.717   1.00 15.70 ? 138  LYS A N   1 
ATOM   1056 C CA  . LYS A 1 137 ? -6.760  -3.476  7.478   1.00 17.01 ? 138  LYS A CA  1 
ATOM   1057 C C   . LYS A 1 137 ? -6.942  -4.803  6.765   1.00 16.45 ? 138  LYS A C   1 
ATOM   1058 O O   . LYS A 1 137 ? -7.872  -4.976  5.975   1.00 15.60 ? 138  LYS A O   1 
ATOM   1059 C CB  . LYS A 1 137 ? -7.352  -3.583  8.887   1.00 17.89 ? 138  LYS A CB  1 
ATOM   1060 C CG  . LYS A 1 137 ? -8.791  -4.079  8.916   1.00 20.80 ? 138  LYS A CG  1 
ATOM   1061 C CD  . LYS A 1 137 ? -9.349  -4.114  10.331  1.00 24.60 ? 138  LYS A CD  1 
ATOM   1062 C CE  . LYS A 1 137 ? -10.788 -4.613  10.344  1.00 27.33 ? 138  LYS A CE  1 
ATOM   1063 N NZ  . LYS A 1 137 ? -11.361 -4.639  11.724  1.00 29.23 ? 138  LYS A NZ  1 
ATOM   1064 N N   . VAL A 1 138 ? -6.042  -5.735  7.043   1.00 16.62 ? 139  VAL A N   1 
ATOM   1065 C CA  . VAL A 1 138 ? -6.112  -7.060  6.447   1.00 17.58 ? 139  VAL A CA  1 
ATOM   1066 C C   . VAL A 1 138 ? -7.119  -7.879  7.255   1.00 18.14 ? 139  VAL A C   1 
ATOM   1067 O O   . VAL A 1 138 ? -7.026  -7.955  8.483   1.00 16.87 ? 139  VAL A O   1 
ATOM   1068 C CB  . VAL A 1 138 ? -4.742  -7.766  6.497   1.00 15.87 ? 139  VAL A CB  1 
ATOM   1069 C CG1 . VAL A 1 138 ? -4.881  -9.193  6.016   1.00 16.70 ? 139  VAL A CG1 1 
ATOM   1070 C CG2 . VAL A 1 138 ? -3.736  -7.015  5.641   1.00 14.48 ? 139  VAL A CG2 1 
ATOM   1071 N N   . ILE A 1 139 ? -8.089  -8.474  6.573   1.00 17.91 ? 140  ILE A N   1 
ATOM   1072 C CA  . ILE A 1 139 ? -9.082  -9.288  7.267   1.00 18.58 ? 140  ILE A CA  1 
ATOM   1073 C C   . ILE A 1 139 ? -8.844  -10.763 6.977   1.00 19.85 ? 140  ILE A C   1 
ATOM   1074 O O   . ILE A 1 139 ? -9.415  -11.636 7.625   1.00 18.59 ? 140  ILE A O   1 
ATOM   1075 C CB  . ILE A 1 139 ? -10.520 -8.899  6.875   1.00 17.81 ? 140  ILE A CB  1 
ATOM   1076 C CG1 . ILE A 1 139 ? -10.698 -8.973  5.360   1.00 16.75 ? 140  ILE A CG1 1 
ATOM   1077 C CG2 . ILE A 1 139 ? -10.828 -7.501  7.401   1.00 19.21 ? 140  ILE A CG2 1 
ATOM   1078 C CD1 . ILE A 1 139 ? -12.129 -8.721  4.916   1.00 19.56 ? 140  ILE A CD1 1 
ATOM   1079 N N   . GLU A 1 140 ? -7.992  -11.027 5.994   1.00 20.41 ? 141  GLU A N   1 
ATOM   1080 C CA  . GLU A 1 140 ? -7.623  -12.389 5.639   1.00 21.81 ? 141  GLU A CA  1 
ATOM   1081 C C   . GLU A 1 140 ? -6.361  -12.376 4.802   1.00 20.77 ? 141  GLU A C   1 
ATOM   1082 O O   . GLU A 1 140 ? -6.192  -11.512 3.939   1.00 19.21 ? 141  GLU A O   1 
ATOM   1083 C CB  . GLU A 1 140 ? -8.722  -13.099 4.855   1.00 24.96 ? 141  GLU A CB  1 
ATOM   1084 C CG  . GLU A 1 140 ? -8.325  -14.536 4.534   1.00 31.21 ? 141  GLU A CG  1 
ATOM   1085 C CD  . GLU A 1 140 ? -9.372  -15.291 3.753   1.00 35.92 ? 141  GLU A CD  1 
ATOM   1086 O OE1 . GLU A 1 140 ? -10.498 -15.453 4.271   1.00 39.49 ? 141  GLU A OE1 1 
ATOM   1087 O OE2 . GLU A 1 140 ? -9.064  -15.723 2.619   1.00 38.47 ? 141  GLU A OE2 1 
ATOM   1088 N N   . GLY A 1 141 ? -5.476  -13.334 5.069   1.00 19.76 ? 142  GLY A N   1 
ATOM   1089 C CA  . GLY A 1 141 ? -4.236  -13.432 4.322   1.00 19.13 ? 142  GLY A CA  1 
ATOM   1090 C C   . GLY A 1 141 ? -3.028  -12.874 5.048   1.00 18.39 ? 142  GLY A C   1 
ATOM   1091 O O   . GLY A 1 141 ? -2.013  -12.590 4.423   1.00 19.48 ? 142  GLY A O   1 
ATOM   1092 N N   . MET A 1 142 ? -3.124  -12.717 6.363   1.00 18.64 ? 143  MET A N   1 
ATOM   1093 C CA  . MET A 1 142 ? -2.000  -12.187 7.128   1.00 18.52 ? 143  MET A CA  1 
ATOM   1094 C C   . MET A 1 142 ? -0.794  -13.124 6.984   1.00 19.35 ? 143  MET A C   1 
ATOM   1095 O O   . MET A 1 142 ? 0.353   -12.700 7.112   1.00 19.10 ? 143  MET A O   1 
ATOM   1096 C CB  . MET A 1 142 ? -2.389  -12.040 8.600   1.00 18.82 ? 143  MET A CB  1 
ATOM   1097 C CG  . MET A 1 142 ? -1.540  -11.060 9.378   1.00 20.37 ? 143  MET A CG  1 
ATOM   1098 S SD  . MET A 1 142 ? -1.535  -9.374  8.672   1.00 20.64 ? 143  MET A SD  1 
ATOM   1099 C CE  . MET A 1 142 ? 0.137   -8.882  9.045   1.00 21.37 ? 143  MET A CE  1 
ATOM   1100 N N   . ASN A 1 143 ? -1.055  -14.402 6.722   1.00 17.82 ? 144  ASN A N   1 
ATOM   1101 C CA  . ASN A 1 143 ? 0.028   -15.361 6.543   1.00 18.44 ? 144  ASN A CA  1 
ATOM   1102 C C   . ASN A 1 143 ? 0.816   -14.956 5.299   1.00 18.13 ? 144  ASN A C   1 
ATOM   1103 O O   . ASN A 1 143 ? 2.045   -15.059 5.262   1.00 18.71 ? 144  ASN A O   1 
ATOM   1104 C CB  . ASN A 1 143 ? -0.532  -16.778 6.377   1.00 18.21 ? 144  ASN A CB  1 
ATOM   1105 C CG  . ASN A 1 143 ? -1.557  -16.870 5.272   1.00 19.26 ? 144  ASN A CG  1 
ATOM   1106 O OD1 . ASN A 1 143 ? -2.561  -16.166 5.290   1.00 21.21 ? 144  ASN A OD1 1 
ATOM   1107 N ND2 . ASN A 1 143 ? -1.311  -17.741 4.302   1.00 21.23 ? 144  ASN A ND2 1 
ATOM   1108 N N   . VAL A 1 144 ? 0.102   -14.484 4.280   1.00 17.68 ? 145  VAL A N   1 
ATOM   1109 C CA  . VAL A 1 144 ? 0.739   -14.049 3.043   1.00 16.93 ? 145  VAL A CA  1 
ATOM   1110 C C   . VAL A 1 144 ? 1.622   -12.838 3.348   1.00 17.41 ? 145  VAL A C   1 
ATOM   1111 O O   . VAL A 1 144 ? 2.737   -12.724 2.843   1.00 17.43 ? 145  VAL A O   1 
ATOM   1112 C CB  . VAL A 1 144 ? -0.312  -13.655 1.986   1.00 17.01 ? 145  VAL A CB  1 
ATOM   1113 C CG1 . VAL A 1 144 ? 0.378   -13.214 0.703   1.00 13.67 ? 145  VAL A CG1 1 
ATOM   1114 C CG2 . VAL A 1 144 ? -1.239  -14.833 1.721   1.00 15.37 ? 145  VAL A CG2 1 
ATOM   1115 N N   . VAL A 1 145 ? 1.111   -11.934 4.178   1.00 18.45 ? 146  VAL A N   1 
ATOM   1116 C CA  . VAL A 1 145 ? 1.863   -10.745 4.566   1.00 18.16 ? 146  VAL A CA  1 
ATOM   1117 C C   . VAL A 1 145 ? 3.145   -11.168 5.281   1.00 19.34 ? 146  VAL A C   1 
ATOM   1118 O O   . VAL A 1 145 ? 4.200   -10.568 5.084   1.00 18.72 ? 146  VAL A O   1 
ATOM   1119 C CB  . VAL A 1 145 ? 1.042   -9.841  5.510   1.00 18.14 ? 146  VAL A CB  1 
ATOM   1120 C CG1 . VAL A 1 145 ? 1.892   -8.667  5.976   1.00 19.76 ? 146  VAL A CG1 1 
ATOM   1121 C CG2 . VAL A 1 145 ? -0.206  -9.340  4.795   1.00 16.90 ? 146  VAL A CG2 1 
ATOM   1122 N N   . ARG A 1 146 ? 3.047   -12.202 6.113   1.00 19.32 ? 147  ARG A N   1 
ATOM   1123 C CA  . ARG A 1 146 ? 4.208   -12.695 6.839   1.00 20.43 ? 147  ARG A CA  1 
ATOM   1124 C C   . ARG A 1 146 ? 5.190   -13.336 5.864   1.00 21.33 ? 147  ARG A C   1 
ATOM   1125 O O   . ARG A 1 146 ? 6.399   -13.304 6.085   1.00 21.42 ? 147  ARG A O   1 
ATOM   1126 C CB  . ARG A 1 146 ? 3.782   -13.697 7.915   1.00 20.16 ? 147  ARG A CB  1 
ATOM   1127 C CG  . ARG A 1 146 ? 2.987   -13.067 9.051   1.00 21.80 ? 147  ARG A CG  1 
ATOM   1128 C CD  . ARG A 1 146 ? 3.777   -11.936 9.721   1.00 26.37 ? 147  ARG A CD  1 
ATOM   1129 N NE  . ARG A 1 146 ? 2.980   -11.215 10.715  1.00 28.03 ? 147  ARG A NE  1 
ATOM   1130 C CZ  . ARG A 1 146 ? 3.403   -10.156 11.402  1.00 28.85 ? 147  ARG A CZ  1 
ATOM   1131 N NH1 . ARG A 1 146 ? 4.626   -9.677  11.214  1.00 30.06 ? 147  ARG A NH1 1 
ATOM   1132 N NH2 . ARG A 1 146 ? 2.594   -9.565  12.272  1.00 28.17 ? 147  ARG A NH2 1 
ATOM   1133 N N   . GLU A 1 147 ? 4.660   -13.905 4.783   1.00 20.62 ? 148  GLU A N   1 
ATOM   1134 C CA  . GLU A 1 147 ? 5.476   -14.529 3.742   1.00 21.86 ? 148  GLU A CA  1 
ATOM   1135 C C   . GLU A 1 147 ? 6.274   -13.444 3.028   1.00 21.03 ? 148  GLU A C   1 
ATOM   1136 O O   . GLU A 1 147 ? 7.421   -13.654 2.640   1.00 20.79 ? 148  GLU A O   1 
ATOM   1137 C CB  . GLU A 1 147 ? 4.584   -15.237 2.720   1.00 24.31 ? 148  GLU A CB  1 
ATOM   1138 C CG  . GLU A 1 147 ? 3.807   -16.411 3.273   1.00 30.09 ? 148  GLU A CG  1 
ATOM   1139 C CD  . GLU A 1 147 ? 4.554   -17.716 3.132   1.00 33.72 ? 148  GLU A CD  1 
ATOM   1140 O OE1 . GLU A 1 147 ? 5.775   -17.735 3.402   1.00 34.39 ? 148  GLU A OE1 1 
ATOM   1141 O OE2 . GLU A 1 147 ? 3.915   -18.722 2.753   1.00 36.00 ? 148  GLU A OE2 1 
ATOM   1142 N N   . MET A 1 148 ? 5.647   -12.287 2.844   1.00 20.68 ? 149  MET A N   1 
ATOM   1143 C CA  . MET A 1 148 ? 6.291   -11.160 2.182   1.00 20.68 ? 149  MET A CA  1 
ATOM   1144 C C   . MET A 1 148 ? 7.352   -10.560 3.091   1.00 20.28 ? 149  MET A C   1 
ATOM   1145 O O   . MET A 1 148 ? 8.425   -10.184 2.631   1.00 19.92 ? 149  MET A O   1 
ATOM   1146 C CB  . MET A 1 148 ? 5.261   -10.085 1.831   1.00 20.44 ? 149  MET A CB  1 
ATOM   1147 C CG  . MET A 1 148 ? 4.251   -10.498 0.780   1.00 20.95 ? 149  MET A CG  1 
ATOM   1148 S SD  . MET A 1 148 ? 2.936   -9.282  0.658   1.00 27.52 ? 149  MET A SD  1 
ATOM   1149 C CE  . MET A 1 148 ? 3.772   -7.987  -0.090  1.00 24.74 ? 149  MET A CE  1 
ATOM   1150 N N   . GLU A 1 149 ? 7.040   -10.466 4.382   1.00 20.21 ? 150  GLU A N   1 
ATOM   1151 C CA  . GLU A 1 149 ? 7.978   -9.911  5.354   1.00 21.45 ? 150  GLU A CA  1 
ATOM   1152 C C   . GLU A 1 149 ? 9.302   -10.654 5.251   1.00 22.96 ? 150  GLU A C   1 
ATOM   1153 O O   . GLU A 1 149 ? 10.376  -10.061 5.359   1.00 23.58 ? 150  GLU A O   1 
ATOM   1154 C CB  . GLU A 1 149 ? 7.424   -10.050 6.775   1.00 20.53 ? 150  GLU A CB  1 
ATOM   1155 C CG  . GLU A 1 149 ? 8.315   -9.419  7.844   1.00 20.97 ? 150  GLU A CG  1 
ATOM   1156 C CD  . GLU A 1 149 ? 7.787   -9.601  9.260   1.00 20.65 ? 150  GLU A CD  1 
ATOM   1157 O OE1 . GLU A 1 149 ? 6.821   -10.370 9.455   1.00 18.13 ? 150  GLU A OE1 1 
ATOM   1158 O OE2 . GLU A 1 149 ? 8.350   -8.973  10.186  1.00 19.91 ? 150  GLU A OE2 1 
ATOM   1159 N N   . LYS A 1 150 ? 9.198   -11.959 5.023   1.00 24.07 ? 151  LYS A N   1 
ATOM   1160 C CA  . LYS A 1 150 ? 10.342  -12.855 4.904   1.00 25.72 ? 151  LYS A CA  1 
ATOM   1161 C C   . LYS A 1 150 ? 11.265  -12.467 3.741   1.00 25.20 ? 151  LYS A C   1 
ATOM   1162 O O   . LYS A 1 150 ? 12.452  -12.799 3.740   1.00 25.25 ? 151  LYS A O   1 
ATOM   1163 C CB  . LYS A 1 150 ? 9.829   -14.287 4.696   1.00 28.30 ? 151  LYS A CB  1 
ATOM   1164 C CG  . LYS A 1 150 ? 10.802  -15.379 5.077   1.00 33.59 ? 151  LYS A CG  1 
ATOM   1165 C CD  . LYS A 1 150 ? 10.309  -16.753 4.635   1.00 35.73 ? 151  LYS A CD  1 
ATOM   1166 C CE  . LYS A 1 150 ? 10.465  -16.939 3.128   1.00 38.93 ? 151  LYS A CE  1 
ATOM   1167 N NZ  . LYS A 1 150 ? 10.175  -18.332 2.677   1.00 39.81 ? 151  LYS A NZ  1 
ATOM   1168 N N   . GLU A 1 151 ? 10.717  -11.767 2.751   1.00 23.38 ? 152  GLU A N   1 
ATOM   1169 C CA  . GLU A 1 151 ? 11.488  -11.359 1.580   1.00 21.57 ? 152  GLU A CA  1 
ATOM   1170 C C   . GLU A 1 151 ? 12.207  -10.022 1.740   1.00 21.29 ? 152  GLU A C   1 
ATOM   1171 O O   . GLU A 1 151 ? 13.000  -9.637  0.883   1.00 20.41 ? 152  GLU A O   1 
ATOM   1172 C CB  . GLU A 1 151 ? 10.578  -11.298 0.351   1.00 19.45 ? 152  GLU A CB  1 
ATOM   1173 C CG  . GLU A 1 151 ? 9.945   -12.632 -0.028  1.00 17.59 ? 152  GLU A CG  1 
ATOM   1174 C CD  . GLU A 1 151 ? 10.981  -13.723 -0.226  1.00 18.93 ? 152  GLU A CD  1 
ATOM   1175 O OE1 . GLU A 1 151 ? 12.026  -13.441 -0.849  1.00 16.83 ? 152  GLU A OE1 1 
ATOM   1176 O OE2 . GLU A 1 151 ? 10.751  -14.864 0.233   1.00 18.04 ? 152  GLU A OE2 1 
ATOM   1177 N N   . GLY A 1 152 ? 11.938  -9.318  2.836   1.00 21.04 ? 153  GLY A N   1 
ATOM   1178 C CA  . GLY A 1 152 ? 12.572  -8.028  3.047   1.00 20.27 ? 153  GLY A CA  1 
ATOM   1179 C C   . GLY A 1 152 ? 13.974  -8.092  3.622   1.00 21.30 ? 153  GLY A C   1 
ATOM   1180 O O   . GLY A 1 152 ? 14.550  -9.168  3.779   1.00 20.40 ? 153  GLY A O   1 
ATOM   1181 N N   . ALA A 1 153 ? 14.526  -6.920  3.928   1.00 20.74 ? 154  ALA A N   1 
ATOM   1182 C CA  . ALA A 1 153 ? 15.863  -6.803  4.501   1.00 19.88 ? 154  ALA A CA  1 
ATOM   1183 C C   . ALA A 1 153 ? 15.936  -5.457  5.207   1.00 19.79 ? 154  ALA A C   1 
ATOM   1184 O O   . ALA A 1 153 ? 15.068  -4.608  5.015   1.00 18.63 ? 154  ALA A O   1 
ATOM   1185 C CB  . ALA A 1 153 ? 16.925  -6.887  3.405   1.00 19.46 ? 154  ALA A CB  1 
ATOM   1186 N N   . LYS A 1 154 ? 16.964  -5.261  6.025   1.00 21.34 ? 155  LYS A N   1 
ATOM   1187 C CA  . LYS A 1 154 ? 17.114  -4.004  6.747   1.00 22.78 ? 155  LYS A CA  1 
ATOM   1188 C C   . LYS A 1 154 ? 17.225  -2.818  5.795   1.00 21.66 ? 155  LYS A C   1 
ATOM   1189 O O   . LYS A 1 154 ? 16.743  -1.733  6.098   1.00 23.74 ? 155  LYS A O   1 
ATOM   1190 C CB  . LYS A 1 154 ? 18.335  -4.066  7.671   1.00 25.60 ? 155  LYS A CB  1 
ATOM   1191 C CG  . LYS A 1 154 ? 18.167  -5.058  8.817   1.00 29.96 ? 155  LYS A CG  1 
ATOM   1192 C CD  . LYS A 1 154 ? 19.415  -5.160  9.678   1.00 32.65 ? 155  LYS A CD  1 
ATOM   1193 C CE  . LYS A 1 154 ? 19.180  -6.075  10.870  1.00 34.83 ? 155  LYS A CE  1 
ATOM   1194 N NZ  . LYS A 1 154 ? 18.083  -5.569  11.748  1.00 36.71 ? 155  LYS A NZ  1 
ATOM   1195 N N   . SER A 1 155 ? 17.852  -3.035  4.642   1.00 21.85 ? 156  SER A N   1 
ATOM   1196 C CA  . SER A 1 155 ? 18.016  -1.983  3.639   1.00 21.78 ? 156  SER A CA  1 
ATOM   1197 C C   . SER A 1 155 ? 16.700  -1.667  2.932   1.00 20.96 ? 156  SER A C   1 
ATOM   1198 O O   . SER A 1 155 ? 16.549  -0.600  2.334   1.00 22.22 ? 156  SER A O   1 
ATOM   1199 C CB  . SER A 1 155 ? 19.045  -2.406  2.590   1.00 21.98 ? 156  SER A CB  1 
ATOM   1200 O OG  . SER A 1 155 ? 18.570  -3.509  1.834   1.00 21.70 ? 156  SER A OG  1 
ATOM   1201 N N   . GLY A 1 156 ? 15.758  -2.603  2.991   1.00 20.29 ? 157  GLY A N   1 
ATOM   1202 C CA  . GLY A 1 156 ? 14.470  -2.396  2.351   1.00 18.06 ? 157  GLY A CA  1 
ATOM   1203 C C   . GLY A 1 156 ? 14.374  -3.010  0.968   1.00 18.07 ? 157  GLY A C   1 
ATOM   1204 O O   . GLY A 1 156 ? 13.276  -3.292  0.481   1.00 17.73 ? 157  GLY A O   1 
ATOM   1205 N N   . TYR A 1 157 ? 15.521  -3.221  0.325   1.00 17.09 ? 158  TYR A N   1 
ATOM   1206 C CA  . TYR A 1 157 ? 15.553  -3.805  -1.013  1.00 17.69 ? 158  TYR A CA  1 
ATOM   1207 C C   . TYR A 1 157 ? 15.069  -5.254  -0.977  1.00 17.79 ? 158  TYR A C   1 
ATOM   1208 O O   . TYR A 1 157 ? 15.429  -6.019  -0.082  1.00 17.68 ? 158  TYR A O   1 
ATOM   1209 C CB  . TYR A 1 157 ? 16.975  -3.703  -1.583  1.00 19.57 ? 158  TYR A CB  1 
ATOM   1210 C CG  . TYR A 1 157 ? 17.458  -2.265  -1.688  1.00 20.76 ? 158  TYR A CG  1 
ATOM   1211 C CD1 . TYR A 1 157 ? 16.617  -1.263  -2.174  1.00 21.25 ? 158  TYR A CD1 1 
ATOM   1212 C CD2 . TYR A 1 157 ? 18.743  -1.902  -1.280  1.00 21.56 ? 158  TYR A CD2 1 
ATOM   1213 C CE1 . TYR A 1 157 ? 17.038  0.063   -2.249  1.00 22.49 ? 158  TYR A CE1 1 
ATOM   1214 C CE2 . TYR A 1 157 ? 19.175  -0.572  -1.350  1.00 22.00 ? 158  TYR A CE2 1 
ATOM   1215 C CZ  . TYR A 1 157 ? 18.314  0.404   -1.836  1.00 22.58 ? 158  TYR A CZ  1 
ATOM   1216 O OH  . TYR A 1 157 ? 18.721  1.721   -1.902  1.00 25.48 ? 158  TYR A OH  1 
ATOM   1217 N N   . VAL A 1 158 ? 14.247  -5.618  -1.957  1.00 17.37 ? 159  VAL A N   1 
ATOM   1218 C CA  . VAL A 1 158 ? 13.661  -6.952  -2.035  1.00 17.84 ? 159  VAL A CA  1 
ATOM   1219 C C   . VAL A 1 158 ? 14.361  -7.824  -3.076  1.00 18.68 ? 159  VAL A C   1 
ATOM   1220 O O   . VAL A 1 158 ? 14.099  -7.710  -4.271  1.00 19.57 ? 159  VAL A O   1 
ATOM   1221 C CB  . VAL A 1 158 ? 12.155  -6.835  -2.365  1.00 17.23 ? 159  VAL A CB  1 
ATOM   1222 C CG1 . VAL A 1 158 ? 11.462  -8.187  -2.212  1.00 19.67 ? 159  VAL A CG1 1 
ATOM   1223 C CG2 . VAL A 1 158 ? 11.522  -5.804  -1.449  1.00 16.64 ? 159  VAL A CG2 1 
ATOM   1224 N N   . LYS A 1 159 ? 15.241  -8.705  -2.608  1.00 18.26 ? 160  LYS A N   1 
ATOM   1225 C CA  . LYS A 1 159 ? 16.014  -9.573  -3.491  1.00 19.75 ? 160  LYS A CA  1 
ATOM   1226 C C   . LYS A 1 159 ? 15.202  -10.462 -4.418  1.00 18.70 ? 160  LYS A C   1 
ATOM   1227 O O   . LYS A 1 159 ? 15.583  -10.658 -5.569  1.00 18.37 ? 160  LYS A O   1 
ATOM   1228 C CB  . LYS A 1 159 ? 16.969  -10.444 -2.674  1.00 22.82 ? 160  LYS A CB  1 
ATOM   1229 C CG  . LYS A 1 159 ? 18.106  -9.679  -2.025  1.00 26.91 ? 160  LYS A CG  1 
ATOM   1230 C CD  . LYS A 1 159 ? 19.120  -10.651 -1.458  1.00 30.64 ? 160  LYS A CD  1 
ATOM   1231 C CE  . LYS A 1 159 ? 20.338  -9.941  -0.901  1.00 35.28 ? 160  LYS A CE  1 
ATOM   1232 N NZ  . LYS A 1 159 ? 21.367  -10.935 -0.479  1.00 36.96 ? 160  LYS A NZ  1 
ATOM   1233 N N   . ARG A 1 160 ? 14.103  -11.021 -3.917  1.00 17.87 ? 161  ARG A N   1 
ATOM   1234 C CA  . ARG A 1 160 ? 13.253  -11.876 -4.735  1.00 18.06 ? 161  ARG A CA  1 
ATOM   1235 C C   . ARG A 1 160 ? 11.974  -11.115 -5.066  1.00 18.03 ? 161  ARG A C   1 
ATOM   1236 O O   . ARG A 1 160 ? 11.452  -10.365 -4.240  1.00 18.74 ? 161  ARG A O   1 
ATOM   1237 C CB  . ARG A 1 160 ? 12.943  -13.192 -4.008  1.00 17.27 ? 161  ARG A CB  1 
ATOM   1238 C CG  . ARG A 1 160 ? 14.199  -13.987 -3.634  1.00 16.78 ? 161  ARG A CG  1 
ATOM   1239 C CD  . ARG A 1 160 ? 13.914  -15.480 -3.456  1.00 19.05 ? 161  ARG A CD  1 
ATOM   1240 N NE  . ARG A 1 160 ? 12.858  -15.736 -2.481  1.00 18.47 ? 161  ARG A NE  1 
ATOM   1241 C CZ  . ARG A 1 160 ? 12.373  -16.941 -2.199  1.00 19.74 ? 161  ARG A CZ  1 
ATOM   1242 N NH1 . ARG A 1 160 ? 12.849  -18.013 -2.817  1.00 19.57 ? 161  ARG A NH1 1 
ATOM   1243 N NH2 . ARG A 1 160 ? 11.409  -17.073 -1.300  1.00 19.05 ? 161  ARG A NH2 1 
ATOM   1244 N N   . SER A 1 161 ? 11.483  -11.305 -6.283  1.00 16.90 ? 162  SER A N   1 
ATOM   1245 C CA  . SER A 1 161 ? 10.295  -10.607 -6.760  1.00 16.90 ? 162  SER A CA  1 
ATOM   1246 C C   . SER A 1 161 ? 8.996   -10.868 -5.992  1.00 16.56 ? 162  SER A C   1 
ATOM   1247 O O   . SER A 1 161 ? 8.546   -12.006 -5.884  1.00 15.03 ? 162  SER A O   1 
ATOM   1248 C CB  . SER A 1 161 ? 10.086  -10.934 -8.239  1.00 18.09 ? 162  SER A CB  1 
ATOM   1249 O OG  . SER A 1 161 ? 9.033   -10.168 -8.788  1.00 23.66 ? 162  SER A OG  1 
ATOM   1250 N N   . VAL A 1 162 ? 8.408   -9.800  -5.459  1.00 14.77 ? 163  VAL A N   1 
ATOM   1251 C CA  . VAL A 1 162 ? 7.140   -9.862  -4.727  1.00 14.73 ? 163  VAL A CA  1 
ATOM   1252 C C   . VAL A 1 162 ? 6.166   -9.034  -5.563  1.00 16.53 ? 163  VAL A C   1 
ATOM   1253 O O   . VAL A 1 162 ? 6.228   -7.798  -5.563  1.00 16.04 ? 163  VAL A O   1 
ATOM   1254 C CB  . VAL A 1 162 ? 7.266   -9.237  -3.323  1.00 13.78 ? 163  VAL A CB  1 
ATOM   1255 C CG1 . VAL A 1 162 ? 5.932   -9.334  -2.585  1.00 13.57 ? 163  VAL A CG1 1 
ATOM   1256 C CG2 . VAL A 1 162 ? 8.357   -9.947  -2.542  1.00 12.59 ? 163  VAL A CG2 1 
ATOM   1257 N N   . VAL A 1 163 ? 5.268   -9.718  -6.265  1.00 15.05 ? 164  VAL A N   1 
ATOM   1258 C CA  . VAL A 1 163 ? 4.330   -9.058  -7.169  1.00 17.35 ? 164  VAL A CA  1 
ATOM   1259 C C   . VAL A 1 163 ? 2.842   -9.301  -6.907  1.00 18.18 ? 164  VAL A C   1 
ATOM   1260 O O   . VAL A 1 163 ? 2.455   -10.339 -6.375  1.00 16.66 ? 164  VAL A O   1 
ATOM   1261 C CB  . VAL A 1 163 ? 4.619   -9.504  -8.629  1.00 17.12 ? 164  VAL A CB  1 
ATOM   1262 C CG1 . VAL A 1 163 ? 3.641   -8.849  -9.593  1.00 18.11 ? 164  VAL A CG1 1 
ATOM   1263 C CG2 . VAL A 1 163 ? 6.062   -9.158  -9.006  1.00 20.24 ? 164  VAL A CG2 1 
ATOM   1264 N N   . ILE A 1 164 ? 2.018   -8.331  -7.302  1.00 17.44 ? 165  ILE A N   1 
ATOM   1265 C CA  . ILE A 1 164 ? 0.566   -8.450  -7.186  1.00 17.66 ? 165  ILE A CA  1 
ATOM   1266 C C   . ILE A 1 164 ? 0.123   -8.974  -8.551  1.00 18.04 ? 165  ILE A C   1 
ATOM   1267 O O   . ILE A 1 164 ? 0.078   -8.222  -9.526  1.00 18.18 ? 165  ILE A O   1 
ATOM   1268 C CB  . ILE A 1 164 ? -0.103  -7.085  -6.934  1.00 16.99 ? 165  ILE A CB  1 
ATOM   1269 C CG1 . ILE A 1 164 ? 0.349   -6.526  -5.585  1.00 15.98 ? 165  ILE A CG1 1 
ATOM   1270 C CG2 . ILE A 1 164 ? -1.628  -7.237  -6.980  1.00 16.27 ? 165  ILE A CG2 1 
ATOM   1271 C CD1 . ILE A 1 164 ? -0.106  -5.102  -5.319  1.00 16.97 ? 165  ILE A CD1 1 
ATOM   1272 N N   . THR A 1 165 ? -0.189  -10.263 -8.626  1.00 17.00 ? 166  THR A N   1 
ATOM   1273 C CA  . THR A 1 165 ? -0.587  -10.869 -9.890  1.00 16.56 ? 166  THR A CA  1 
ATOM   1274 C C   . THR A 1 165 ? -2.038  -10.614 -10.274 1.00 17.42 ? 166  THR A C   1 
ATOM   1275 O O   . THR A 1 165 ? -2.408  -10.726 -11.441 1.00 15.40 ? 166  THR A O   1 
ATOM   1276 C CB  . THR A 1 165 ? -0.332  -12.379 -9.869  1.00 18.04 ? 166  THR A CB  1 
ATOM   1277 O OG1 . THR A 1 165 ? -1.058  -12.980 -8.789  1.00 19.08 ? 166  THR A OG1 1 
ATOM   1278 C CG2 . THR A 1 165 ? 1.148   -12.647 -9.689  1.00 16.97 ? 166  THR A CG2 1 
ATOM   1279 N N   . ASP A 1 166 ? -2.861  -10.273 -9.293  1.00 17.18 ? 167  ASP A N   1 
ATOM   1280 C CA  . ASP A 1 166 ? -4.264  -9.992  -9.559  1.00 18.94 ? 167  ASP A CA  1 
ATOM   1281 C C   . ASP A 1 166 ? -4.800  -9.159  -8.413  1.00 17.26 ? 167  ASP A C   1 
ATOM   1282 O O   . ASP A 1 166 ? -4.266  -9.196  -7.308  1.00 16.44 ? 167  ASP A O   1 
ATOM   1283 C CB  . ASP A 1 166 ? -5.055  -11.298 -9.678  1.00 21.65 ? 167  ASP A CB  1 
ATOM   1284 C CG  . ASP A 1 166 ? -6.367  -11.123 -10.426 1.00 26.20 ? 167  ASP A CG  1 
ATOM   1285 O OD1 . ASP A 1 166 ? -6.593  -10.037 -11.001 1.00 28.57 ? 167  ASP A OD1 1 
ATOM   1286 O OD2 . ASP A 1 166 ? -7.169  -12.080 -10.449 1.00 28.95 ? 167  ASP A OD2 1 
ATOM   1287 N N   . CYS A 1 167 ? -5.846  -8.392  -8.681  1.00 18.32 ? 168  CYS A N   1 
ATOM   1288 C CA  . CYS A 1 167 ? -6.452  -7.565  -7.651  1.00 19.01 ? 168  CYS A CA  1 
ATOM   1289 C C   . CYS A 1 167 ? -7.836  -7.122  -8.105  1.00 20.11 ? 168  CYS A C   1 
ATOM   1290 O O   . CYS A 1 167 ? -8.159  -7.176  -9.293  1.00 20.81 ? 168  CYS A O   1 
ATOM   1291 C CB  . CYS A 1 167 ? -5.571  -6.340  -7.355  1.00 18.04 ? 168  CYS A CB  1 
ATOM   1292 S SG  . CYS A 1 167 ? -5.333  -5.199  -8.743  1.00 17.23 ? 168  CYS A SG  1 
ATOM   1293 N N   . GLY A 1 168 ? -8.653  -6.685  -7.155  1.00 18.86 ? 169  GLY A N   1 
ATOM   1294 C CA  . GLY A 1 168 ? -9.986  -6.239  -7.500  1.00 20.99 ? 169  GLY A CA  1 
ATOM   1295 C C   . GLY A 1 168 ? -10.821 -5.978  -6.269  1.00 21.13 ? 169  GLY A C   1 
ATOM   1296 O O   . GLY A 1 168 ? -10.304 -5.965  -5.153  1.00 21.10 ? 169  GLY A O   1 
ATOM   1297 N N   . GLU A 1 169 ? -12.117 -5.768  -6.475  1.00 22.26 ? 170  GLU A N   1 
ATOM   1298 C CA  . GLU A 1 169 ? -13.045 -5.506  -5.381  1.00 23.52 ? 170  GLU A CA  1 
ATOM   1299 C C   . GLU A 1 169 ? -13.994 -6.689  -5.210  1.00 25.15 ? 170  GLU A C   1 
ATOM   1300 O O   . GLU A 1 169 ? -14.425 -7.293  -6.196  1.00 26.10 ? 170  GLU A O   1 
ATOM   1301 C CB  . GLU A 1 169 ? -13.834 -4.228  -5.672  1.00 22.29 ? 170  GLU A CB  1 
ATOM   1302 C CG  . GLU A 1 169 ? -14.978 -3.960  -4.716  1.00 24.93 ? 170  GLU A CG  1 
ATOM   1303 C CD  . GLU A 1 169 ? -15.530 -2.555  -4.865  1.00 25.64 ? 170  GLU A CD  1 
ATOM   1304 O OE1 . GLU A 1 169 ? -15.532 -2.034  -6.000  1.00 23.83 ? 170  GLU A OE1 1 
ATOM   1305 O OE2 . GLU A 1 169 ? -15.971 -1.977  -3.850  1.00 27.39 ? 170  GLU A OE2 1 
ATOM   1306 N N   . LEU A 1 170 ? -14.315 -7.017  -3.961  1.00 25.67 ? 171  LEU A N   1 
ATOM   1307 C CA  . LEU A 1 170 ? -15.210 -8.131  -3.666  1.00 27.80 ? 171  LEU A CA  1 
ATOM   1308 C C   . LEU A 1 170 ? -16.572 -7.655  -3.171  1.00 29.54 ? 171  LEU A C   1 
ATOM   1309 O O   . LEU A 1 170 ? -16.767 -6.426  -3.041  1.00 31.14 ? 171  LEU A O   1 
ATOM   1310 C CB  . LEU A 1 170 ? -14.580 -9.053  -2.615  1.00 26.69 ? 171  LEU A CB  1 
ATOM   1311 C CG  . LEU A 1 170 ? -13.259 -9.728  -2.995  1.00 26.36 ? 171  LEU A CG  1 
ATOM   1312 C CD1 . LEU A 1 170 ? -12.691 -10.470 -1.792  1.00 25.86 ? 171  LEU A CD1 1 
ATOM   1313 C CD2 . LEU A 1 170 ? -13.485 -10.680 -4.156  1.00 26.33 ? 171  LEU A CD2 1 
ATOM   1314 O OXT . LEU A 1 170 ? -17.432 -8.526  -2.917  1.00 30.80 ? 171  LEU A OXT 1 
HETATM 1315 N N   . DAL B 2 1   ? 16.445  5.469   9.501   1.00 30.95 ? 201  DAL D N   1 
HETATM 1316 C CA  . DAL B 2 1   ? 15.480  5.266   10.569  1.00 29.12 ? 201  DAL D CA  1 
HETATM 1317 C CB  . DAL B 2 1   ? 16.145  4.570   11.747  1.00 31.01 ? 201  DAL D CB  1 
HETATM 1318 C C   . DAL B 2 1   ? 14.313  4.429   10.067  1.00 27.35 ? 201  DAL D C   1 
HETATM 1319 O O   . DAL B 2 1   ? 14.527  3.557   9.223   1.00 25.73 ? 201  DAL D O   1 
HETATM 1320 N N   . MLE B 2 2   ? 13.037  4.641   10.532  1.00 25.64 ? 202  MLE D N   1 
HETATM 1321 C CN  . MLE B 2 2   ? 12.628  5.829   11.370  1.00 24.67 ? 202  MLE D CN  1 
HETATM 1322 C CA  . MLE B 2 2   ? 11.990  3.771   9.972   1.00 24.31 ? 202  MLE D CA  1 
HETATM 1323 C CB  . MLE B 2 2   ? 11.530  2.929   11.168  1.00 23.89 ? 202  MLE D CB  1 
HETATM 1324 C CG  . MLE B 2 2   ? 12.516  1.961   11.824  1.00 23.84 ? 202  MLE D CG  1 
HETATM 1325 C CD1 . MLE B 2 2   ? 11.870  1.340   13.055  1.00 21.52 ? 202  MLE D CD1 1 
HETATM 1326 C CD2 . MLE B 2 2   ? 12.926  0.867   10.843  1.00 23.83 ? 202  MLE D CD2 1 
HETATM 1327 C C   . MLE B 2 2   ? 10.838  4.578   9.363   1.00 22.86 ? 202  MLE D C   1 
HETATM 1328 O O   . MLE B 2 2   ? 9.789   4.732   9.985   1.00 21.75 ? 202  MLE D O   1 
HETATM 1329 N N   . MLE B 2 3   ? 11.017  5.106   8.137   1.00 21.88 ? 203  MLE D N   1 
HETATM 1330 C CN  . MLE B 2 3   ? 12.259  4.942   7.284   1.00 22.64 ? 203  MLE D CN  1 
HETATM 1331 C CA  . MLE B 2 3   ? 9.865   5.863   7.635   1.00 19.92 ? 203  MLE D CA  1 
HETATM 1332 C CB  . MLE B 2 3   ? 10.437  7.248   7.317   1.00 19.62 ? 203  MLE D CB  1 
HETATM 1333 C CG  . MLE B 2 3   ? 11.070  8.047   8.461   1.00 19.73 ? 203  MLE D CG  1 
HETATM 1334 C CD1 . MLE B 2 3   ? 11.507  9.413   7.929   1.00 19.43 ? 203  MLE D CD1 1 
HETATM 1335 C CD2 . MLE B 2 3   ? 10.088  8.217   9.615   1.00 18.16 ? 203  MLE D CD2 1 
HETATM 1336 C C   . MLE B 2 3   ? 9.240   5.200   6.416   1.00 19.44 ? 203  MLE D C   1 
HETATM 1337 O O   . MLE B 2 3   ? 9.810   4.256   5.863   1.00 20.29 ? 203  MLE D O   1 
HETATM 1338 N N   . MVA B 2 4   ? 8.052   5.696   5.971   1.00 17.68 ? 204  MVA D N   1 
HETATM 1339 C CN  . MVA B 2 4   ? 7.258   6.762   6.688   1.00 17.68 ? 204  MVA D CN  1 
HETATM 1340 C CA  . MVA B 2 4   ? 7.569   5.095   4.722   1.00 16.99 ? 204  MVA D CA  1 
HETATM 1341 C CB  . MVA B 2 4   ? 6.219   4.288   4.903   1.00 17.10 ? 204  MVA D CB  1 
HETATM 1342 C CG1 . MVA B 2 4   ? 5.956   3.547   3.587   1.00 15.19 ? 204  MVA D CG1 1 
HETATM 1343 C CG2 . MVA B 2 4   ? 6.297   3.176   5.953   1.00 16.85 ? 204  MVA D CG2 1 
HETATM 1344 C C   . MVA B 2 4   ? 7.464   6.246   3.680   1.00 17.33 ? 204  MVA D C   1 
HETATM 1345 O O   . MVA B 2 4   ? 6.348   6.791   3.491   1.00 15.92 ? 204  MVA D O   1 
HETATM 1346 N N   . BMT B 2 5   ? 8.614   6.633   3.014   1.00 15.67 ? 205  BMT D N   1 
HETATM 1347 C CN  . BMT B 2 5   ? 9.988   5.988   3.178   1.00 15.89 ? 205  BMT D CN  1 
HETATM 1348 C CA  . BMT B 2 5   ? 8.366   7.735   2.061   1.00 17.01 ? 205  BMT D CA  1 
HETATM 1349 C C   . BMT B 2 5   ? 8.384   7.295   0.598   1.00 18.11 ? 205  BMT D C   1 
HETATM 1350 O O   . BMT B 2 5   ? 8.620   6.115   0.237   1.00 19.13 ? 205  BMT D O   1 
HETATM 1351 C CB  . BMT B 2 5   ? 9.343   8.983   2.278   1.00 15.83 ? 205  BMT D CB  1 
HETATM 1352 O OG1 . BMT B 2 5   ? 10.666  8.613   1.853   1.00 12.57 ? 205  BMT D OG1 1 
HETATM 1353 C CG2 . BMT B 2 5   ? 9.420   9.542   3.755   1.00 16.48 ? 205  BMT D CG2 1 
HETATM 1354 C CD1 . BMT B 2 5   ? 8.026   9.882   4.357   1.00 15.71 ? 205  BMT D CD1 1 
HETATM 1355 C CD2 . BMT B 2 5   ? 10.341  10.761  3.963   1.00 19.61 ? 205  BMT D CD2 1 
HETATM 1356 C CE  . BMT B 2 5   ? 9.966   12.042  3.195   1.00 20.14 ? 205  BMT D CE  1 
HETATM 1357 C CZ  . BMT B 2 5   ? 10.809  12.545  2.164   1.00 21.37 ? 205  BMT D CZ  1 
HETATM 1358 C CH  . BMT B 2 5   ? 10.439  13.812  1.401   1.00 22.72 ? 205  BMT D CH  1 
HETATM 1359 N N   . ABA B 2 6   ? 8.045   8.250   -0.286  1.00 20.66 ? 206  ABA D N   1 
HETATM 1360 C CA  . ABA B 2 6   ? 7.961   8.006   -1.716  1.00 22.97 ? 206  ABA D CA  1 
HETATM 1361 C C   . ABA B 2 6   ? 9.048   8.791   -2.459  1.00 25.68 ? 206  ABA D C   1 
HETATM 1362 O O   . ABA B 2 6   ? 8.780   9.917   -2.912  1.00 25.41 ? 206  ABA D O   1 
HETATM 1363 C CB  . ABA B 2 6   ? 6.541   8.388   -2.172  1.00 22.64 ? 206  ABA D CB  1 
HETATM 1364 C CG  . ABA B 2 6   ? 5.387   7.637   -1.471  1.00 22.17 ? 206  ABA D CG  1 
HETATM 1365 N N   . SAR B 2 7   ? 10.305  8.318   -2.635  1.00 27.58 ? 207  SAR D N   1 
HETATM 1366 C CA  . SAR B 2 7   ? 11.298  9.132   -3.379  1.00 30.25 ? 207  SAR D CA  1 
HETATM 1367 C C   . SAR B 2 7   ? 12.552  9.455   -2.562  1.00 31.85 ? 207  SAR D C   1 
HETATM 1368 O O   . SAR B 2 7   ? 13.619  8.979   -2.984  1.00 33.46 ? 207  SAR D O   1 
HETATM 1369 C CN  . SAR B 2 7   ? 10.790  6.925   -2.305  1.00 28.24 ? 207  SAR D CN  1 
HETATM 1370 N N   . MLE B 2 8   ? 12.525  10.215  -1.431  1.00 30.91 ? 208  MLE D N   1 
HETATM 1371 C CN  . MLE B 2 8   ? 11.297  10.940  -0.955  1.00 30.59 ? 208  MLE D CN  1 
HETATM 1372 C CA  . MLE B 2 8   ? 13.754  10.327  -0.638  1.00 31.34 ? 208  MLE D CA  1 
HETATM 1373 C CB  . MLE B 2 8   ? 13.958  11.840  -0.493  1.00 32.94 ? 208  MLE D CB  1 
HETATM 1374 C CG  . MLE B 2 8   ? 15.195  12.309  0.266   1.00 36.24 ? 208  MLE D CG  1 
HETATM 1375 C CD1 . MLE B 2 8   ? 16.379  11.419  -0.091  1.00 37.74 ? 208  MLE D CD1 1 
HETATM 1376 C CD2 . MLE B 2 8   ? 15.486  13.752  -0.098  1.00 37.15 ? 208  MLE D CD2 1 
HETATM 1377 C C   . MLE B 2 8   ? 13.647  9.601   0.698   1.00 30.10 ? 208  MLE D C   1 
HETATM 1378 O O   . MLE B 2 8   ? 13.329  10.191  1.729   1.00 28.57 ? 208  MLE D O   1 
ATOM   1379 N N   . VAL B 2 9   ? 13.910  8.303   0.654   1.00 28.85 ? 209  VAL D N   1 
ATOM   1380 C CA  . VAL B 2 9   ? 13.852  7.462   1.837   1.00 28.20 ? 209  VAL D CA  1 
ATOM   1381 C C   . VAL B 2 9   ? 15.017  7.800   2.762   1.00 28.72 ? 209  VAL D C   1 
ATOM   1382 O O   . VAL B 2 9   ? 16.172  7.726   2.356   1.00 28.80 ? 209  VAL D O   1 
ATOM   1383 C CB  . VAL B 2 9   ? 13.942  5.965   1.451   1.00 27.48 ? 209  VAL D CB  1 
ATOM   1384 C CG1 . VAL B 2 9   ? 13.713  5.092   2.675   1.00 28.28 ? 209  VAL D CG1 1 
ATOM   1385 C CG2 . VAL B 2 9   ? 12.930  5.644   0.367   1.00 26.90 ? 209  VAL D CG2 1 
HETATM 1386 N N   . MLE B 2 10  ? 14.729  8.195   4.016   1.00 28.37 ? 210  MLE D N   1 
HETATM 1387 C CN  . MLE B 2 10  ? 13.377  8.147   4.685   1.00 27.26 ? 210  MLE D CN  1 
HETATM 1388 C CA  . MLE B 2 10  ? 15.945  8.480   4.788   1.00 29.64 ? 210  MLE D CA  1 
HETATM 1389 C CB  . MLE B 2 10  ? 15.704  9.879   5.363   1.00 30.58 ? 210  MLE D CB  1 
HETATM 1390 C CG  . MLE B 2 10  ? 15.692  11.016  4.333   1.00 31.05 ? 210  MLE D CG  1 
HETATM 1391 C CD1 . MLE B 2 10  ? 15.456  12.346  5.040   1.00 31.85 ? 210  MLE D CD1 1 
HETATM 1392 C CD2 . MLE B 2 10  ? 17.012  11.063  3.565   1.00 30.04 ? 210  MLE D CD2 1 
HETATM 1393 C C   . MLE B 2 10  ? 16.247  7.435   5.860   1.00 30.15 ? 210  MLE D C   1 
HETATM 1394 O O   . MLE B 2 10  ? 15.661  6.357   5.870   1.00 30.60 ? 210  MLE D O   1 
ATOM   1395 N N   . ALA B 2 11  ? 17.179  7.754   6.751   1.00 31.21 ? 211  ALA D N   1 
ATOM   1396 C CA  . ALA B 2 11  ? 17.565  6.828   7.813   1.00 32.30 ? 211  ALA D CA  1 
ATOM   1397 C C   . ALA B 2 11  ? 16.424  6.611   8.807   1.00 32.11 ? 211  ALA D C   1 
ATOM   1398 O O   . ALA B 2 11  ? 15.541  7.456   8.950   1.00 33.54 ? 211  ALA D O   1 
ATOM   1399 C CB  . ALA B 2 11  ? 18.804  7.348   8.535   1.00 32.97 ? 211  ALA D CB  1 
HETATM 1400 O O   . HOH C 3 .   ? -19.286 -2.338  6.211   1.00 23.43 ? 2001 HOH A O   1 
HETATM 1401 O O   . HOH C 3 .   ? -19.623 -1.263  -0.828  1.00 32.41 ? 2002 HOH A O   1 
HETATM 1402 O O   . HOH C 3 .   ? -21.607 -0.619  -4.375  1.00 38.48 ? 2003 HOH A O   1 
HETATM 1403 O O   . HOH C 3 .   ? -23.491 -0.974  5.855   1.00 28.11 ? 2004 HOH A O   1 
HETATM 1404 O O   . HOH C 3 .   ? -18.516 1.754   0.492   1.00 26.65 ? 2005 HOH A O   1 
HETATM 1405 O O   . HOH C 3 .   ? -22.936 3.086   2.222   1.00 40.35 ? 2006 HOH A O   1 
HETATM 1406 O O   . HOH C 3 .   ? -18.602 -3.614  0.532   1.00 38.13 ? 2007 HOH A O   1 
HETATM 1407 O O   . HOH C 3 .   ? -4.375  -16.869 -7.828  1.00 26.12 ? 2008 HOH A O   1 
HETATM 1408 O O   . HOH C 3 .   ? -14.009 2.597   -0.612  1.00 6.74  ? 2009 HOH A O   1 
HETATM 1409 O O   . HOH C 3 .   ? 3.102   -13.588 -13.020 1.00 25.72 ? 2010 HOH A O   1 
HETATM 1410 O O   . HOH C 3 .   ? 10.953  -14.282 -10.301 1.00 30.60 ? 2011 HOH A O   1 
HETATM 1411 O O   . HOH C 3 .   ? 12.455  -19.127 -12.634 1.00 39.56 ? 2012 HOH A O   1 
HETATM 1412 O O   . HOH C 3 .   ? -20.111 7.070   -1.213  1.00 52.72 ? 2013 HOH A O   1 
HETATM 1413 O O   . HOH C 3 .   ? -16.285 -4.124  -1.630  1.00 25.65 ? 2014 HOH A O   1 
HETATM 1414 O O   . HOH C 3 .   ? -18.631 -6.299  2.796   1.00 37.24 ? 2015 HOH A O   1 
HETATM 1415 O O   . HOH C 3 .   ? -5.526  -14.842 -9.028  1.00 44.39 ? 2016 HOH A O   1 
HETATM 1416 O O   . HOH C 3 .   ? -4.022  -16.152 -5.186  1.00 32.09 ? 2017 HOH A O   1 
HETATM 1417 O O   . HOH C 3 .   ? 4.849   -14.152 -10.869 1.00 26.07 ? 2018 HOH A O   1 
HETATM 1418 O O   . HOH C 3 .   ? -17.829 5.961   0.618   1.00 35.47 ? 2019 HOH A O   1 
HETATM 1419 O O   . HOH C 3 .   ? -15.725 11.777  -0.426  1.00 40.28 ? 2020 HOH A O   1 
HETATM 1420 O O   . HOH C 3 .   ? 7.820   -18.478 -2.967  1.00 31.19 ? 2021 HOH A O   1 
HETATM 1421 O O   . HOH C 3 .   ? 12.591  -13.813 -7.924  1.00 19.46 ? 2022 HOH A O   1 
HETATM 1422 O O   . HOH C 3 .   ? 14.790  -16.797 -7.550  1.00 28.72 ? 2023 HOH A O   1 
HETATM 1423 O O   . HOH C 3 .   ? 11.568  -18.828 -9.220  1.00 36.13 ? 2024 HOH A O   1 
HETATM 1424 O O   . HOH C 3 .   ? 6.809   -13.127 -7.985  1.00 13.95 ? 2025 HOH A O   1 
HETATM 1425 O O   . HOH C 3 .   ? 6.973   -20.871 -10.159 1.00 30.65 ? 2026 HOH A O   1 
HETATM 1426 O O   . HOH C 3 .   ? 10.078  -19.218 -11.572 1.00 42.14 ? 2027 HOH A O   1 
HETATM 1427 O O   . HOH C 3 .   ? -11.059 -5.708  -10.991 1.00 36.00 ? 2028 HOH A O   1 
HETATM 1428 O O   . HOH C 3 .   ? 6.769   -22.728 -7.383  1.00 37.77 ? 2029 HOH A O   1 
HETATM 1429 O O   . HOH C 3 .   ? -17.243 6.656   -11.744 1.00 42.47 ? 2030 HOH A O   1 
HETATM 1430 O O   . HOH C 3 .   ? 1.223   -20.913 -1.317  1.00 30.22 ? 2031 HOH A O   1 
HETATM 1431 O O   . HOH C 3 .   ? -0.079  -15.145 -7.434  1.00 19.36 ? 2032 HOH A O   1 
HETATM 1432 O O   . HOH C 3 .   ? -3.407  -20.170 -2.358  1.00 38.26 ? 2033 HOH A O   1 
HETATM 1433 O O   . HOH C 3 .   ? 2.505   -20.378 -8.743  1.00 13.73 ? 2034 HOH A O   1 
HETATM 1434 O O   . HOH C 3 .   ? 2.858   14.537  -13.242 1.00 42.93 ? 2035 HOH A O   1 
HETATM 1435 O O   . HOH C 3 .   ? 1.549   -19.246 0.905   1.00 41.20 ? 2036 HOH A O   1 
HETATM 1436 O O   . HOH C 3 .   ? 3.365   7.053   -16.385 1.00 37.42 ? 2037 HOH A O   1 
HETATM 1437 O O   . HOH C 3 .   ? -2.144  -3.172  -19.699 1.00 35.81 ? 2038 HOH A O   1 
HETATM 1438 O O   . HOH C 3 .   ? -5.873  -15.963 2.009   1.00 26.46 ? 2039 HOH A O   1 
HETATM 1439 O O   . HOH C 3 .   ? -4.698  -17.504 0.186   1.00 24.03 ? 2040 HOH A O   1 
HETATM 1440 O O   . HOH C 3 .   ? -4.269  -5.952  -17.121 1.00 41.93 ? 2041 HOH A O   1 
HETATM 1441 O O   . HOH C 3 .   ? 17.685  -14.229 -1.457  1.00 43.11 ? 2042 HOH A O   1 
HETATM 1442 O O   . HOH C 3 .   ? 12.036  -4.070  -6.034  1.00 31.56 ? 2043 HOH A O   1 
HETATM 1443 O O   . HOH C 3 .   ? 15.649  -2.645  10.464  1.00 27.60 ? 2044 HOH A O   1 
HETATM 1444 O O   . HOH C 3 .   ? 9.008   -6.049  16.902  1.00 41.32 ? 2045 HOH A O   1 
HETATM 1445 O O   . HOH C 3 .   ? 9.091   -1.648  16.482  1.00 33.02 ? 2046 HOH A O   1 
HETATM 1446 O O   . HOH C 3 .   ? -16.421 3.905   12.164  1.00 14.97 ? 2047 HOH A O   1 
HETATM 1447 O O   . HOH C 3 .   ? -14.616 11.344  7.316   1.00 33.28 ? 2048 HOH A O   1 
HETATM 1448 O O   . HOH C 3 .   ? -15.036 5.872   0.031   1.00 28.72 ? 2049 HOH A O   1 
HETATM 1449 O O   . HOH C 3 .   ? -15.122 10.089  -6.420  1.00 37.61 ? 2050 HOH A O   1 
HETATM 1450 O O   . HOH C 3 .   ? -15.469 9.369   -1.808  1.00 44.26 ? 2051 HOH A O   1 
HETATM 1451 O O   . HOH C 3 .   ? -8.306  13.916  1.053   1.00 21.72 ? 2052 HOH A O   1 
HETATM 1452 O O   . HOH C 3 .   ? -5.617  11.117  2.744   1.00 17.21 ? 2053 HOH A O   1 
HETATM 1453 O O   . HOH C 3 .   ? -5.373  5.685   -1.240  1.00 13.16 ? 2054 HOH A O   1 
HETATM 1454 O O   . HOH C 3 .   ? -17.379 4.970   -6.961  1.00 48.49 ? 2055 HOH A O   1 
HETATM 1455 O O   . HOH C 3 .   ? 1.028   1.661   19.136  1.00 23.95 ? 2056 HOH A O   1 
HETATM 1456 O O   . HOH C 3 .   ? -11.931 -4.035  -13.205 1.00 23.22 ? 2057 HOH A O   1 
HETATM 1457 O O   . HOH C 3 .   ? -12.731 6.303   -15.544 1.00 38.15 ? 2058 HOH A O   1 
HETATM 1458 O O   . HOH C 3 .   ? -14.896 5.416   -11.879 1.00 35.85 ? 2059 HOH A O   1 
HETATM 1459 O O   . HOH C 3 .   ? 7.077   -4.260  17.993  1.00 39.65 ? 2060 HOH A O   1 
HETATM 1460 O O   . HOH C 3 .   ? -10.877 8.031   -15.989 1.00 30.46 ? 2061 HOH A O   1 
HETATM 1461 O O   . HOH C 3 .   ? -1.918  11.576  -22.012 1.00 40.06 ? 2062 HOH A O   1 
HETATM 1462 O O   . HOH C 3 .   ? 2.342   13.579  -15.931 1.00 36.81 ? 2063 HOH A O   1 
HETATM 1463 O O   . HOH C 3 .   ? -4.322  -8.948  11.654  1.00 38.87 ? 2064 HOH A O   1 
HETATM 1464 O O   . HOH C 3 .   ? -1.506  6.517   -16.914 1.00 32.37 ? 2065 HOH A O   1 
HETATM 1465 O O   . HOH C 3 .   ? -3.606  -1.563  -18.063 1.00 32.92 ? 2066 HOH A O   1 
HETATM 1466 O O   . HOH C 3 .   ? 0.149   -15.299 10.202  1.00 38.12 ? 2067 HOH A O   1 
HETATM 1467 O O   . HOH C 3 .   ? -0.860  -10.604 12.925  1.00 38.81 ? 2068 HOH A O   1 
HETATM 1468 O O   . HOH C 3 .   ? -8.017  3.143   -11.406 1.00 16.98 ? 2069 HOH A O   1 
HETATM 1469 O O   . HOH C 3 .   ? 0.386   -1.786  -12.146 1.00 27.04 ? 2070 HOH A O   1 
HETATM 1470 O O   . HOH C 3 .   ? -4.213  -3.313  -15.957 1.00 35.74 ? 2071 HOH A O   1 
HETATM 1471 O O   . HOH C 3 .   ? -1.389  1.806   -13.544 1.00 23.20 ? 2072 HOH A O   1 
HETATM 1472 O O   . HOH C 3 .   ? 15.643  -13.059 0.032   1.00 26.64 ? 2073 HOH A O   1 
HETATM 1473 O O   . HOH C 3 .   ? 15.906  3.212   0.167   1.00 42.25 ? 2074 HOH A O   1 
HETATM 1474 O O   . HOH C 3 .   ? -1.654  -3.552  -14.947 1.00 54.12 ? 2075 HOH A O   1 
HETATM 1475 O O   . HOH C 3 .   ? -8.051  -7.424  -13.697 1.00 23.79 ? 2076 HOH A O   1 
HETATM 1476 O O   . HOH C 3 .   ? 2.418   -2.631  -5.393  1.00 12.07 ? 2077 HOH A O   1 
HETATM 1477 O O   . HOH C 3 .   ? -10.162 -11.664 -12.703 1.00 43.43 ? 2078 HOH A O   1 
HETATM 1478 O O   . HOH C 3 .   ? 5.937   -0.227  -5.991  1.00 14.02 ? 2079 HOH A O   1 
HETATM 1479 O O   . HOH C 3 .   ? 9.997   3.716   -1.243  1.00 19.83 ? 2080 HOH A O   1 
HETATM 1480 O O   . HOH C 3 .   ? 13.525  -3.633  -3.784  1.00 18.44 ? 2081 HOH A O   1 
HETATM 1481 O O   . HOH C 3 .   ? 13.355  -0.060  -2.071  1.00 16.24 ? 2082 HOH A O   1 
HETATM 1482 O O   . HOH C 3 .   ? 14.520  2.739   5.618   1.00 37.49 ? 2083 HOH A O   1 
HETATM 1483 O O   . HOH C 3 .   ? 14.628  -5.192  9.618   1.00 27.69 ? 2084 HOH A O   1 
HETATM 1484 O O   . HOH C 3 .   ? 9.656   -3.960  15.228  1.00 44.37 ? 2085 HOH A O   1 
HETATM 1485 O O   . HOH C 3 .   ? 5.223   -1.369  -9.372  1.00 23.41 ? 2086 HOH A O   1 
HETATM 1486 O O   . HOH C 3 .   ? 8.598   3.921   -15.374 1.00 36.42 ? 2087 HOH A O   1 
HETATM 1487 O O   . HOH C 3 .   ? 12.241  -1.752  -7.803  1.00 24.54 ? 2088 HOH A O   1 
HETATM 1488 O O   . HOH C 3 .   ? 13.494  0.741   -4.432  1.00 27.13 ? 2089 HOH A O   1 
HETATM 1489 O O   . HOH C 3 .   ? 12.674  3.444   -2.308  1.00 32.25 ? 2090 HOH A O   1 
HETATM 1490 O O   . HOH C 3 .   ? 12.912  5.508   -11.835 1.00 33.64 ? 2091 HOH A O   1 
HETATM 1491 O O   . HOH C 3 .   ? 8.434   10.835  -10.174 1.00 45.60 ? 2092 HOH A O   1 
HETATM 1492 O O   . HOH C 3 .   ? 9.337   11.659  -6.403  1.00 45.36 ? 2093 HOH A O   1 
HETATM 1493 O O   . HOH C 3 .   ? 6.790   9.432   -5.561  1.00 40.73 ? 2094 HOH A O   1 
HETATM 1494 O O   . HOH C 3 .   ? -4.553  10.891  -12.449 1.00 37.47 ? 2095 HOH A O   1 
HETATM 1495 O O   . HOH C 3 .   ? -13.553 10.449  -3.762  1.00 29.28 ? 2096 HOH A O   1 
HETATM 1496 O O   . HOH C 3 .   ? 4.441   9.896   -4.750  1.00 27.72 ? 2097 HOH A O   1 
HETATM 1497 O O   . HOH C 3 .   ? -9.853  15.926  2.183   1.00 37.94 ? 2098 HOH A O   1 
HETATM 1498 O O   . HOH C 3 .   ? -6.432  16.754  -2.818  1.00 20.58 ? 2099 HOH A O   1 
HETATM 1499 O O   . HOH C 3 .   ? 0.615   12.931  2.517   1.00 21.11 ? 2100 HOH A O   1 
HETATM 1500 O O   . HOH C 3 .   ? -0.983  17.258  6.692   1.00 29.83 ? 2101 HOH A O   1 
HETATM 1501 O O   . HOH C 3 .   ? -8.238  16.734  8.800   1.00 43.43 ? 2102 HOH A O   1 
HETATM 1502 O O   . HOH C 3 .   ? -11.998 13.681  7.225   1.00 27.34 ? 2103 HOH A O   1 
HETATM 1503 O O   . HOH C 3 .   ? -8.204  7.610   9.543   1.00 17.97 ? 2104 HOH A O   1 
HETATM 1504 O O   . HOH C 3 .   ? -6.857  14.544  11.505  1.00 24.61 ? 2105 HOH A O   1 
HETATM 1505 O O   . HOH C 3 .   ? -14.195 9.088   12.246  1.00 25.43 ? 2106 HOH A O   1 
HETATM 1506 O O   . HOH C 3 .   ? -8.181  5.501   16.437  1.00 24.31 ? 2107 HOH A O   1 
HETATM 1507 O O   . HOH C 3 .   ? -7.221  12.768  13.619  1.00 40.15 ? 2108 HOH A O   1 
HETATM 1508 O O   . HOH C 3 .   ? -13.141 13.466  13.175  1.00 29.75 ? 2109 HOH A O   1 
HETATM 1509 O O   . HOH C 3 .   ? -5.112  7.657   9.789   1.00 19.08 ? 2110 HOH A O   1 
HETATM 1510 O O   . HOH C 3 .   ? -6.237  11.505  16.614  1.00 39.33 ? 2111 HOH A O   1 
HETATM 1511 O O   . HOH C 3 .   ? -1.476  11.269  16.055  1.00 24.96 ? 2112 HOH A O   1 
HETATM 1512 O O   . HOH C 3 .   ? -6.600  3.167   15.617  1.00 22.51 ? 2113 HOH A O   1 
HETATM 1513 O O   . HOH C 3 .   ? -6.061  1.391   13.480  1.00 26.33 ? 2114 HOH A O   1 
HETATM 1514 O O   . HOH C 3 .   ? -3.376  12.659  14.989  1.00 43.39 ? 2115 HOH A O   1 
HETATM 1515 O O   . HOH C 3 .   ? -0.423  -0.400  19.679  1.00 27.75 ? 2116 HOH A O   1 
HETATM 1516 O O   . HOH C 3 .   ? -3.459  -7.972  16.039  1.00 40.43 ? 2117 HOH A O   1 
HETATM 1517 O O   . HOH C 3 .   ? 1.494   7.398   -1.797  1.00 18.52 ? 2118 HOH A O   1 
HETATM 1518 O O   . HOH C 3 .   ? 5.508   12.029  5.878   1.00 26.48 ? 2119 HOH A O   1 
HETATM 1519 O O   . HOH C 3 .   ? 4.624   18.634  1.581   1.00 29.05 ? 2120 HOH A O   1 
HETATM 1520 O O   . HOH C 3 .   ? -1.875  17.453  -2.429  1.00 41.10 ? 2121 HOH A O   1 
HETATM 1521 O O   . HOH C 3 .   ? 1.404   19.036  -1.823  1.00 30.91 ? 2122 HOH A O   1 
HETATM 1522 O O   . HOH C 3 .   ? 1.167   21.034  2.112   1.00 18.46 ? 2123 HOH A O   1 
HETATM 1523 O O   . HOH C 3 .   ? -4.798  18.403  4.459   1.00 31.15 ? 2124 HOH A O   1 
HETATM 1524 O O   . HOH C 3 .   ? 3.070   9.715   -2.580  1.00 26.38 ? 2125 HOH A O   1 
HETATM 1525 O O   . HOH C 3 .   ? -0.636  10.041  4.361   1.00 15.93 ? 2126 HOH A O   1 
HETATM 1526 O O   . HOH C 3 .   ? 3.140   -6.722  16.808  1.00 34.42 ? 2127 HOH A O   1 
HETATM 1527 O O   . HOH C 3 .   ? 6.529   -1.289  17.409  1.00 19.06 ? 2128 HOH A O   1 
HETATM 1528 O O   . HOH C 3 .   ? 3.342   8.710   18.316  1.00 30.28 ? 2129 HOH A O   1 
HETATM 1529 O O   . HOH C 3 .   ? 7.415   9.365   11.302  1.00 23.14 ? 2130 HOH A O   1 
HETATM 1530 O O   . HOH C 3 .   ? 1.100   7.307   18.677  1.00 30.71 ? 2131 HOH A O   1 
HETATM 1531 O O   . HOH C 3 .   ? 3.763   10.607  15.146  1.00 27.92 ? 2132 HOH A O   1 
HETATM 1532 O O   . HOH C 3 .   ? -0.614  3.761   17.189  1.00 29.38 ? 2133 HOH A O   1 
HETATM 1533 O O   . HOH C 3 .   ? 5.487   14.831  15.289  1.00 35.25 ? 2134 HOH A O   1 
HETATM 1534 O O   . HOH C 3 .   ? 1.590   13.570  5.802   1.00 21.18 ? 2135 HOH A O   1 
HETATM 1535 O O   . HOH C 3 .   ? 6.751   9.748   8.829   1.00 21.12 ? 2136 HOH A O   1 
HETATM 1536 O O   . HOH C 3 .   ? -2.180  8.059   11.595  1.00 13.15 ? 2137 HOH A O   1 
HETATM 1537 O O   . HOH C 3 .   ? -9.333  5.667   8.148   1.00 15.54 ? 2138 HOH A O   1 
HETATM 1538 O O   . HOH C 3 .   ? -10.806 -1.930  12.391  1.00 26.88 ? 2139 HOH A O   1 
HETATM 1539 O O   . HOH C 3 .   ? -6.614  -10.458 10.287  1.00 43.89 ? 2140 HOH A O   1 
HETATM 1540 O O   . HOH C 3 .   ? -10.823 -10.757 9.769   1.00 30.67 ? 2141 HOH A O   1 
HETATM 1541 O O   . HOH C 3 .   ? -12.131 -16.014 1.757   1.00 37.55 ? 2142 HOH A O   1 
HETATM 1542 O O   . HOH C 3 .   ? -5.746  -15.421 6.985   1.00 35.71 ? 2143 HOH A O   1 
HETATM 1543 O O   . HOH C 3 .   ? -5.570  -13.082 8.325   1.00 27.43 ? 2144 HOH A O   1 
HETATM 1544 O O   . HOH C 3 .   ? 2.878   -17.340 6.422   1.00 28.55 ? 2145 HOH A O   1 
HETATM 1545 O O   . HOH C 3 .   ? 0.483   -13.104 11.577  1.00 43.71 ? 2146 HOH A O   1 
HETATM 1546 O O   . HOH C 3 .   ? 7.538   -13.731 8.612   1.00 38.08 ? 2147 HOH A O   1 
HETATM 1547 O O   . HOH C 3 .   ? 7.002   -17.754 0.031   1.00 41.19 ? 2148 HOH A O   1 
HETATM 1548 O O   . HOH C 3 .   ? 7.215   -8.979  12.598  1.00 46.07 ? 2149 HOH A O   1 
HETATM 1549 O O   . HOH C 3 .   ? 10.589  -11.736 10.689  1.00 51.63 ? 2150 HOH A O   1 
HETATM 1550 O O   . HOH C 3 .   ? 13.630  -16.096 3.767   1.00 38.82 ? 2151 HOH A O   1 
HETATM 1551 O O   . HOH C 3 .   ? 15.524  -8.860  0.294   1.00 16.81 ? 2152 HOH A O   1 
HETATM 1552 O O   . HOH C 3 .   ? 8.556   -15.724 1.344   1.00 29.87 ? 2153 HOH A O   1 
HETATM 1553 O O   . HOH C 3 .   ? 13.746  -11.502 -0.998  1.00 14.15 ? 2154 HOH A O   1 
HETATM 1554 O O   . HOH C 3 .   ? 18.965  -7.720  6.531   1.00 26.70 ? 2155 HOH A O   1 
HETATM 1555 O O   . HOH C 3 .   ? 16.524  0.742   5.244   1.00 35.19 ? 2156 HOH A O   1 
HETATM 1556 O O   . HOH C 3 .   ? 15.839  -0.672  8.483   1.00 30.35 ? 2157 HOH A O   1 
HETATM 1557 O O   . HOH C 3 .   ? 21.628  -3.993  0.774   1.00 37.56 ? 2158 HOH A O   1 
HETATM 1558 O O   . HOH C 3 .   ? 17.923  1.884   1.905   1.00 55.58 ? 2159 HOH A O   1 
HETATM 1559 O O   . HOH C 3 .   ? 20.046  -5.118  4.463   1.00 24.18 ? 2160 HOH A O   1 
HETATM 1560 O O   . HOH C 3 .   ? 14.808  0.641   0.132   1.00 27.37 ? 2161 HOH A O   1 
HETATM 1561 O O   . HOH C 3 .   ? 15.064  1.388   3.239   1.00 18.26 ? 2162 HOH A O   1 
HETATM 1562 O O   . HOH C 3 .   ? 7.417   -11.849 -10.419 1.00 27.83 ? 2163 HOH A O   1 
HETATM 1563 O O   . HOH C 3 .   ? 9.186   -7.498  -8.273  1.00 16.56 ? 2164 HOH A O   1 
HETATM 1564 O O   . HOH C 3 .   ? 9.509   -7.115  -5.412  1.00 12.25 ? 2165 HOH A O   1 
HETATM 1565 O O   . HOH C 3 .   ? -3.105  -14.358 -9.650  1.00 25.16 ? 2166 HOH A O   1 
HETATM 1566 O O   . HOH C 3 .   ? -0.717  -10.886 -13.526 1.00 23.26 ? 2167 HOH A O   1 
HETATM 1567 O O   . HOH C 3 .   ? -8.016  -9.800  -13.185 1.00 60.81 ? 2168 HOH A O   1 
HETATM 1568 O O   . HOH C 3 .   ? -9.933  -9.292  -10.344 1.00 36.24 ? 2169 HOH A O   1 
HETATM 1569 O O   . HOH C 3 .   ? -8.564  -5.832  -11.434 1.00 23.32 ? 2170 HOH A O   1 
HETATM 1570 O O   . HOH C 3 .   ? -12.911 -6.324  -9.156  1.00 26.35 ? 2171 HOH A O   1 
HETATM 1571 O O   . HOH C 3 .   ? -17.569 -10.998 -2.315  1.00 33.84 ? 2172 HOH A O   1 
HETATM 1572 O O   . HOH D 3 .   ? 16.867  1.861   9.183   1.00 48.17 ? 2001 HOH D O   1 
HETATM 1573 O O   . HOH D 3 .   ? 15.304  7.334   -1.472  1.00 25.43 ? 2002 HOH D O   1 
HETATM 1574 O O   . HOH D 3 .   ? 14.399  9.703   8.831   1.00 41.31 ? 2003 HOH D O   1 
# 
loop_
_pdbx_poly_seq_scheme.asym_id 
_pdbx_poly_seq_scheme.entity_id 
_pdbx_poly_seq_scheme.seq_id 
_pdbx_poly_seq_scheme.mon_id 
_pdbx_poly_seq_scheme.ndb_seq_num 
_pdbx_poly_seq_scheme.pdb_seq_num 
_pdbx_poly_seq_scheme.auth_seq_num 
_pdbx_poly_seq_scheme.pdb_mon_id 
_pdbx_poly_seq_scheme.auth_mon_id 
_pdbx_poly_seq_scheme.pdb_strand_id 
_pdbx_poly_seq_scheme.pdb_ins_code 
_pdbx_poly_seq_scheme.hetero 
A 1 1   SER 1   2   2   SER SER A . n 
A 1 2   LYS 2   3   3   LYS LYS A . n 
A 1 3   ARG 3   4   4   ARG ARG A . n 
A 1 4   SER 4   5   5   SER SER A . n 
A 1 5   LYS 5   6   6   LYS LYS A . n 
A 1 6   VAL 6   7   7   VAL VAL A . n 
A 1 7   PHE 7   8   8   PHE PHE A . n 
A 1 8   PHE 8   9   9   PHE PHE A . n 
A 1 9   ASP 9   10  10  ASP ASP A . n 
A 1 10  ILE 10  11  11  ILE ILE A . n 
A 1 11  SER 11  12  12  SER SER A . n 
A 1 12  ILE 12  13  13  ILE ILE A . n 
A 1 13  ASP 13  14  14  ASP ASP A . n 
A 1 14  ASN 14  15  15  ASN ASN A . n 
A 1 15  SER 15  16  16  SER SER A . n 
A 1 16  ASN 16  17  17  ASN ASN A . n 
A 1 17  ALA 17  18  18  ALA ALA A . n 
A 1 18  GLY 18  19  19  GLY GLY A . n 
A 1 19  ARG 19  20  20  ARG ARG A . n 
A 1 20  ILE 20  21  21  ILE ILE A . n 
A 1 21  ILE 21  22  22  ILE ILE A . n 
A 1 22  PHE 22  23  23  PHE PHE A . n 
A 1 23  GLU 23  24  24  GLU GLU A . n 
A 1 24  LEU 24  25  25  LEU LEU A . n 
A 1 25  PHE 25  26  26  PHE PHE A . n 
A 1 26  SER 26  27  27  SER SER A . n 
A 1 27  ASP 27  28  28  ASP ASP A . n 
A 1 28  ILE 28  29  29  ILE ILE A . n 
A 1 29  THR 29  30  30  THR THR A . n 
A 1 30  PRO 30  31  31  PRO PRO A . n 
A 1 31  ARG 31  32  32  ARG ARG A . n 
A 1 32  THR 32  33  33  THR THR A . n 
A 1 33  CYS 33  34  34  CYS CYS A . n 
A 1 34  GLU 34  35  35  GLU GLU A . n 
A 1 35  ASN 35  36  36  ASN ASN A . n 
A 1 36  PHE 36  37  37  PHE PHE A . n 
A 1 37  ARG 37  38  38  ARG ARG A . n 
A 1 38  ALA 38  39  39  ALA ALA A . n 
A 1 39  LEU 39  40  40  LEU LEU A . n 
A 1 40  CYS 40  41  41  CYS CYS A . n 
A 1 41  THR 41  42  42  THR THR A . n 
A 1 42  GLY 42  43  43  GLY GLY A . n 
A 1 43  GLU 43  44  44  GLU GLU A . n 
A 1 44  LYS 44  45  45  LYS LYS A . n 
A 1 45  ILE 45  46  46  ILE ILE A . n 
A 1 46  GLY 46  47  47  GLY GLY A . n 
A 1 47  SER 47  48  48  SER SER A . n 
A 1 48  ARG 48  49  49  ARG ARG A . n 
A 1 49  GLY 49  50  50  GLY GLY A . n 
A 1 50  LYS 50  51  51  LYS LYS A . n 
A 1 51  ASN 51  52  52  ASN ASN A . n 
A 1 52  LEU 52  53  53  LEU LEU A . n 
A 1 53  HIS 53  54  54  HIS HIS A . n 
A 1 54  TYR 54  55  55  TYR TYR A . n 
A 1 55  LYS 55  56  56  LYS LYS A . n 
A 1 56  ASN 56  57  57  ASN ASN A . n 
A 1 57  SER 57  58  58  SER SER A . n 
A 1 58  ILE 58  59  59  ILE ILE A . n 
A 1 59  PHE 59  60  60  PHE PHE A . n 
A 1 60  HIS 60  61  61  HIS HIS A . n 
A 1 61  ARG 61  62  62  ARG ARG A . n 
A 1 62  ILE 62  63  63  ILE ILE A . n 
A 1 63  ILE 63  64  64  ILE ILE A . n 
A 1 64  PRO 64  65  65  PRO PRO A . n 
A 1 65  GLN 65  66  66  GLN GLN A . n 
A 1 66  PHE 66  67  67  PHE PHE A . n 
A 1 67  MET 67  68  68  MET MET A . n 
A 1 68  CYS 68  69  69  CYS CYS A . n 
A 1 69  GLN 69  70  70  GLN GLN A . n 
A 1 70  GLY 70  71  71  GLY GLY A . n 
A 1 71  GLY 71  72  72  GLY GLY A . n 
A 1 72  ASP 72  73  73  ASP ASP A . n 
A 1 73  ILE 73  74  74  ILE ILE A . n 
A 1 74  THR 74  75  75  THR THR A . n 
A 1 75  ASN 75  76  76  ASN ASN A . n 
A 1 76  GLY 76  77  77  GLY GLY A . n 
A 1 77  ASN 77  78  78  ASN ASN A . n 
A 1 78  GLY 78  79  79  GLY GLY A . n 
A 1 79  SER 79  80  80  SER SER A . n 
A 1 80  GLY 80  81  81  GLY GLY A . n 
A 1 81  GLY 81  82  82  GLY GLY A . n 
A 1 82  GLU 82  83  83  GLU GLU A . n 
A 1 83  SER 83  84  84  SER SER A . n 
A 1 84  ILE 84  85  85  ILE ILE A . n 
A 1 85  TYR 85  86  86  TYR TYR A . n 
A 1 86  GLY 86  87  87  GLY GLY A . n 
A 1 87  ARG 87  88  88  ARG ARG A . n 
A 1 88  SER 88  89  89  SER SER A . n 
A 1 89  PHE 89  90  90  PHE PHE A . n 
A 1 90  THR 90  91  91  THR THR A . n 
A 1 91  ASP 91  92  92  ASP ASP A . n 
A 1 92  GLU 92  93  93  GLU GLU A . n 
A 1 93  ASN 93  94  94  ASN ASN A . n 
A 1 94  PHE 94  95  95  PHE PHE A . n 
A 1 95  ASN 95  96  96  ASN ASN A . n 
A 1 96  MET 96  97  97  MET MET A . n 
A 1 97  LYS 97  98  98  LYS LYS A . n 
A 1 98  HIS 98  99  99  HIS HIS A . n 
A 1 99  ASP 99  100 100 ASP ASP A . n 
A 1 100 GLN 100 101 101 GLN GLN A . n 
A 1 101 PRO 101 102 102 PRO PRO A . n 
A 1 102 GLY 102 103 103 GLY GLY A . n 
A 1 103 LEU 103 104 104 LEU LEU A . n 
A 1 104 LEU 104 105 105 LEU LEU A . n 
A 1 105 SER 105 106 106 SER SER A . n 
A 1 106 MET 106 107 107 MET MET A . n 
A 1 107 ALA 107 108 108 ALA ALA A . n 
A 1 108 ASN 108 109 109 ASN ASN A . n 
A 1 109 ALA 109 110 110 ALA ALA A . n 
A 1 110 GLY 110 111 111 GLY GLY A . n 
A 1 111 PRO 111 112 112 PRO PRO A . n 
A 1 112 ASN 112 113 113 ASN ASN A . n 
A 1 113 THR 113 114 114 THR THR A . n 
A 1 114 ASN 114 115 115 ASN ASN A . n 
A 1 115 SER 115 116 116 SER SER A . n 
A 1 116 SER 116 117 117 SER SER A . n 
A 1 117 GLN 117 118 118 GLN GLN A . n 
A 1 118 PHE 118 119 119 PHE PHE A . n 
A 1 119 PHE 119 120 120 PHE PHE A . n 
A 1 120 ILE 120 121 121 ILE ILE A . n 
A 1 121 THR 121 122 122 THR THR A . n 
A 1 122 LEU 122 123 123 LEU LEU A . n 
A 1 123 VAL 123 124 124 VAL VAL A . n 
A 1 124 PRO 124 125 125 PRO PRO A . n 
A 1 125 CYS 125 126 126 CYS CYS A . n 
A 1 126 PRO 126 127 127 PRO PRO A . n 
A 1 127 TRP 127 128 128 TRP TRP A . n 
A 1 128 LEU 128 129 129 LEU LEU A . n 
A 1 129 ASP 129 130 130 ASP ASP A . n 
A 1 130 GLY 130 131 131 GLY GLY A . n 
A 1 131 LYS 131 132 132 LYS LYS A . n 
A 1 132 HIS 132 133 133 HIS HIS A . n 
A 1 133 VAL 133 134 134 VAL VAL A . n 
A 1 134 VAL 134 135 135 VAL VAL A . n 
A 1 135 PHE 135 136 136 PHE PHE A . n 
A 1 136 GLY 136 137 137 GLY GLY A . n 
A 1 137 LYS 137 138 138 LYS LYS A . n 
A 1 138 VAL 138 139 139 VAL VAL A . n 
A 1 139 ILE 139 140 140 ILE ILE A . n 
A 1 140 GLU 140 141 141 GLU GLU A . n 
A 1 141 GLY 141 142 142 GLY GLY A . n 
A 1 142 MET 142 143 143 MET MET A . n 
A 1 143 ASN 143 144 144 ASN ASN A . n 
A 1 144 VAL 144 145 145 VAL VAL A . n 
A 1 145 VAL 145 146 146 VAL VAL A . n 
A 1 146 ARG 146 147 147 ARG ARG A . n 
A 1 147 GLU 147 148 148 GLU GLU A . n 
A 1 148 MET 148 149 149 MET MET A . n 
A 1 149 GLU 149 150 150 GLU GLU A . n 
A 1 150 LYS 150 151 151 LYS LYS A . n 
A 1 151 GLU 151 152 152 GLU GLU A . n 
A 1 152 GLY 152 153 153 GLY GLY A . n 
A 1 153 ALA 153 154 154 ALA ALA A . n 
A 1 154 LYS 154 155 155 LYS LYS A . n 
A 1 155 SER 155 156 156 SER SER A . n 
A 1 156 GLY 156 157 157 GLY GLY A . n 
A 1 157 TYR 157 158 158 TYR TYR A . n 
A 1 158 VAL 158 159 159 VAL VAL A . n 
A 1 159 LYS 159 160 160 LYS LYS A . n 
A 1 160 ARG 160 161 161 ARG ARG A . n 
A 1 161 SER 161 162 162 SER SER A . n 
A 1 162 VAL 162 163 163 VAL VAL A . n 
A 1 163 VAL 163 164 164 VAL VAL A . n 
A 1 164 ILE 164 165 165 ILE ILE A . n 
A 1 165 THR 165 166 166 THR THR A . n 
A 1 166 ASP 166 167 167 ASP ASP A . n 
A 1 167 CYS 167 168 168 CYS CYS A . n 
A 1 168 GLY 168 169 169 GLY GLY A . n 
A 1 169 GLU 169 170 170 GLU GLU A . n 
A 1 170 LEU 170 171 171 LEU LEU A . n 
B 2 1   DAL 1   201 201 DAL DAL D . n 
B 2 2   MLE 2   202 202 MLE MLE D . n 
B 2 3   MLE 3   203 203 MLE MLE D . n 
B 2 4   MVA 4   204 204 MVA MVA D . n 
B 2 5   BMT 5   205 205 BMT BMT D . n 
B 2 6   ABA 6   206 206 ABA ABA D . n 
B 2 7   SAR 7   207 207 SAR SAR D . n 
B 2 8   MLE 8   208 208 MLE MLE D . n 
B 2 9   VAL 9   209 209 VAL VAL D . n 
B 2 10  MLE 10  210 210 MLE MLE D . n 
B 2 11  ALA 11  211 211 ALA ALA D . n 
# 
loop_
_pdbx_nonpoly_scheme.asym_id 
_pdbx_nonpoly_scheme.entity_id 
_pdbx_nonpoly_scheme.mon_id 
_pdbx_nonpoly_scheme.ndb_seq_num 
_pdbx_nonpoly_scheme.pdb_seq_num 
_pdbx_nonpoly_scheme.auth_seq_num 
_pdbx_nonpoly_scheme.pdb_mon_id 
_pdbx_nonpoly_scheme.auth_mon_id 
_pdbx_nonpoly_scheme.pdb_strand_id 
_pdbx_nonpoly_scheme.pdb_ins_code 
C 3 HOH 1   2001 2001 HOH HOH A . 
C 3 HOH 2   2002 2002 HOH HOH A . 
C 3 HOH 3   2003 2003 HOH HOH A . 
C 3 HOH 4   2004 2004 HOH HOH A . 
C 3 HOH 5   2005 2005 HOH HOH A . 
C 3 HOH 6   2006 2006 HOH HOH A . 
C 3 HOH 7   2007 2007 HOH HOH A . 
C 3 HOH 8   2008 2008 HOH HOH A . 
C 3 HOH 9   2009 2009 HOH HOH A . 
C 3 HOH 10  2010 2010 HOH HOH A . 
C 3 HOH 11  2011 2011 HOH HOH A . 
C 3 HOH 12  2012 2012 HOH HOH A . 
C 3 HOH 13  2013 2013 HOH HOH A . 
C 3 HOH 14  2014 2014 HOH HOH A . 
C 3 HOH 15  2015 2015 HOH HOH A . 
C 3 HOH 16  2016 2016 HOH HOH A . 
C 3 HOH 17  2017 2017 HOH HOH A . 
C 3 HOH 18  2018 2018 HOH HOH A . 
C 3 HOH 19  2019 2019 HOH HOH A . 
C 3 HOH 20  2020 2020 HOH HOH A . 
C 3 HOH 21  2021 2021 HOH HOH A . 
C 3 HOH 22  2022 2022 HOH HOH A . 
C 3 HOH 23  2023 2023 HOH HOH A . 
C 3 HOH 24  2024 2024 HOH HOH A . 
C 3 HOH 25  2025 2025 HOH HOH A . 
C 3 HOH 26  2026 2026 HOH HOH A . 
C 3 HOH 27  2027 2027 HOH HOH A . 
C 3 HOH 28  2028 2028 HOH HOH A . 
C 3 HOH 29  2029 2029 HOH HOH A . 
C 3 HOH 30  2030 2030 HOH HOH A . 
C 3 HOH 31  2031 2031 HOH HOH A . 
C 3 HOH 32  2032 2032 HOH HOH A . 
C 3 HOH 33  2033 2033 HOH HOH A . 
C 3 HOH 34  2034 2034 HOH HOH A . 
C 3 HOH 35  2035 2035 HOH HOH A . 
C 3 HOH 36  2036 2036 HOH HOH A . 
C 3 HOH 37  2037 2037 HOH HOH A . 
C 3 HOH 38  2038 2038 HOH HOH A . 
C 3 HOH 39  2039 2039 HOH HOH A . 
C 3 HOH 40  2040 2040 HOH HOH A . 
C 3 HOH 41  2041 2041 HOH HOH A . 
C 3 HOH 42  2042 2042 HOH HOH A . 
C 3 HOH 43  2043 2043 HOH HOH A . 
C 3 HOH 44  2044 2044 HOH HOH A . 
C 3 HOH 45  2045 2045 HOH HOH A . 
C 3 HOH 46  2046 2046 HOH HOH A . 
C 3 HOH 47  2047 2047 HOH HOH A . 
C 3 HOH 48  2048 2048 HOH HOH A . 
C 3 HOH 49  2049 2049 HOH HOH A . 
C 3 HOH 50  2050 2050 HOH HOH A . 
C 3 HOH 51  2051 2051 HOH HOH A . 
C 3 HOH 52  2052 2052 HOH HOH A . 
C 3 HOH 53  2053 2053 HOH HOH A . 
C 3 HOH 54  2054 2054 HOH HOH A . 
C 3 HOH 55  2055 2055 HOH HOH A . 
C 3 HOH 56  2056 2056 HOH HOH A . 
C 3 HOH 57  2057 2057 HOH HOH A . 
C 3 HOH 58  2058 2058 HOH HOH A . 
C 3 HOH 59  2059 2059 HOH HOH A . 
C 3 HOH 60  2060 2060 HOH HOH A . 
C 3 HOH 61  2061 2061 HOH HOH A . 
C 3 HOH 62  2062 2062 HOH HOH A . 
C 3 HOH 63  2063 2063 HOH HOH A . 
C 3 HOH 64  2064 2064 HOH HOH A . 
C 3 HOH 65  2065 2065 HOH HOH A . 
C 3 HOH 66  2066 2066 HOH HOH A . 
C 3 HOH 67  2067 2067 HOH HOH A . 
C 3 HOH 68  2068 2068 HOH HOH A . 
C 3 HOH 69  2069 2069 HOH HOH A . 
C 3 HOH 70  2070 2070 HOH HOH A . 
C 3 HOH 71  2071 2071 HOH HOH A . 
C 3 HOH 72  2072 2072 HOH HOH A . 
C 3 HOH 73  2073 2073 HOH HOH A . 
C 3 HOH 74  2074 2074 HOH HOH A . 
C 3 HOH 75  2075 2075 HOH HOH A . 
C 3 HOH 76  2076 2076 HOH HOH A . 
C 3 HOH 77  2077 2077 HOH HOH A . 
C 3 HOH 78  2078 2078 HOH HOH A . 
C 3 HOH 79  2079 2079 HOH HOH A . 
C 3 HOH 80  2080 2080 HOH HOH A . 
C 3 HOH 81  2081 2081 HOH HOH A . 
C 3 HOH 82  2082 2082 HOH HOH A . 
C 3 HOH 83  2083 2083 HOH HOH A . 
C 3 HOH 84  2084 2084 HOH HOH A . 
C 3 HOH 85  2085 2085 HOH HOH A . 
C 3 HOH 86  2086 2086 HOH HOH A . 
C 3 HOH 87  2087 2087 HOH HOH A . 
C 3 HOH 88  2088 2088 HOH HOH A . 
C 3 HOH 89  2089 2089 HOH HOH A . 
C 3 HOH 90  2090 2090 HOH HOH A . 
C 3 HOH 91  2091 2091 HOH HOH A . 
C 3 HOH 92  2092 2092 HOH HOH A . 
C 3 HOH 93  2093 2093 HOH HOH A . 
C 3 HOH 94  2094 2094 HOH HOH A . 
C 3 HOH 95  2095 2095 HOH HOH A . 
C 3 HOH 96  2096 2096 HOH HOH A . 
C 3 HOH 97  2097 2097 HOH HOH A . 
C 3 HOH 98  2098 2098 HOH HOH A . 
C 3 HOH 99  2099 2099 HOH HOH A . 
C 3 HOH 100 2100 2100 HOH HOH A . 
C 3 HOH 101 2101 2101 HOH HOH A . 
C 3 HOH 102 2102 2102 HOH HOH A . 
C 3 HOH 103 2103 2103 HOH HOH A . 
C 3 HOH 104 2104 2104 HOH HOH A . 
C 3 HOH 105 2105 2105 HOH HOH A . 
C 3 HOH 106 2106 2106 HOH HOH A . 
C 3 HOH 107 2107 2107 HOH HOH A . 
C 3 HOH 108 2108 2108 HOH HOH A . 
C 3 HOH 109 2109 2109 HOH HOH A . 
C 3 HOH 110 2110 2110 HOH HOH A . 
C 3 HOH 111 2111 2111 HOH HOH A . 
C 3 HOH 112 2112 2112 HOH HOH A . 
C 3 HOH 113 2113 2113 HOH HOH A . 
C 3 HOH 114 2114 2114 HOH HOH A . 
C 3 HOH 115 2115 2115 HOH HOH A . 
C 3 HOH 116 2116 2116 HOH HOH A . 
C 3 HOH 117 2117 2117 HOH HOH A . 
C 3 HOH 118 2118 2118 HOH HOH A . 
C 3 HOH 119 2119 2119 HOH HOH A . 
C 3 HOH 120 2120 2120 HOH HOH A . 
C 3 HOH 121 2121 2121 HOH HOH A . 
C 3 HOH 122 2122 2122 HOH HOH A . 
C 3 HOH 123 2123 2123 HOH HOH A . 
C 3 HOH 124 2124 2124 HOH HOH A . 
C 3 HOH 125 2125 2125 HOH HOH A . 
C 3 HOH 126 2126 2126 HOH HOH A . 
C 3 HOH 127 2127 2127 HOH HOH A . 
C 3 HOH 128 2128 2128 HOH HOH A . 
C 3 HOH 129 2129 2129 HOH HOH A . 
C 3 HOH 130 2130 2130 HOH HOH A . 
C 3 HOH 131 2131 2131 HOH HOH A . 
C 3 HOH 132 2132 2132 HOH HOH A . 
C 3 HOH 133 2133 2133 HOH HOH A . 
C 3 HOH 134 2134 2134 HOH HOH A . 
C 3 HOH 135 2135 2135 HOH HOH A . 
C 3 HOH 136 2136 2136 HOH HOH A . 
C 3 HOH 137 2137 2137 HOH HOH A . 
C 3 HOH 138 2138 2138 HOH HOH A . 
C 3 HOH 139 2139 2139 HOH HOH A . 
C 3 HOH 140 2140 2140 HOH HOH A . 
C 3 HOH 141 2141 2141 HOH HOH A . 
C 3 HOH 142 2142 2142 HOH HOH A . 
C 3 HOH 143 2143 2143 HOH HOH A . 
C 3 HOH 144 2144 2144 HOH HOH A . 
C 3 HOH 145 2145 2145 HOH HOH A . 
C 3 HOH 146 2146 2146 HOH HOH A . 
C 3 HOH 147 2147 2147 HOH HOH A . 
C 3 HOH 148 2148 2148 HOH HOH A . 
C 3 HOH 149 2149 2149 HOH HOH A . 
C 3 HOH 150 2150 2150 HOH HOH A . 
C 3 HOH 151 2151 2151 HOH HOH A . 
C 3 HOH 152 2152 2152 HOH HOH A . 
C 3 HOH 153 2153 2153 HOH HOH A . 
C 3 HOH 154 2154 2154 HOH HOH A . 
C 3 HOH 155 2155 2155 HOH HOH A . 
C 3 HOH 156 2156 2156 HOH HOH A . 
C 3 HOH 157 2157 2157 HOH HOH A . 
C 3 HOH 158 2158 2158 HOH HOH A . 
C 3 HOH 159 2159 2159 HOH HOH A . 
C 3 HOH 160 2160 2160 HOH HOH A . 
C 3 HOH 161 2161 2161 HOH HOH A . 
C 3 HOH 162 2162 2162 HOH HOH A . 
C 3 HOH 163 2163 2163 HOH HOH A . 
C 3 HOH 164 2164 2164 HOH HOH A . 
C 3 HOH 165 2165 2165 HOH HOH A . 
C 3 HOH 166 2166 2166 HOH HOH A . 
C 3 HOH 167 2167 2167 HOH HOH A . 
C 3 HOH 168 2168 2168 HOH HOH A . 
C 3 HOH 169 2169 2169 HOH HOH A . 
C 3 HOH 170 2170 2170 HOH HOH A . 
C 3 HOH 171 2171 2171 HOH HOH A . 
C 3 HOH 172 2172 2172 HOH HOH A . 
D 3 HOH 1   2001 2001 HOH HOH D . 
D 3 HOH 2   2002 2002 HOH HOH D . 
D 3 HOH 3   2003 2003 HOH HOH D . 
# 
_pdbx_molecule_features.prd_id    PRD_000142 
_pdbx_molecule_features.name      'Cyclosporin A' 
_pdbx_molecule_features.type      'Cyclic peptide' 
_pdbx_molecule_features.class     Immunosuppressant 
_pdbx_molecule_features.details   
'CYCLOSPORIN IS A CYCLIC UNDECAPEPTIDE. CYCLIZATION IS ACHIEVED BY LINKING THE N- AND THE C- TERMINI.' 
# 
_pdbx_molecule.instance_id   1 
_pdbx_molecule.prd_id        PRD_000142 
_pdbx_molecule.asym_id       B 
# 
loop_
_pdbx_struct_mod_residue.id 
_pdbx_struct_mod_residue.label_asym_id 
_pdbx_struct_mod_residue.label_comp_id 
_pdbx_struct_mod_residue.label_seq_id 
_pdbx_struct_mod_residue.auth_asym_id 
_pdbx_struct_mod_residue.auth_comp_id 
_pdbx_struct_mod_residue.auth_seq_id 
_pdbx_struct_mod_residue.PDB_ins_code 
_pdbx_struct_mod_residue.parent_comp_id 
_pdbx_struct_mod_residue.details 
1 B MLE 2  D MLE 202 ? LEU N-METHYLLEUCINE           
2 B MLE 3  D MLE 203 ? LEU N-METHYLLEUCINE           
3 B MVA 4  D MVA 204 ? VAL N-METHYLVALINE            
4 B BMT 5  D BMT 205 ? THR ?                         
5 B ABA 6  D ABA 206 ? ALA 'ALPHA-AMINOBUTYRIC ACID' 
6 B SAR 7  D SAR 207 ? GLY SARCOSINE                 
7 B MLE 8  D MLE 208 ? LEU N-METHYLLEUCINE           
8 B MLE 10 D MLE 210 ? LEU N-METHYLLEUCINE           
# 
_pdbx_struct_assembly.id                   1 
_pdbx_struct_assembly.details              software_defined_assembly 
_pdbx_struct_assembly.method_details       PQS 
_pdbx_struct_assembly.oligomeric_details   dimeric 
_pdbx_struct_assembly.oligomeric_count     2 
# 
_pdbx_struct_assembly_gen.assembly_id       1 
_pdbx_struct_assembly_gen.oper_expression   1 
_pdbx_struct_assembly_gen.asym_id_list      A,B,C,D 
# 
loop_
_pdbx_struct_assembly_prop.biol_id 
_pdbx_struct_assembly_prop.type 
_pdbx_struct_assembly_prop.value 
_pdbx_struct_assembly_prop.details 
1 'ABSA (A^2)' 1140 ? 
1 MORE         -8.6 ? 
1 'SSA (A^2)'  9710 ? 
# 
_pdbx_struct_oper_list.id                   1 
_pdbx_struct_oper_list.type                 'identity operation' 
_pdbx_struct_oper_list.name                 1_555 
_pdbx_struct_oper_list.symmetry_operation   x,y,z 
_pdbx_struct_oper_list.matrix[1][1]         1.0000000000 
_pdbx_struct_oper_list.matrix[1][2]         0.0000000000 
_pdbx_struct_oper_list.matrix[1][3]         0.0000000000 
_pdbx_struct_oper_list.vector[1]            0.0000000000 
_pdbx_struct_oper_list.matrix[2][1]         0.0000000000 
_pdbx_struct_oper_list.matrix[2][2]         1.0000000000 
_pdbx_struct_oper_list.matrix[2][3]         0.0000000000 
_pdbx_struct_oper_list.vector[2]            0.0000000000 
_pdbx_struct_oper_list.matrix[3][1]         0.0000000000 
_pdbx_struct_oper_list.matrix[3][2]         0.0000000000 
_pdbx_struct_oper_list.matrix[3][3]         1.0000000000 
_pdbx_struct_oper_list.vector[3]            0.0000000000 
# 
loop_
_pdbx_audit_revision_history.ordinal 
_pdbx_audit_revision_history.data_content_type 
_pdbx_audit_revision_history.major_revision 
_pdbx_audit_revision_history.minor_revision 
_pdbx_audit_revision_history.revision_date 
1 'Structure model' 1 0 2000-10-13 
2 'Structure model' 1 1 2011-07-13 
3 'Structure model' 1 2 2012-11-30 
4 'Structure model' 1 3 2014-03-12 
5 'Structure model' 1 4 2017-07-05 
6 'Structure model' 1 5 2023-12-13 
# 
_pdbx_audit_revision_details.ordinal             1 
_pdbx_audit_revision_details.revision_ordinal    1 
_pdbx_audit_revision_details.data_content_type   'Structure model' 
_pdbx_audit_revision_details.provider            repository 
_pdbx_audit_revision_details.type                'Initial release' 
_pdbx_audit_revision_details.description         ? 
_pdbx_audit_revision_details.details             ? 
# 
loop_
_pdbx_audit_revision_group.ordinal 
_pdbx_audit_revision_group.revision_ordinal 
_pdbx_audit_revision_group.data_content_type 
_pdbx_audit_revision_group.group 
1  2 'Structure model' 'Atomic model'              
2  2 'Structure model' 'Database references'       
3  2 'Structure model' 'Derived calculations'      
4  2 'Structure model' 'Structure summary'         
5  2 'Structure model' 'Version format compliance' 
6  3 'Structure model' Other                       
7  4 'Structure model' 'Data collection'           
8  4 'Structure model' 'Database references'       
9  4 'Structure model' 'Derived calculations'      
10 4 'Structure model' 'Source and taxonomy'       
11 4 'Structure model' 'Structure summary'         
12 5 'Structure model' 'Data collection'           
13 6 'Structure model' 'Data collection'           
14 6 'Structure model' 'Database references'       
15 6 'Structure model' 'Derived calculations'      
16 6 'Structure model' Other                       
17 6 'Structure model' 'Refinement description'    
# 
loop_
_pdbx_audit_revision_category.ordinal 
_pdbx_audit_revision_category.revision_ordinal 
_pdbx_audit_revision_category.data_content_type 
_pdbx_audit_revision_category.category 
1 5 'Structure model' diffrn_source                 
2 6 'Structure model' chem_comp_atom                
3 6 'Structure model' chem_comp_bond                
4 6 'Structure model' database_2                    
5 6 'Structure model' pdbx_database_status          
6 6 'Structure model' pdbx_initial_refinement_model 
7 6 'Structure model' struct_conn                   
# 
loop_
_pdbx_audit_revision_item.ordinal 
_pdbx_audit_revision_item.revision_ordinal 
_pdbx_audit_revision_item.data_content_type 
_pdbx_audit_revision_item.item 
1  5 'Structure model' '_diffrn_source.type'                  
2  6 'Structure model' '_database_2.pdbx_DOI'                 
3  6 'Structure model' '_database_2.pdbx_database_accession'  
4  6 'Structure model' '_pdbx_database_status.status_code_sf' 
5  6 'Structure model' '_struct_conn.pdbx_dist_value'         
6  6 'Structure model' '_struct_conn.pdbx_leaving_atom_flag'  
7  6 'Structure model' '_struct_conn.ptnr1_label_atom_id'     
8  6 'Structure model' '_struct_conn.ptnr2_auth_comp_id'      
9  6 'Structure model' '_struct_conn.ptnr2_auth_seq_id'       
10 6 'Structure model' '_struct_conn.ptnr2_label_atom_id'     
11 6 'Structure model' '_struct_conn.ptnr2_label_comp_id'     
12 6 'Structure model' '_struct_conn.ptnr2_label_seq_id'      
# 
loop_
_software.name 
_software.classification 
_software.version 
_software.citation_id 
_software.pdbx_ordinal 
CNS       refinement       0.5 ? 1 
DENZO     'data reduction' .   ? 2 
SCALEPACK 'data scaling'   .   ? 3 
CNS       phasing          0.5 ? 4 
# 
_pdbx_entry_details.entry_id                 1QNG 
_pdbx_entry_details.compound_details         
;CYCLOSPORIN IS A CYCLIC UNDECAPEPTIDE.
HERE, CYCLOSPORIN A IS REPRESENTED BY THE SEQUENCE (SEQRES)

 GROUP: 1
  NAME: CYCLOSPORIN A
  CHAIN: D
  COMPONENT_1: PEPTIDE LIKE SEQUENCE RESIDUES 1 TO 11
  DESCRIPTION: CYCLOSPORIN IS A CYCLIC UNDECAPEPTIDE.
               CYCLIZATION IS ACHIEVED BY LINKING THE N- AND
               THE C- TERMINI.
;
_pdbx_entry_details.source_details           ? 
_pdbx_entry_details.nonpolymer_details       ? 
_pdbx_entry_details.sequence_details         ? 
_pdbx_entry_details.has_ligand_of_interest   ? 
# 
loop_
_pdbx_validate_torsion.id 
_pdbx_validate_torsion.PDB_model_num 
_pdbx_validate_torsion.auth_comp_id 
_pdbx_validate_torsion.auth_asym_id 
_pdbx_validate_torsion.auth_seq_id 
_pdbx_validate_torsion.PDB_ins_code 
_pdbx_validate_torsion.label_alt_id 
_pdbx_validate_torsion.phi 
_pdbx_validate_torsion.psi 
1 1 PHE A 67  ? ? -144.35 -76.78  
2 1 SER A 116 ? ? -134.45 -106.09 
3 1 MLE D 210 ? ? -107.97 -167.82 
# 
loop_
_pdbx_distant_solvent_atoms.id 
_pdbx_distant_solvent_atoms.PDB_model_num 
_pdbx_distant_solvent_atoms.auth_atom_id 
_pdbx_distant_solvent_atoms.label_alt_id 
_pdbx_distant_solvent_atoms.auth_asym_id 
_pdbx_distant_solvent_atoms.auth_comp_id 
_pdbx_distant_solvent_atoms.auth_seq_id 
_pdbx_distant_solvent_atoms.PDB_ins_code 
_pdbx_distant_solvent_atoms.neighbor_macromolecule_distance 
_pdbx_distant_solvent_atoms.neighbor_ligand_distance 
1 1 O ? A HOH 2003 ? 5.82 . 
2 1 O ? A HOH 2013 ? 6.74 . 
# 
loop_
_pdbx_unobs_or_zero_occ_atoms.id 
_pdbx_unobs_or_zero_occ_atoms.PDB_model_num 
_pdbx_unobs_or_zero_occ_atoms.polymer_flag 
_pdbx_unobs_or_zero_occ_atoms.occupancy_flag 
_pdbx_unobs_or_zero_occ_atoms.auth_asym_id 
_pdbx_unobs_or_zero_occ_atoms.auth_comp_id 
_pdbx_unobs_or_zero_occ_atoms.auth_seq_id 
_pdbx_unobs_or_zero_occ_atoms.PDB_ins_code 
_pdbx_unobs_or_zero_occ_atoms.auth_atom_id 
_pdbx_unobs_or_zero_occ_atoms.label_alt_id 
_pdbx_unobs_or_zero_occ_atoms.label_asym_id 
_pdbx_unobs_or_zero_occ_atoms.label_comp_id 
_pdbx_unobs_or_zero_occ_atoms.label_seq_id 
_pdbx_unobs_or_zero_occ_atoms.label_atom_id 
1 1 Y 1 A ARG 49 ? CG  ? A ARG 48 CG  
2 1 Y 1 A ARG 49 ? CD  ? A ARG 48 CD  
3 1 Y 1 A ARG 49 ? NE  ? A ARG 48 NE  
4 1 Y 1 A ARG 49 ? CZ  ? A ARG 48 CZ  
5 1 Y 1 A ARG 49 ? NH1 ? A ARG 48 NH1 
6 1 Y 1 A ARG 49 ? NH2 ? A ARG 48 NH2 
# 
loop_
_chem_comp_atom.comp_id 
_chem_comp_atom.atom_id 
_chem_comp_atom.type_symbol 
_chem_comp_atom.pdbx_aromatic_flag 
_chem_comp_atom.pdbx_stereo_config 
_chem_comp_atom.pdbx_ordinal 
ABA N    N N N 1   
ABA CA   C N S 2   
ABA C    C N N 3   
ABA O    O N N 4   
ABA CB   C N N 5   
ABA CG   C N N 6   
ABA OXT  O N N 7   
ABA H    H N N 8   
ABA H2   H N N 9   
ABA HA   H N N 10  
ABA HB3  H N N 11  
ABA HB2  H N N 12  
ABA HG1  H N N 13  
ABA HG3  H N N 14  
ABA HG2  H N N 15  
ABA HXT  H N N 16  
ALA N    N N N 17  
ALA CA   C N S 18  
ALA C    C N N 19  
ALA O    O N N 20  
ALA CB   C N N 21  
ALA OXT  O N N 22  
ALA H    H N N 23  
ALA H2   H N N 24  
ALA HA   H N N 25  
ALA HB1  H N N 26  
ALA HB2  H N N 27  
ALA HB3  H N N 28  
ALA HXT  H N N 29  
ARG N    N N N 30  
ARG CA   C N S 31  
ARG C    C N N 32  
ARG O    O N N 33  
ARG CB   C N N 34  
ARG CG   C N N 35  
ARG CD   C N N 36  
ARG NE   N N N 37  
ARG CZ   C N N 38  
ARG NH1  N N N 39  
ARG NH2  N N N 40  
ARG OXT  O N N 41  
ARG H    H N N 42  
ARG H2   H N N 43  
ARG HA   H N N 44  
ARG HB2  H N N 45  
ARG HB3  H N N 46  
ARG HG2  H N N 47  
ARG HG3  H N N 48  
ARG HD2  H N N 49  
ARG HD3  H N N 50  
ARG HE   H N N 51  
ARG HH11 H N N 52  
ARG HH12 H N N 53  
ARG HH21 H N N 54  
ARG HH22 H N N 55  
ARG HXT  H N N 56  
ASN N    N N N 57  
ASN CA   C N S 58  
ASN C    C N N 59  
ASN O    O N N 60  
ASN CB   C N N 61  
ASN CG   C N N 62  
ASN OD1  O N N 63  
ASN ND2  N N N 64  
ASN OXT  O N N 65  
ASN H    H N N 66  
ASN H2   H N N 67  
ASN HA   H N N 68  
ASN HB2  H N N 69  
ASN HB3  H N N 70  
ASN HD21 H N N 71  
ASN HD22 H N N 72  
ASN HXT  H N N 73  
ASP N    N N N 74  
ASP CA   C N S 75  
ASP C    C N N 76  
ASP O    O N N 77  
ASP CB   C N N 78  
ASP CG   C N N 79  
ASP OD1  O N N 80  
ASP OD2  O N N 81  
ASP OXT  O N N 82  
ASP H    H N N 83  
ASP H2   H N N 84  
ASP HA   H N N 85  
ASP HB2  H N N 86  
ASP HB3  H N N 87  
ASP HD2  H N N 88  
ASP HXT  H N N 89  
BMT N    N N N 90  
BMT CN   C N N 91  
BMT CA   C N S 92  
BMT C    C N N 93  
BMT O    O N N 94  
BMT OXT  O N N 95  
BMT CB   C N R 96  
BMT OG1  O N N 97  
BMT CG2  C N R 98  
BMT CD1  C N N 99  
BMT CD2  C N N 100 
BMT CE   C N N 101 
BMT CZ   C N N 102 
BMT CH   C N N 103 
BMT H    H N N 104 
BMT HN1  H N N 105 
BMT HN2  H N N 106 
BMT HN3  H N N 107 
BMT HA   H N N 108 
BMT HXT  H N N 109 
BMT HB   H N N 110 
BMT HG1  H N N 111 
BMT HG2  H N N 112 
BMT HD11 H N N 113 
BMT HD12 H N N 114 
BMT HD13 H N N 115 
BMT HD22 H N N 116 
BMT HD23 H N N 117 
BMT HE   H N N 118 
BMT HZ   H N N 119 
BMT HH1  H N N 120 
BMT HH2  H N N 121 
BMT HH3  H N N 122 
CYS N    N N N 123 
CYS CA   C N R 124 
CYS C    C N N 125 
CYS O    O N N 126 
CYS CB   C N N 127 
CYS SG   S N N 128 
CYS OXT  O N N 129 
CYS H    H N N 130 
CYS H2   H N N 131 
CYS HA   H N N 132 
CYS HB2  H N N 133 
CYS HB3  H N N 134 
CYS HG   H N N 135 
CYS HXT  H N N 136 
DAL N    N N N 137 
DAL CA   C N R 138 
DAL CB   C N N 139 
DAL C    C N N 140 
DAL O    O N N 141 
DAL OXT  O N N 142 
DAL H    H N N 143 
DAL H2   H N N 144 
DAL HA   H N N 145 
DAL HB1  H N N 146 
DAL HB2  H N N 147 
DAL HB3  H N N 148 
DAL HXT  H N N 149 
GLN N    N N N 150 
GLN CA   C N S 151 
GLN C    C N N 152 
GLN O    O N N 153 
GLN CB   C N N 154 
GLN CG   C N N 155 
GLN CD   C N N 156 
GLN OE1  O N N 157 
GLN NE2  N N N 158 
GLN OXT  O N N 159 
GLN H    H N N 160 
GLN H2   H N N 161 
GLN HA   H N N 162 
GLN HB2  H N N 163 
GLN HB3  H N N 164 
GLN HG2  H N N 165 
GLN HG3  H N N 166 
GLN HE21 H N N 167 
GLN HE22 H N N 168 
GLN HXT  H N N 169 
GLU N    N N N 170 
GLU CA   C N S 171 
GLU C    C N N 172 
GLU O    O N N 173 
GLU CB   C N N 174 
GLU CG   C N N 175 
GLU CD   C N N 176 
GLU OE1  O N N 177 
GLU OE2  O N N 178 
GLU OXT  O N N 179 
GLU H    H N N 180 
GLU H2   H N N 181 
GLU HA   H N N 182 
GLU HB2  H N N 183 
GLU HB3  H N N 184 
GLU HG2  H N N 185 
GLU HG3  H N N 186 
GLU HE2  H N N 187 
GLU HXT  H N N 188 
GLY N    N N N 189 
GLY CA   C N N 190 
GLY C    C N N 191 
GLY O    O N N 192 
GLY OXT  O N N 193 
GLY H    H N N 194 
GLY H2   H N N 195 
GLY HA2  H N N 196 
GLY HA3  H N N 197 
GLY HXT  H N N 198 
HIS N    N N N 199 
HIS CA   C N S 200 
HIS C    C N N 201 
HIS O    O N N 202 
HIS CB   C N N 203 
HIS CG   C Y N 204 
HIS ND1  N Y N 205 
HIS CD2  C Y N 206 
HIS CE1  C Y N 207 
HIS NE2  N Y N 208 
HIS OXT  O N N 209 
HIS H    H N N 210 
HIS H2   H N N 211 
HIS HA   H N N 212 
HIS HB2  H N N 213 
HIS HB3  H N N 214 
HIS HD1  H N N 215 
HIS HD2  H N N 216 
HIS HE1  H N N 217 
HIS HE2  H N N 218 
HIS HXT  H N N 219 
HOH O    O N N 220 
HOH H1   H N N 221 
HOH H2   H N N 222 
ILE N    N N N 223 
ILE CA   C N S 224 
ILE C    C N N 225 
ILE O    O N N 226 
ILE CB   C N S 227 
ILE CG1  C N N 228 
ILE CG2  C N N 229 
ILE CD1  C N N 230 
ILE OXT  O N N 231 
ILE H    H N N 232 
ILE H2   H N N 233 
ILE HA   H N N 234 
ILE HB   H N N 235 
ILE HG12 H N N 236 
ILE HG13 H N N 237 
ILE HG21 H N N 238 
ILE HG22 H N N 239 
ILE HG23 H N N 240 
ILE HD11 H N N 241 
ILE HD12 H N N 242 
ILE HD13 H N N 243 
ILE HXT  H N N 244 
LEU N    N N N 245 
LEU CA   C N S 246 
LEU C    C N N 247 
LEU O    O N N 248 
LEU CB   C N N 249 
LEU CG   C N N 250 
LEU CD1  C N N 251 
LEU CD2  C N N 252 
LEU OXT  O N N 253 
LEU H    H N N 254 
LEU H2   H N N 255 
LEU HA   H N N 256 
LEU HB2  H N N 257 
LEU HB3  H N N 258 
LEU HG   H N N 259 
LEU HD11 H N N 260 
LEU HD12 H N N 261 
LEU HD13 H N N 262 
LEU HD21 H N N 263 
LEU HD22 H N N 264 
LEU HD23 H N N 265 
LEU HXT  H N N 266 
LYS N    N N N 267 
LYS CA   C N S 268 
LYS C    C N N 269 
LYS O    O N N 270 
LYS CB   C N N 271 
LYS CG   C N N 272 
LYS CD   C N N 273 
LYS CE   C N N 274 
LYS NZ   N N N 275 
LYS OXT  O N N 276 
LYS H    H N N 277 
LYS H2   H N N 278 
LYS HA   H N N 279 
LYS HB2  H N N 280 
LYS HB3  H N N 281 
LYS HG2  H N N 282 
LYS HG3  H N N 283 
LYS HD2  H N N 284 
LYS HD3  H N N 285 
LYS HE2  H N N 286 
LYS HE3  H N N 287 
LYS HZ1  H N N 288 
LYS HZ2  H N N 289 
LYS HZ3  H N N 290 
LYS HXT  H N N 291 
MET N    N N N 292 
MET CA   C N S 293 
MET C    C N N 294 
MET O    O N N 295 
MET CB   C N N 296 
MET CG   C N N 297 
MET SD   S N N 298 
MET CE   C N N 299 
MET OXT  O N N 300 
MET H    H N N 301 
MET H2   H N N 302 
MET HA   H N N 303 
MET HB2  H N N 304 
MET HB3  H N N 305 
MET HG2  H N N 306 
MET HG3  H N N 307 
MET HE1  H N N 308 
MET HE2  H N N 309 
MET HE3  H N N 310 
MET HXT  H N N 311 
MLE N    N N N 312 
MLE CN   C N N 313 
MLE CA   C N S 314 
MLE CB   C N N 315 
MLE CG   C N N 316 
MLE CD1  C N N 317 
MLE CD2  C N N 318 
MLE C    C N N 319 
MLE O    O N N 320 
MLE OXT  O N N 321 
MLE H    H N N 322 
MLE HN1  H N N 323 
MLE HN2  H N N 324 
MLE HN3  H N N 325 
MLE HA   H N N 326 
MLE HB2  H N N 327 
MLE HB3  H N N 328 
MLE HG   H N N 329 
MLE HD11 H N N 330 
MLE HD12 H N N 331 
MLE HD13 H N N 332 
MLE HD21 H N N 333 
MLE HD22 H N N 334 
MLE HD23 H N N 335 
MLE HXT  H N N 336 
MVA N    N N N 337 
MVA CN   C N N 338 
MVA CA   C N S 339 
MVA CB   C N N 340 
MVA CG1  C N N 341 
MVA CG2  C N N 342 
MVA C    C N N 343 
MVA O    O N N 344 
MVA OXT  O N N 345 
MVA H    H N N 346 
MVA HN1  H N N 347 
MVA HN2  H N N 348 
MVA HN3  H N N 349 
MVA HA   H N N 350 
MVA HB   H N N 351 
MVA HG11 H N N 352 
MVA HG12 H N N 353 
MVA HG13 H N N 354 
MVA HG21 H N N 355 
MVA HG22 H N N 356 
MVA HG23 H N N 357 
MVA HXT  H N N 358 
PHE N    N N N 359 
PHE CA   C N S 360 
PHE C    C N N 361 
PHE O    O N N 362 
PHE CB   C N N 363 
PHE CG   C Y N 364 
PHE CD1  C Y N 365 
PHE CD2  C Y N 366 
PHE CE1  C Y N 367 
PHE CE2  C Y N 368 
PHE CZ   C Y N 369 
PHE OXT  O N N 370 
PHE H    H N N 371 
PHE H2   H N N 372 
PHE HA   H N N 373 
PHE HB2  H N N 374 
PHE HB3  H N N 375 
PHE HD1  H N N 376 
PHE HD2  H N N 377 
PHE HE1  H N N 378 
PHE HE2  H N N 379 
PHE HZ   H N N 380 
PHE HXT  H N N 381 
PRO N    N N N 382 
PRO CA   C N S 383 
PRO C    C N N 384 
PRO O    O N N 385 
PRO CB   C N N 386 
PRO CG   C N N 387 
PRO CD   C N N 388 
PRO OXT  O N N 389 
PRO H    H N N 390 
PRO HA   H N N 391 
PRO HB2  H N N 392 
PRO HB3  H N N 393 
PRO HG2  H N N 394 
PRO HG3  H N N 395 
PRO HD2  H N N 396 
PRO HD3  H N N 397 
PRO HXT  H N N 398 
SAR N    N N N 399 
SAR CA   C N N 400 
SAR C    C N N 401 
SAR O    O N N 402 
SAR CN   C N N 403 
SAR OXT  O N N 404 
SAR H    H N N 405 
SAR HA2  H N N 406 
SAR HA3  H N N 407 
SAR HN1  H N N 408 
SAR HN2  H N N 409 
SAR HN3  H N N 410 
SAR HXT  H N N 411 
SER N    N N N 412 
SER CA   C N S 413 
SER C    C N N 414 
SER O    O N N 415 
SER CB   C N N 416 
SER OG   O N N 417 
SER OXT  O N N 418 
SER H    H N N 419 
SER H2   H N N 420 
SER HA   H N N 421 
SER HB2  H N N 422 
SER HB3  H N N 423 
SER HG   H N N 424 
SER HXT  H N N 425 
THR N    N N N 426 
THR CA   C N S 427 
THR C    C N N 428 
THR O    O N N 429 
THR CB   C N R 430 
THR OG1  O N N 431 
THR CG2  C N N 432 
THR OXT  O N N 433 
THR H    H N N 434 
THR H2   H N N 435 
THR HA   H N N 436 
THR HB   H N N 437 
THR HG1  H N N 438 
THR HG21 H N N 439 
THR HG22 H N N 440 
THR HG23 H N N 441 
THR HXT  H N N 442 
TRP N    N N N 443 
TRP CA   C N S 444 
TRP C    C N N 445 
TRP O    O N N 446 
TRP CB   C N N 447 
TRP CG   C Y N 448 
TRP CD1  C Y N 449 
TRP CD2  C Y N 450 
TRP NE1  N Y N 451 
TRP CE2  C Y N 452 
TRP CE3  C Y N 453 
TRP CZ2  C Y N 454 
TRP CZ3  C Y N 455 
TRP CH2  C Y N 456 
TRP OXT  O N N 457 
TRP H    H N N 458 
TRP H2   H N N 459 
TRP HA   H N N 460 
TRP HB2  H N N 461 
TRP HB3  H N N 462 
TRP HD1  H N N 463 
TRP HE1  H N N 464 
TRP HE3  H N N 465 
TRP HZ2  H N N 466 
TRP HZ3  H N N 467 
TRP HH2  H N N 468 
TRP HXT  H N N 469 
TYR N    N N N 470 
TYR CA   C N S 471 
TYR C    C N N 472 
TYR O    O N N 473 
TYR CB   C N N 474 
TYR CG   C Y N 475 
TYR CD1  C Y N 476 
TYR CD2  C Y N 477 
TYR CE1  C Y N 478 
TYR CE2  C Y N 479 
TYR CZ   C Y N 480 
TYR OH   O N N 481 
TYR OXT  O N N 482 
TYR H    H N N 483 
TYR H2   H N N 484 
TYR HA   H N N 485 
TYR HB2  H N N 486 
TYR HB3  H N N 487 
TYR HD1  H N N 488 
TYR HD2  H N N 489 
TYR HE1  H N N 490 
TYR HE2  H N N 491 
TYR HH   H N N 492 
TYR HXT  H N N 493 
VAL N    N N N 494 
VAL CA   C N S 495 
VAL C    C N N 496 
VAL O    O N N 497 
VAL CB   C N N 498 
VAL CG1  C N N 499 
VAL CG2  C N N 500 
VAL OXT  O N N 501 
VAL H    H N N 502 
VAL H2   H N N 503 
VAL HA   H N N 504 
VAL HB   H N N 505 
VAL HG11 H N N 506 
VAL HG12 H N N 507 
VAL HG13 H N N 508 
VAL HG21 H N N 509 
VAL HG22 H N N 510 
VAL HG23 H N N 511 
VAL HXT  H N N 512 
# 
loop_
_chem_comp_bond.comp_id 
_chem_comp_bond.atom_id_1 
_chem_comp_bond.atom_id_2 
_chem_comp_bond.value_order 
_chem_comp_bond.pdbx_aromatic_flag 
_chem_comp_bond.pdbx_stereo_config 
_chem_comp_bond.pdbx_ordinal 
ABA N   CA   sing N N 1   
ABA N   H    sing N N 2   
ABA N   H2   sing N N 3   
ABA CA  C    sing N N 4   
ABA CA  CB   sing N N 5   
ABA CA  HA   sing N N 6   
ABA C   O    doub N N 7   
ABA C   OXT  sing N N 8   
ABA CB  CG   sing N N 9   
ABA CB  HB3  sing N N 10  
ABA CB  HB2  sing N N 11  
ABA CG  HG1  sing N N 12  
ABA CG  HG3  sing N N 13  
ABA CG  HG2  sing N N 14  
ABA OXT HXT  sing N N 15  
ALA N   CA   sing N N 16  
ALA N   H    sing N N 17  
ALA N   H2   sing N N 18  
ALA CA  C    sing N N 19  
ALA CA  CB   sing N N 20  
ALA CA  HA   sing N N 21  
ALA C   O    doub N N 22  
ALA C   OXT  sing N N 23  
ALA CB  HB1  sing N N 24  
ALA CB  HB2  sing N N 25  
ALA CB  HB3  sing N N 26  
ALA OXT HXT  sing N N 27  
ARG N   CA   sing N N 28  
ARG N   H    sing N N 29  
ARG N   H2   sing N N 30  
ARG CA  C    sing N N 31  
ARG CA  CB   sing N N 32  
ARG CA  HA   sing N N 33  
ARG C   O    doub N N 34  
ARG C   OXT  sing N N 35  
ARG CB  CG   sing N N 36  
ARG CB  HB2  sing N N 37  
ARG CB  HB3  sing N N 38  
ARG CG  CD   sing N N 39  
ARG CG  HG2  sing N N 40  
ARG CG  HG3  sing N N 41  
ARG CD  NE   sing N N 42  
ARG CD  HD2  sing N N 43  
ARG CD  HD3  sing N N 44  
ARG NE  CZ   sing N N 45  
ARG NE  HE   sing N N 46  
ARG CZ  NH1  sing N N 47  
ARG CZ  NH2  doub N N 48  
ARG NH1 HH11 sing N N 49  
ARG NH1 HH12 sing N N 50  
ARG NH2 HH21 sing N N 51  
ARG NH2 HH22 sing N N 52  
ARG OXT HXT  sing N N 53  
ASN N   CA   sing N N 54  
ASN N   H    sing N N 55  
ASN N   H2   sing N N 56  
ASN CA  C    sing N N 57  
ASN CA  CB   sing N N 58  
ASN CA  HA   sing N N 59  
ASN C   O    doub N N 60  
ASN C   OXT  sing N N 61  
ASN CB  CG   sing N N 62  
ASN CB  HB2  sing N N 63  
ASN CB  HB3  sing N N 64  
ASN CG  OD1  doub N N 65  
ASN CG  ND2  sing N N 66  
ASN ND2 HD21 sing N N 67  
ASN ND2 HD22 sing N N 68  
ASN OXT HXT  sing N N 69  
ASP N   CA   sing N N 70  
ASP N   H    sing N N 71  
ASP N   H2   sing N N 72  
ASP CA  C    sing N N 73  
ASP CA  CB   sing N N 74  
ASP CA  HA   sing N N 75  
ASP C   O    doub N N 76  
ASP C   OXT  sing N N 77  
ASP CB  CG   sing N N 78  
ASP CB  HB2  sing N N 79  
ASP CB  HB3  sing N N 80  
ASP CG  OD1  doub N N 81  
ASP CG  OD2  sing N N 82  
ASP OD2 HD2  sing N N 83  
ASP OXT HXT  sing N N 84  
BMT N   CN   sing N N 85  
BMT N   CA   sing N N 86  
BMT N   H    sing N N 87  
BMT CN  HN1  sing N N 88  
BMT CN  HN2  sing N N 89  
BMT CN  HN3  sing N N 90  
BMT CA  C    sing N N 91  
BMT CA  CB   sing N N 92  
BMT CA  HA   sing N N 93  
BMT C   O    doub N N 94  
BMT C   OXT  sing N N 95  
BMT OXT HXT  sing N N 96  
BMT CB  OG1  sing N N 97  
BMT CB  CG2  sing N N 98  
BMT CB  HB   sing N N 99  
BMT OG1 HG1  sing N N 100 
BMT CG2 CD1  sing N N 101 
BMT CG2 CD2  sing N N 102 
BMT CG2 HG2  sing N N 103 
BMT CD1 HD11 sing N N 104 
BMT CD1 HD12 sing N N 105 
BMT CD1 HD13 sing N N 106 
BMT CD2 CE   sing N N 107 
BMT CD2 HD22 sing N N 108 
BMT CD2 HD23 sing N N 109 
BMT CE  CZ   doub N E 110 
BMT CE  HE   sing N N 111 
BMT CZ  CH   sing N N 112 
BMT CZ  HZ   sing N N 113 
BMT CH  HH1  sing N N 114 
BMT CH  HH2  sing N N 115 
BMT CH  HH3  sing N N 116 
CYS N   CA   sing N N 117 
CYS N   H    sing N N 118 
CYS N   H2   sing N N 119 
CYS CA  C    sing N N 120 
CYS CA  CB   sing N N 121 
CYS CA  HA   sing N N 122 
CYS C   O    doub N N 123 
CYS C   OXT  sing N N 124 
CYS CB  SG   sing N N 125 
CYS CB  HB2  sing N N 126 
CYS CB  HB3  sing N N 127 
CYS SG  HG   sing N N 128 
CYS OXT HXT  sing N N 129 
DAL N   CA   sing N N 130 
DAL N   H    sing N N 131 
DAL N   H2   sing N N 132 
DAL CA  CB   sing N N 133 
DAL CA  C    sing N N 134 
DAL CA  HA   sing N N 135 
DAL CB  HB1  sing N N 136 
DAL CB  HB2  sing N N 137 
DAL CB  HB3  sing N N 138 
DAL C   O    doub N N 139 
DAL C   OXT  sing N N 140 
DAL OXT HXT  sing N N 141 
GLN N   CA   sing N N 142 
GLN N   H    sing N N 143 
GLN N   H2   sing N N 144 
GLN CA  C    sing N N 145 
GLN CA  CB   sing N N 146 
GLN CA  HA   sing N N 147 
GLN C   O    doub N N 148 
GLN C   OXT  sing N N 149 
GLN CB  CG   sing N N 150 
GLN CB  HB2  sing N N 151 
GLN CB  HB3  sing N N 152 
GLN CG  CD   sing N N 153 
GLN CG  HG2  sing N N 154 
GLN CG  HG3  sing N N 155 
GLN CD  OE1  doub N N 156 
GLN CD  NE2  sing N N 157 
GLN NE2 HE21 sing N N 158 
GLN NE2 HE22 sing N N 159 
GLN OXT HXT  sing N N 160 
GLU N   CA   sing N N 161 
GLU N   H    sing N N 162 
GLU N   H2   sing N N 163 
GLU CA  C    sing N N 164 
GLU CA  CB   sing N N 165 
GLU CA  HA   sing N N 166 
GLU C   O    doub N N 167 
GLU C   OXT  sing N N 168 
GLU CB  CG   sing N N 169 
GLU CB  HB2  sing N N 170 
GLU CB  HB3  sing N N 171 
GLU CG  CD   sing N N 172 
GLU CG  HG2  sing N N 173 
GLU CG  HG3  sing N N 174 
GLU CD  OE1  doub N N 175 
GLU CD  OE2  sing N N 176 
GLU OE2 HE2  sing N N 177 
GLU OXT HXT  sing N N 178 
GLY N   CA   sing N N 179 
GLY N   H    sing N N 180 
GLY N   H2   sing N N 181 
GLY CA  C    sing N N 182 
GLY CA  HA2  sing N N 183 
GLY CA  HA3  sing N N 184 
GLY C   O    doub N N 185 
GLY C   OXT  sing N N 186 
GLY OXT HXT  sing N N 187 
HIS N   CA   sing N N 188 
HIS N   H    sing N N 189 
HIS N   H2   sing N N 190 
HIS CA  C    sing N N 191 
HIS CA  CB   sing N N 192 
HIS CA  HA   sing N N 193 
HIS C   O    doub N N 194 
HIS C   OXT  sing N N 195 
HIS CB  CG   sing N N 196 
HIS CB  HB2  sing N N 197 
HIS CB  HB3  sing N N 198 
HIS CG  ND1  sing Y N 199 
HIS CG  CD2  doub Y N 200 
HIS ND1 CE1  doub Y N 201 
HIS ND1 HD1  sing N N 202 
HIS CD2 NE2  sing Y N 203 
HIS CD2 HD2  sing N N 204 
HIS CE1 NE2  sing Y N 205 
HIS CE1 HE1  sing N N 206 
HIS NE2 HE2  sing N N 207 
HIS OXT HXT  sing N N 208 
HOH O   H1   sing N N 209 
HOH O   H2   sing N N 210 
ILE N   CA   sing N N 211 
ILE N   H    sing N N 212 
ILE N   H2   sing N N 213 
ILE CA  C    sing N N 214 
ILE CA  CB   sing N N 215 
ILE CA  HA   sing N N 216 
ILE C   O    doub N N 217 
ILE C   OXT  sing N N 218 
ILE CB  CG1  sing N N 219 
ILE CB  CG2  sing N N 220 
ILE CB  HB   sing N N 221 
ILE CG1 CD1  sing N N 222 
ILE CG1 HG12 sing N N 223 
ILE CG1 HG13 sing N N 224 
ILE CG2 HG21 sing N N 225 
ILE CG2 HG22 sing N N 226 
ILE CG2 HG23 sing N N 227 
ILE CD1 HD11 sing N N 228 
ILE CD1 HD12 sing N N 229 
ILE CD1 HD13 sing N N 230 
ILE OXT HXT  sing N N 231 
LEU N   CA   sing N N 232 
LEU N   H    sing N N 233 
LEU N   H2   sing N N 234 
LEU CA  C    sing N N 235 
LEU CA  CB   sing N N 236 
LEU CA  HA   sing N N 237 
LEU C   O    doub N N 238 
LEU C   OXT  sing N N 239 
LEU CB  CG   sing N N 240 
LEU CB  HB2  sing N N 241 
LEU CB  HB3  sing N N 242 
LEU CG  CD1  sing N N 243 
LEU CG  CD2  sing N N 244 
LEU CG  HG   sing N N 245 
LEU CD1 HD11 sing N N 246 
LEU CD1 HD12 sing N N 247 
LEU CD1 HD13 sing N N 248 
LEU CD2 HD21 sing N N 249 
LEU CD2 HD22 sing N N 250 
LEU CD2 HD23 sing N N 251 
LEU OXT HXT  sing N N 252 
LYS N   CA   sing N N 253 
LYS N   H    sing N N 254 
LYS N   H2   sing N N 255 
LYS CA  C    sing N N 256 
LYS CA  CB   sing N N 257 
LYS CA  HA   sing N N 258 
LYS C   O    doub N N 259 
LYS C   OXT  sing N N 260 
LYS CB  CG   sing N N 261 
LYS CB  HB2  sing N N 262 
LYS CB  HB3  sing N N 263 
LYS CG  CD   sing N N 264 
LYS CG  HG2  sing N N 265 
LYS CG  HG3  sing N N 266 
LYS CD  CE   sing N N 267 
LYS CD  HD2  sing N N 268 
LYS CD  HD3  sing N N 269 
LYS CE  NZ   sing N N 270 
LYS CE  HE2  sing N N 271 
LYS CE  HE3  sing N N 272 
LYS NZ  HZ1  sing N N 273 
LYS NZ  HZ2  sing N N 274 
LYS NZ  HZ3  sing N N 275 
LYS OXT HXT  sing N N 276 
MET N   CA   sing N N 277 
MET N   H    sing N N 278 
MET N   H2   sing N N 279 
MET CA  C    sing N N 280 
MET CA  CB   sing N N 281 
MET CA  HA   sing N N 282 
MET C   O    doub N N 283 
MET C   OXT  sing N N 284 
MET CB  CG   sing N N 285 
MET CB  HB2  sing N N 286 
MET CB  HB3  sing N N 287 
MET CG  SD   sing N N 288 
MET CG  HG2  sing N N 289 
MET CG  HG3  sing N N 290 
MET SD  CE   sing N N 291 
MET CE  HE1  sing N N 292 
MET CE  HE2  sing N N 293 
MET CE  HE3  sing N N 294 
MET OXT HXT  sing N N 295 
MLE N   CN   sing N N 296 
MLE N   CA   sing N N 297 
MLE N   H    sing N N 298 
MLE CN  HN1  sing N N 299 
MLE CN  HN2  sing N N 300 
MLE CN  HN3  sing N N 301 
MLE CA  CB   sing N N 302 
MLE CA  C    sing N N 303 
MLE CA  HA   sing N N 304 
MLE CB  CG   sing N N 305 
MLE CB  HB2  sing N N 306 
MLE CB  HB3  sing N N 307 
MLE CG  CD1  sing N N 308 
MLE CG  CD2  sing N N 309 
MLE CG  HG   sing N N 310 
MLE CD1 HD11 sing N N 311 
MLE CD1 HD12 sing N N 312 
MLE CD1 HD13 sing N N 313 
MLE CD2 HD21 sing N N 314 
MLE CD2 HD22 sing N N 315 
MLE CD2 HD23 sing N N 316 
MLE C   O    doub N N 317 
MLE C   OXT  sing N N 318 
MLE OXT HXT  sing N N 319 
MVA N   CN   sing N N 320 
MVA N   CA   sing N N 321 
MVA N   H    sing N N 322 
MVA CN  HN1  sing N N 323 
MVA CN  HN2  sing N N 324 
MVA CN  HN3  sing N N 325 
MVA CA  CB   sing N N 326 
MVA CA  C    sing N N 327 
MVA CA  HA   sing N N 328 
MVA CB  CG1  sing N N 329 
MVA CB  CG2  sing N N 330 
MVA CB  HB   sing N N 331 
MVA CG1 HG11 sing N N 332 
MVA CG1 HG12 sing N N 333 
MVA CG1 HG13 sing N N 334 
MVA CG2 HG21 sing N N 335 
MVA CG2 HG22 sing N N 336 
MVA CG2 HG23 sing N N 337 
MVA C   O    doub N N 338 
MVA C   OXT  sing N N 339 
MVA OXT HXT  sing N N 340 
PHE N   CA   sing N N 341 
PHE N   H    sing N N 342 
PHE N   H2   sing N N 343 
PHE CA  C    sing N N 344 
PHE CA  CB   sing N N 345 
PHE CA  HA   sing N N 346 
PHE C   O    doub N N 347 
PHE C   OXT  sing N N 348 
PHE CB  CG   sing N N 349 
PHE CB  HB2  sing N N 350 
PHE CB  HB3  sing N N 351 
PHE CG  CD1  doub Y N 352 
PHE CG  CD2  sing Y N 353 
PHE CD1 CE1  sing Y N 354 
PHE CD1 HD1  sing N N 355 
PHE CD2 CE2  doub Y N 356 
PHE CD2 HD2  sing N N 357 
PHE CE1 CZ   doub Y N 358 
PHE CE1 HE1  sing N N 359 
PHE CE2 CZ   sing Y N 360 
PHE CE2 HE2  sing N N 361 
PHE CZ  HZ   sing N N 362 
PHE OXT HXT  sing N N 363 
PRO N   CA   sing N N 364 
PRO N   CD   sing N N 365 
PRO N   H    sing N N 366 
PRO CA  C    sing N N 367 
PRO CA  CB   sing N N 368 
PRO CA  HA   sing N N 369 
PRO C   O    doub N N 370 
PRO C   OXT  sing N N 371 
PRO CB  CG   sing N N 372 
PRO CB  HB2  sing N N 373 
PRO CB  HB3  sing N N 374 
PRO CG  CD   sing N N 375 
PRO CG  HG2  sing N N 376 
PRO CG  HG3  sing N N 377 
PRO CD  HD2  sing N N 378 
PRO CD  HD3  sing N N 379 
PRO OXT HXT  sing N N 380 
SAR N   CA   sing N N 381 
SAR N   CN   sing N N 382 
SAR N   H    sing N N 383 
SAR CA  C    sing N N 384 
SAR CA  HA2  sing N N 385 
SAR CA  HA3  sing N N 386 
SAR C   O    doub N N 387 
SAR C   OXT  sing N N 388 
SAR CN  HN1  sing N N 389 
SAR CN  HN2  sing N N 390 
SAR CN  HN3  sing N N 391 
SAR OXT HXT  sing N N 392 
SER N   CA   sing N N 393 
SER N   H    sing N N 394 
SER N   H2   sing N N 395 
SER CA  C    sing N N 396 
SER CA  CB   sing N N 397 
SER CA  HA   sing N N 398 
SER C   O    doub N N 399 
SER C   OXT  sing N N 400 
SER CB  OG   sing N N 401 
SER CB  HB2  sing N N 402 
SER CB  HB3  sing N N 403 
SER OG  HG   sing N N 404 
SER OXT HXT  sing N N 405 
THR N   CA   sing N N 406 
THR N   H    sing N N 407 
THR N   H2   sing N N 408 
THR CA  C    sing N N 409 
THR CA  CB   sing N N 410 
THR CA  HA   sing N N 411 
THR C   O    doub N N 412 
THR C   OXT  sing N N 413 
THR CB  OG1  sing N N 414 
THR CB  CG2  sing N N 415 
THR CB  HB   sing N N 416 
THR OG1 HG1  sing N N 417 
THR CG2 HG21 sing N N 418 
THR CG2 HG22 sing N N 419 
THR CG2 HG23 sing N N 420 
THR OXT HXT  sing N N 421 
TRP N   CA   sing N N 422 
TRP N   H    sing N N 423 
TRP N   H2   sing N N 424 
TRP CA  C    sing N N 425 
TRP CA  CB   sing N N 426 
TRP CA  HA   sing N N 427 
TRP C   O    doub N N 428 
TRP C   OXT  sing N N 429 
TRP CB  CG   sing N N 430 
TRP CB  HB2  sing N N 431 
TRP CB  HB3  sing N N 432 
TRP CG  CD1  doub Y N 433 
TRP CG  CD2  sing Y N 434 
TRP CD1 NE1  sing Y N 435 
TRP CD1 HD1  sing N N 436 
TRP CD2 CE2  doub Y N 437 
TRP CD2 CE3  sing Y N 438 
TRP NE1 CE2  sing Y N 439 
TRP NE1 HE1  sing N N 440 
TRP CE2 CZ2  sing Y N 441 
TRP CE3 CZ3  doub Y N 442 
TRP CE3 HE3  sing N N 443 
TRP CZ2 CH2  doub Y N 444 
TRP CZ2 HZ2  sing N N 445 
TRP CZ3 CH2  sing Y N 446 
TRP CZ3 HZ3  sing N N 447 
TRP CH2 HH2  sing N N 448 
TRP OXT HXT  sing N N 449 
TYR N   CA   sing N N 450 
TYR N   H    sing N N 451 
TYR N   H2   sing N N 452 
TYR CA  C    sing N N 453 
TYR CA  CB   sing N N 454 
TYR CA  HA   sing N N 455 
TYR C   O    doub N N 456 
TYR C   OXT  sing N N 457 
TYR CB  CG   sing N N 458 
TYR CB  HB2  sing N N 459 
TYR CB  HB3  sing N N 460 
TYR CG  CD1  doub Y N 461 
TYR CG  CD2  sing Y N 462 
TYR CD1 CE1  sing Y N 463 
TYR CD1 HD1  sing N N 464 
TYR CD2 CE2  doub Y N 465 
TYR CD2 HD2  sing N N 466 
TYR CE1 CZ   doub Y N 467 
TYR CE1 HE1  sing N N 468 
TYR CE2 CZ   sing Y N 469 
TYR CE2 HE2  sing N N 470 
TYR CZ  OH   sing N N 471 
TYR OH  HH   sing N N 472 
TYR OXT HXT  sing N N 473 
VAL N   CA   sing N N 474 
VAL N   H    sing N N 475 
VAL N   H2   sing N N 476 
VAL CA  C    sing N N 477 
VAL CA  CB   sing N N 478 
VAL CA  HA   sing N N 479 
VAL C   O    doub N N 480 
VAL C   OXT  sing N N 481 
VAL CB  CG1  sing N N 482 
VAL CB  CG2  sing N N 483 
VAL CB  HB   sing N N 484 
VAL CG1 HG11 sing N N 485 
VAL CG1 HG12 sing N N 486 
VAL CG1 HG13 sing N N 487 
VAL CG2 HG21 sing N N 488 
VAL CG2 HG22 sing N N 489 
VAL CG2 HG23 sing N N 490 
VAL OXT HXT  sing N N 491 
# 
_pdbx_entity_nonpoly.entity_id   3 
_pdbx_entity_nonpoly.name        water 
_pdbx_entity_nonpoly.comp_id     HOH 
# 
_pdbx_initial_refinement_model.id               1 
_pdbx_initial_refinement_model.entity_id_list   ? 
_pdbx_initial_refinement_model.type             'experimental model' 
_pdbx_initial_refinement_model.source_name      PDB 
_pdbx_initial_refinement_model.accession_code   1QNH 
_pdbx_initial_refinement_model.details          'PDB ENTRY 1QNH' 
# 
